data_5LYP
# 
_entry.id   5LYP 
# 
_audit_conform.dict_name       mmcif_pdbx.dic 
_audit_conform.dict_version    5.383 
_audit_conform.dict_location   http://mmcif.pdb.org/dictionaries/ascii/mmcif_pdbx.dic 
# 
loop_
_database_2.database_id 
_database_2.database_code 
_database_2.pdbx_database_accession 
_database_2.pdbx_DOI 
PDB   5LYP         pdb_00005lyp 10.2210/pdb5lyp/pdb 
WWPDB D_1200001574 ?            ?                   
# 
loop_
_pdbx_audit_revision_history.ordinal 
_pdbx_audit_revision_history.data_content_type 
_pdbx_audit_revision_history.major_revision 
_pdbx_audit_revision_history.minor_revision 
_pdbx_audit_revision_history.revision_date 
1 'Structure model' 1 0 2017-10-25 
2 'Structure model' 1 1 2017-11-08 
3 'Structure model' 1 2 2024-01-17 
# 
_pdbx_audit_revision_details.ordinal             1 
_pdbx_audit_revision_details.revision_ordinal    1 
_pdbx_audit_revision_details.data_content_type   'Structure model' 
_pdbx_audit_revision_details.provider            repository 
_pdbx_audit_revision_details.type                'Initial release' 
_pdbx_audit_revision_details.description         ? 
_pdbx_audit_revision_details.details             ? 
# 
loop_
_pdbx_audit_revision_group.ordinal 
_pdbx_audit_revision_group.revision_ordinal 
_pdbx_audit_revision_group.data_content_type 
_pdbx_audit_revision_group.group 
1 2 'Structure model' 'Database references'    
2 3 'Structure model' 'Data collection'        
3 3 'Structure model' 'Database references'    
4 3 'Structure model' 'Refinement description' 
# 
loop_
_pdbx_audit_revision_category.ordinal 
_pdbx_audit_revision_category.revision_ordinal 
_pdbx_audit_revision_category.data_content_type 
_pdbx_audit_revision_category.category 
1 2 'Structure model' citation                      
2 3 'Structure model' chem_comp_atom                
3 3 'Structure model' chem_comp_bond                
4 3 'Structure model' citation                      
5 3 'Structure model' database_2                    
6 3 'Structure model' pdbx_initial_refinement_model 
# 
loop_
_pdbx_audit_revision_item.ordinal 
_pdbx_audit_revision_item.revision_ordinal 
_pdbx_audit_revision_item.data_content_type 
_pdbx_audit_revision_item.item 
1 2 'Structure model' '_citation.journal_id_ISSN'           
2 2 'Structure model' '_citation.journal_volume'            
3 2 'Structure model' '_citation.page_first'                
4 2 'Structure model' '_citation.page_last'                 
5 2 'Structure model' '_citation.pdbx_database_id_PubMed'   
6 3 'Structure model' '_citation.country'                   
7 3 'Structure model' '_database_2.pdbx_DOI'                
8 3 'Structure model' '_database_2.pdbx_database_accession' 
# 
_pdbx_database_status.status_code                     REL 
_pdbx_database_status.status_code_sf                  REL 
_pdbx_database_status.status_code_mr                  ? 
_pdbx_database_status.entry_id                        5LYP 
_pdbx_database_status.recvd_initial_deposition_date   2016-09-28 
_pdbx_database_status.SG_entry                        N 
_pdbx_database_status.deposit_site                    PDBE 
_pdbx_database_status.process_site                    PDBE 
_pdbx_database_status.status_code_cs                  ? 
_pdbx_database_status.methods_development_category    ? 
_pdbx_database_status.pdb_format_compatible           Y 
_pdbx_database_status.status_code_nmr_data            ? 
# 
loop_
_audit_author.name 
_audit_author.pdbx_ordinal 
'Krysztofinska, E.M.'    1 
'Morgan, R.M.L.'         2 
'Thapaliya, A.'          3 
'Evans, N.J.'            4 
'Murray, J.W.'           5 
'Martinez-Lumbreras, S.' 6 
'Isaacson, R.L.'         7 
# 
_citation.abstract                  ? 
_citation.abstract_id_CAS           ? 
_citation.book_id_ISBN              ? 
_citation.book_publisher            ? 
_citation.book_publisher_city       ? 
_citation.book_title                ? 
_citation.coordinate_linkage        ? 
_citation.country                   CH 
_citation.database_id_Medline       ? 
_citation.details                   ? 
_citation.id                        primary 
_citation.journal_abbrev            'Front Mol Biosci' 
_citation.journal_id_ASTM           ? 
_citation.journal_id_CSD            ? 
_citation.journal_id_ISSN           2296-889X 
_citation.journal_full              ? 
_citation.journal_issue             ? 
_citation.journal_volume            4 
_citation.language                  ? 
_citation.page_first                68 
_citation.page_last                 68 
_citation.title                     'Structure and Interactions of the TPR Domain of Sgt2 with Yeast Chaperones and Ybr137wp.' 
_citation.year                      2017 
_citation.database_id_CSD           ? 
_citation.pdbx_database_id_DOI      10.3389/fmolb.2017.00068 
_citation.pdbx_database_id_PubMed   29075633 
_citation.unpublished_flag          ? 
# 
loop_
_citation_author.citation_id 
_citation_author.name 
_citation_author.ordinal 
_citation_author.identifier_ORCID 
primary 'Krysztofinska, E.M.'    1 ? 
primary 'Evans, N.J.'            2 ? 
primary 'Thapaliya, A.'          3 ? 
primary 'Murray, J.W.'           4 ? 
primary 'Morgan, R.M.L.'         5 ? 
primary 'Martinez-Lumbreras, S.' 6 ? 
primary 'Isaacson, R.L.'         7 ? 
# 
loop_
_entity.id 
_entity.type 
_entity.src_method 
_entity.pdbx_description 
_entity.formula_weight 
_entity.pdbx_number_of_molecules 
_entity.pdbx_ec 
_entity.pdbx_mutation 
_entity.pdbx_fragment 
_entity.details 
1 polymer     man 'Small glutamine-rich tetratricopeptide repeat-containing protein 2' 15639.470 1  ? ? ? ? 
2 non-polymer syn 'BORATE ION'                                                         78.840    1  ? ? ? ? 
3 water       nat water                                                                18.015    90 ? ? ? ? 
# 
_entity_name_com.entity_id   1 
_entity_name_com.name        'SGT/UBP,Viral protein U-binding protein' 
# 
_entity_poly.entity_id                      1 
_entity_poly.type                           'polypeptide(L)' 
_entity_poly.nstd_linkage                   no 
_entity_poly.nstd_monomer                   no 
_entity_poly.pdbx_seq_one_letter_code       
;GSMEDDAETKAKAEDLKMQGNKAMANKDYELAINKYTEAIKVLPTNAIYYANRAAAHSSLKEYDQAVKDAESAISIDPSY
FRGYSRLGFAKYAQGKPEEALEAYKKVLDIEGDNATEAMKRDYESAKKKVEQSLNLEKTV
;
_entity_poly.pdbx_seq_one_letter_code_can   
;GSMEDDAETKAKAEDLKMQGNKAMANKDYELAINKYTEAIKVLPTNAIYYANRAAAHSSLKEYDQAVKDAESAISIDPSY
FRGYSRLGFAKYAQGKPEEALEAYKKVLDIEGDNATEAMKRDYESAKKKVEQSLNLEKTV
;
_entity_poly.pdbx_strand_id                 A 
_entity_poly.pdbx_target_identifier         ? 
# 
loop_
_pdbx_entity_nonpoly.entity_id 
_pdbx_entity_nonpoly.name 
_pdbx_entity_nonpoly.comp_id 
2 'BORATE ION' BO4 
3 water        HOH 
# 
loop_
_entity_poly_seq.entity_id 
_entity_poly_seq.num 
_entity_poly_seq.mon_id 
_entity_poly_seq.hetero 
1 1   GLY n 
1 2   SER n 
1 3   MET n 
1 4   GLU n 
1 5   ASP n 
1 6   ASP n 
1 7   ALA n 
1 8   GLU n 
1 9   THR n 
1 10  LYS n 
1 11  ALA n 
1 12  LYS n 
1 13  ALA n 
1 14  GLU n 
1 15  ASP n 
1 16  LEU n 
1 17  LYS n 
1 18  MET n 
1 19  GLN n 
1 20  GLY n 
1 21  ASN n 
1 22  LYS n 
1 23  ALA n 
1 24  MET n 
1 25  ALA n 
1 26  ASN n 
1 27  LYS n 
1 28  ASP n 
1 29  TYR n 
1 30  GLU n 
1 31  LEU n 
1 32  ALA n 
1 33  ILE n 
1 34  ASN n 
1 35  LYS n 
1 36  TYR n 
1 37  THR n 
1 38  GLU n 
1 39  ALA n 
1 40  ILE n 
1 41  LYS n 
1 42  VAL n 
1 43  LEU n 
1 44  PRO n 
1 45  THR n 
1 46  ASN n 
1 47  ALA n 
1 48  ILE n 
1 49  TYR n 
1 50  TYR n 
1 51  ALA n 
1 52  ASN n 
1 53  ARG n 
1 54  ALA n 
1 55  ALA n 
1 56  ALA n 
1 57  HIS n 
1 58  SER n 
1 59  SER n 
1 60  LEU n 
1 61  LYS n 
1 62  GLU n 
1 63  TYR n 
1 64  ASP n 
1 65  GLN n 
1 66  ALA n 
1 67  VAL n 
1 68  LYS n 
1 69  ASP n 
1 70  ALA n 
1 71  GLU n 
1 72  SER n 
1 73  ALA n 
1 74  ILE n 
1 75  SER n 
1 76  ILE n 
1 77  ASP n 
1 78  PRO n 
1 79  SER n 
1 80  TYR n 
1 81  PHE n 
1 82  ARG n 
1 83  GLY n 
1 84  TYR n 
1 85  SER n 
1 86  ARG n 
1 87  LEU n 
1 88  GLY n 
1 89  PHE n 
1 90  ALA n 
1 91  LYS n 
1 92  TYR n 
1 93  ALA n 
1 94  GLN n 
1 95  GLY n 
1 96  LYS n 
1 97  PRO n 
1 98  GLU n 
1 99  GLU n 
1 100 ALA n 
1 101 LEU n 
1 102 GLU n 
1 103 ALA n 
1 104 TYR n 
1 105 LYS n 
1 106 LYS n 
1 107 VAL n 
1 108 LEU n 
1 109 ASP n 
1 110 ILE n 
1 111 GLU n 
1 112 GLY n 
1 113 ASP n 
1 114 ASN n 
1 115 ALA n 
1 116 THR n 
1 117 GLU n 
1 118 ALA n 
1 119 MET n 
1 120 LYS n 
1 121 ARG n 
1 122 ASP n 
1 123 TYR n 
1 124 GLU n 
1 125 SER n 
1 126 ALA n 
1 127 LYS n 
1 128 LYS n 
1 129 LYS n 
1 130 VAL n 
1 131 GLU n 
1 132 GLN n 
1 133 SER n 
1 134 LEU n 
1 135 ASN n 
1 136 LEU n 
1 137 GLU n 
1 138 LYS n 
1 139 THR n 
1 140 VAL n 
# 
_entity_src_gen.entity_id                          1 
_entity_src_gen.pdbx_src_id                        1 
_entity_src_gen.pdbx_alt_source_flag               sample 
_entity_src_gen.pdbx_seq_type                      'Biological sequence' 
_entity_src_gen.pdbx_beg_seq_num                   1 
_entity_src_gen.pdbx_end_seq_num                   140 
_entity_src_gen.gene_src_common_name               
;Baker's yeast
;
_entity_src_gen.gene_src_genus                     ? 
_entity_src_gen.pdbx_gene_src_gene                 'SGT2, YOR007C, UNF346' 
_entity_src_gen.gene_src_species                   ? 
_entity_src_gen.gene_src_strain                    ? 
_entity_src_gen.gene_src_tissue                    ? 
_entity_src_gen.gene_src_tissue_fraction           ? 
_entity_src_gen.gene_src_details                   ? 
_entity_src_gen.pdbx_gene_src_fragment             ? 
_entity_src_gen.pdbx_gene_src_scientific_name      'Saccharomyces cerevisiae' 
_entity_src_gen.pdbx_gene_src_ncbi_taxonomy_id     4932 
_entity_src_gen.pdbx_gene_src_variant              ? 
_entity_src_gen.pdbx_gene_src_cell_line            ? 
_entity_src_gen.pdbx_gene_src_atcc                 ? 
_entity_src_gen.pdbx_gene_src_organ                ? 
_entity_src_gen.pdbx_gene_src_organelle            ? 
_entity_src_gen.pdbx_gene_src_cell                 ? 
_entity_src_gen.pdbx_gene_src_cellular_location    ? 
_entity_src_gen.host_org_common_name               ? 
_entity_src_gen.pdbx_host_org_scientific_name      'Escherichia coli' 
_entity_src_gen.pdbx_host_org_ncbi_taxonomy_id     562 
_entity_src_gen.host_org_genus                     ? 
_entity_src_gen.pdbx_host_org_gene                 ? 
_entity_src_gen.pdbx_host_org_organ                ? 
_entity_src_gen.host_org_species                   ? 
_entity_src_gen.pdbx_host_org_tissue               ? 
_entity_src_gen.pdbx_host_org_tissue_fraction      ? 
_entity_src_gen.pdbx_host_org_strain               ? 
_entity_src_gen.pdbx_host_org_variant              ? 
_entity_src_gen.pdbx_host_org_cell_line            ? 
_entity_src_gen.pdbx_host_org_atcc                 ? 
_entity_src_gen.pdbx_host_org_culture_collection   ? 
_entity_src_gen.pdbx_host_org_cell                 ? 
_entity_src_gen.pdbx_host_org_organelle            ? 
_entity_src_gen.pdbx_host_org_cellular_location    ? 
_entity_src_gen.pdbx_host_org_vector_type          Plasmid 
_entity_src_gen.pdbx_host_org_vector               pET28 
_entity_src_gen.host_org_details                   ? 
_entity_src_gen.expression_system_id               ? 
_entity_src_gen.plasmid_name                       ? 
_entity_src_gen.plasmid_details                    ? 
_entity_src_gen.pdbx_description                   ? 
# 
loop_
_chem_comp.id 
_chem_comp.type 
_chem_comp.mon_nstd_flag 
_chem_comp.name 
_chem_comp.pdbx_synonyms 
_chem_comp.formula 
_chem_comp.formula_weight 
ALA 'L-peptide linking' y ALANINE         ? 'C3 H7 N O2'     89.093  
ARG 'L-peptide linking' y ARGININE        ? 'C6 H15 N4 O2 1' 175.209 
ASN 'L-peptide linking' y ASPARAGINE      ? 'C4 H8 N2 O3'    132.118 
ASP 'L-peptide linking' y 'ASPARTIC ACID' ? 'C4 H7 N O4'     133.103 
BO4 non-polymer         . 'BORATE ION'    ? 'B H4 O4 -1'     78.840  
GLN 'L-peptide linking' y GLUTAMINE       ? 'C5 H10 N2 O3'   146.144 
GLU 'L-peptide linking' y 'GLUTAMIC ACID' ? 'C5 H9 N O4'     147.129 
GLY 'peptide linking'   y GLYCINE         ? 'C2 H5 N O2'     75.067  
HIS 'L-peptide linking' y HISTIDINE       ? 'C6 H10 N3 O2 1' 156.162 
HOH non-polymer         . WATER           ? 'H2 O'           18.015  
ILE 'L-peptide linking' y ISOLEUCINE      ? 'C6 H13 N O2'    131.173 
LEU 'L-peptide linking' y LEUCINE         ? 'C6 H13 N O2'    131.173 
LYS 'L-peptide linking' y LYSINE          ? 'C6 H15 N2 O2 1' 147.195 
MET 'L-peptide linking' y METHIONINE      ? 'C5 H11 N O2 S'  149.211 
PHE 'L-peptide linking' y PHENYLALANINE   ? 'C9 H11 N O2'    165.189 
PRO 'L-peptide linking' y PROLINE         ? 'C5 H9 N O2'     115.130 
SER 'L-peptide linking' y SERINE          ? 'C3 H7 N O3'     105.093 
THR 'L-peptide linking' y THREONINE       ? 'C4 H9 N O3'     119.119 
TYR 'L-peptide linking' y TYROSINE        ? 'C9 H11 N O3'    181.189 
VAL 'L-peptide linking' y VALINE          ? 'C5 H11 N O2'    117.146 
# 
loop_
_pdbx_poly_seq_scheme.asym_id 
_pdbx_poly_seq_scheme.entity_id 
_pdbx_poly_seq_scheme.seq_id 
_pdbx_poly_seq_scheme.mon_id 
_pdbx_poly_seq_scheme.ndb_seq_num 
_pdbx_poly_seq_scheme.pdb_seq_num 
_pdbx_poly_seq_scheme.auth_seq_num 
_pdbx_poly_seq_scheme.pdb_mon_id 
_pdbx_poly_seq_scheme.auth_mon_id 
_pdbx_poly_seq_scheme.pdb_strand_id 
_pdbx_poly_seq_scheme.pdb_ins_code 
_pdbx_poly_seq_scheme.hetero 
A 1 1   GLY 1   90  ?   ?   ?   A . n 
A 1 2   SER 2   91  ?   ?   ?   A . n 
A 1 3   MET 3   92  92  MET MET A . n 
A 1 4   GLU 4   93  93  GLU GLU A . n 
A 1 5   ASP 5   94  94  ASP ASP A . n 
A 1 6   ASP 6   95  95  ASP ASP A . n 
A 1 7   ALA 7   96  96  ALA ALA A . n 
A 1 8   GLU 8   97  97  GLU GLU A . n 
A 1 9   THR 9   98  98  THR THR A . n 
A 1 10  LYS 10  99  99  LYS LYS A . n 
A 1 11  ALA 11  100 100 ALA ALA A . n 
A 1 12  LYS 12  101 101 LYS LYS A . n 
A 1 13  ALA 13  102 102 ALA ALA A . n 
A 1 14  GLU 14  103 103 GLU GLU A . n 
A 1 15  ASP 15  104 104 ASP ASP A . n 
A 1 16  LEU 16  105 105 LEU LEU A . n 
A 1 17  LYS 17  106 106 LYS LYS A . n 
A 1 18  MET 18  107 107 MET MET A . n 
A 1 19  GLN 19  108 108 GLN GLN A . n 
A 1 20  GLY 20  109 109 GLY GLY A . n 
A 1 21  ASN 21  110 110 ASN ASN A . n 
A 1 22  LYS 22  111 111 LYS LYS A . n 
A 1 23  ALA 23  112 112 ALA ALA A . n 
A 1 24  MET 24  113 113 MET MET A . n 
A 1 25  ALA 25  114 114 ALA ALA A . n 
A 1 26  ASN 26  115 115 ASN ASN A . n 
A 1 27  LYS 27  116 116 LYS LYS A . n 
A 1 28  ASP 28  117 117 ASP ASP A . n 
A 1 29  TYR 29  118 118 TYR TYR A . n 
A 1 30  GLU 30  119 119 GLU GLU A . n 
A 1 31  LEU 31  120 120 LEU LEU A . n 
A 1 32  ALA 32  121 121 ALA ALA A . n 
A 1 33  ILE 33  122 122 ILE ILE A . n 
A 1 34  ASN 34  123 123 ASN ASN A . n 
A 1 35  LYS 35  124 124 LYS LYS A . n 
A 1 36  TYR 36  125 125 TYR TYR A . n 
A 1 37  THR 37  126 126 THR THR A . n 
A 1 38  GLU 38  127 127 GLU GLU A . n 
A 1 39  ALA 39  128 128 ALA ALA A . n 
A 1 40  ILE 40  129 129 ILE ILE A . n 
A 1 41  LYS 41  130 130 LYS LYS A . n 
A 1 42  VAL 42  131 131 VAL VAL A . n 
A 1 43  LEU 43  132 132 LEU LEU A . n 
A 1 44  PRO 44  133 133 PRO PRO A . n 
A 1 45  THR 45  134 134 THR THR A . n 
A 1 46  ASN 46  135 135 ASN ASN A . n 
A 1 47  ALA 47  136 136 ALA ALA A . n 
A 1 48  ILE 48  137 137 ILE ILE A . n 
A 1 49  TYR 49  138 138 TYR TYR A . n 
A 1 50  TYR 50  139 139 TYR TYR A . n 
A 1 51  ALA 51  140 140 ALA ALA A . n 
A 1 52  ASN 52  141 141 ASN ASN A . n 
A 1 53  ARG 53  142 142 ARG ARG A . n 
A 1 54  ALA 54  143 143 ALA ALA A . n 
A 1 55  ALA 55  144 144 ALA ALA A . n 
A 1 56  ALA 56  145 145 ALA ALA A . n 
A 1 57  HIS 57  146 146 HIS HIS A . n 
A 1 58  SER 58  147 147 SER SER A . n 
A 1 59  SER 59  148 148 SER SER A . n 
A 1 60  LEU 60  149 149 LEU LEU A . n 
A 1 61  LYS 61  150 150 LYS LYS A . n 
A 1 62  GLU 62  151 151 GLU GLU A . n 
A 1 63  TYR 63  152 152 TYR TYR A . n 
A 1 64  ASP 64  153 153 ASP ASP A . n 
A 1 65  GLN 65  154 154 GLN GLN A . n 
A 1 66  ALA 66  155 155 ALA ALA A . n 
A 1 67  VAL 67  156 156 VAL VAL A . n 
A 1 68  LYS 68  157 157 LYS LYS A . n 
A 1 69  ASP 69  158 158 ASP ASP A . n 
A 1 70  ALA 70  159 159 ALA ALA A . n 
A 1 71  GLU 71  160 160 GLU GLU A . n 
A 1 72  SER 72  161 161 SER SER A . n 
A 1 73  ALA 73  162 162 ALA ALA A . n 
A 1 74  ILE 74  163 163 ILE ILE A . n 
A 1 75  SER 75  164 164 SER SER A . n 
A 1 76  ILE 76  165 165 ILE ILE A . n 
A 1 77  ASP 77  166 166 ASP ASP A . n 
A 1 78  PRO 78  167 167 PRO PRO A . n 
A 1 79  SER 79  168 168 SER SER A . n 
A 1 80  TYR 80  169 169 TYR TYR A . n 
A 1 81  PHE 81  170 170 PHE PHE A . n 
A 1 82  ARG 82  171 171 ARG ARG A . n 
A 1 83  GLY 83  172 172 GLY GLY A . n 
A 1 84  TYR 84  173 173 TYR TYR A . n 
A 1 85  SER 85  174 174 SER SER A . n 
A 1 86  ARG 86  175 175 ARG ARG A . n 
A 1 87  LEU 87  176 176 LEU LEU A . n 
A 1 88  GLY 88  177 177 GLY GLY A . n 
A 1 89  PHE 89  178 178 PHE PHE A . n 
A 1 90  ALA 90  179 179 ALA ALA A . n 
A 1 91  LYS 91  180 180 LYS LYS A . n 
A 1 92  TYR 92  181 181 TYR TYR A . n 
A 1 93  ALA 93  182 182 ALA ALA A . n 
A 1 94  GLN 94  183 183 GLN GLN A . n 
A 1 95  GLY 95  184 184 GLY GLY A . n 
A 1 96  LYS 96  185 185 LYS LYS A . n 
A 1 97  PRO 97  186 186 PRO PRO A . n 
A 1 98  GLU 98  187 187 GLU GLU A . n 
A 1 99  GLU 99  188 188 GLU GLU A . n 
A 1 100 ALA 100 189 189 ALA ALA A . n 
A 1 101 LEU 101 190 190 LEU LEU A . n 
A 1 102 GLU 102 191 191 GLU GLU A . n 
A 1 103 ALA 103 192 192 ALA ALA A . n 
A 1 104 TYR 104 193 193 TYR TYR A . n 
A 1 105 LYS 105 194 194 LYS LYS A . n 
A 1 106 LYS 106 195 195 LYS LYS A . n 
A 1 107 VAL 107 196 196 VAL VAL A . n 
A 1 108 LEU 108 197 197 LEU LEU A . n 
A 1 109 ASP 109 198 198 ASP ASP A . n 
A 1 110 ILE 110 199 199 ILE ILE A . n 
A 1 111 GLU 111 200 200 GLU GLU A . n 
A 1 112 GLY 112 201 201 GLY GLY A . n 
A 1 113 ASP 113 202 202 ASP ASP A . n 
A 1 114 ASN 114 203 203 ASN ASN A . n 
A 1 115 ALA 115 204 204 ALA ALA A . n 
A 1 116 THR 116 205 205 THR THR A . n 
A 1 117 GLU 117 206 206 GLU GLU A . n 
A 1 118 ALA 118 207 207 ALA ALA A . n 
A 1 119 MET 119 208 208 MET MET A . n 
A 1 120 LYS 120 209 209 LYS LYS A . n 
A 1 121 ARG 121 210 210 ARG ARG A . n 
A 1 122 ASP 122 211 211 ASP ASP A . n 
A 1 123 TYR 123 212 212 TYR TYR A . n 
A 1 124 GLU 124 213 213 GLU GLU A . n 
A 1 125 SER 125 214 214 SER SER A . n 
A 1 126 ALA 126 215 215 ALA ALA A . n 
A 1 127 LYS 127 216 216 LYS LYS A . n 
A 1 128 LYS 128 217 217 LYS LYS A . n 
A 1 129 LYS 129 218 218 LYS LYS A . n 
A 1 130 VAL 130 219 219 VAL VAL A . n 
A 1 131 GLU 131 220 220 GLU GLU A . n 
A 1 132 GLN 132 221 221 GLN GLN A . n 
A 1 133 SER 133 222 222 SER SER A . n 
A 1 134 LEU 134 223 223 LEU LEU A . n 
A 1 135 ASN 135 224 224 ASN ASN A . n 
A 1 136 LEU 136 225 225 LEU LEU A . n 
A 1 137 GLU 137 226 226 GLU GLU A . n 
A 1 138 LYS 138 227 227 LYS LYS A . n 
A 1 139 THR 139 228 228 THR THR A . n 
A 1 140 VAL 140 229 ?   ?   ?   A . n 
# 
loop_
_pdbx_nonpoly_scheme.asym_id 
_pdbx_nonpoly_scheme.entity_id 
_pdbx_nonpoly_scheme.mon_id 
_pdbx_nonpoly_scheme.ndb_seq_num 
_pdbx_nonpoly_scheme.pdb_seq_num 
_pdbx_nonpoly_scheme.auth_seq_num 
_pdbx_nonpoly_scheme.pdb_mon_id 
_pdbx_nonpoly_scheme.auth_mon_id 
_pdbx_nonpoly_scheme.pdb_strand_id 
_pdbx_nonpoly_scheme.pdb_ins_code 
B 2 BO4 1  301 1  BO4 BO4 A . 
C 3 HOH 1  401 87 HOH HOH A . 
C 3 HOH 2  402 66 HOH HOH A . 
C 3 HOH 3  403 85 HOH HOH A . 
C 3 HOH 4  404 36 HOH HOH A . 
C 3 HOH 5  405 35 HOH HOH A . 
C 3 HOH 6  406 86 HOH HOH A . 
C 3 HOH 7  407 74 HOH HOH A . 
C 3 HOH 8  408 7  HOH HOH A . 
C 3 HOH 9  409 45 HOH HOH A . 
C 3 HOH 10 410 1  HOH HOH A . 
C 3 HOH 11 411 82 HOH HOH A . 
C 3 HOH 12 412 28 HOH HOH A . 
C 3 HOH 13 413 39 HOH HOH A . 
C 3 HOH 14 414 38 HOH HOH A . 
C 3 HOH 15 415 41 HOH HOH A . 
C 3 HOH 16 416 12 HOH HOH A . 
C 3 HOH 17 417 78 HOH HOH A . 
C 3 HOH 18 418 29 HOH HOH A . 
C 3 HOH 19 419 25 HOH HOH A . 
C 3 HOH 20 420 22 HOH HOH A . 
C 3 HOH 21 421 64 HOH HOH A . 
C 3 HOH 22 422 32 HOH HOH A . 
C 3 HOH 23 423 46 HOH HOH A . 
C 3 HOH 24 424 4  HOH HOH A . 
C 3 HOH 25 425 60 HOH HOH A . 
C 3 HOH 26 426 15 HOH HOH A . 
C 3 HOH 27 427 80 HOH HOH A . 
C 3 HOH 28 428 11 HOH HOH A . 
C 3 HOH 29 429 75 HOH HOH A . 
C 3 HOH 30 430 24 HOH HOH A . 
C 3 HOH 31 431 90 HOH HOH A . 
C 3 HOH 32 432 56 HOH HOH A . 
C 3 HOH 33 433 10 HOH HOH A . 
C 3 HOH 34 434 65 HOH HOH A . 
C 3 HOH 35 435 88 HOH HOH A . 
C 3 HOH 36 436 55 HOH HOH A . 
C 3 HOH 37 437 5  HOH HOH A . 
C 3 HOH 38 438 2  HOH HOH A . 
C 3 HOH 39 439 63 HOH HOH A . 
C 3 HOH 40 440 42 HOH HOH A . 
C 3 HOH 41 441 26 HOH HOH A . 
C 3 HOH 42 442 53 HOH HOH A . 
C 3 HOH 43 443 14 HOH HOH A . 
C 3 HOH 44 444 77 HOH HOH A . 
C 3 HOH 45 445 13 HOH HOH A . 
C 3 HOH 46 446 84 HOH HOH A . 
C 3 HOH 47 447 50 HOH HOH A . 
C 3 HOH 48 448 21 HOH HOH A . 
C 3 HOH 49 449 27 HOH HOH A . 
C 3 HOH 50 450 48 HOH HOH A . 
C 3 HOH 51 451 57 HOH HOH A . 
C 3 HOH 52 452 16 HOH HOH A . 
C 3 HOH 53 453 6  HOH HOH A . 
C 3 HOH 54 454 79 HOH HOH A . 
C 3 HOH 55 455 8  HOH HOH A . 
C 3 HOH 56 456 58 HOH HOH A . 
C 3 HOH 57 457 23 HOH HOH A . 
C 3 HOH 58 458 30 HOH HOH A . 
C 3 HOH 59 459 83 HOH HOH A . 
C 3 HOH 60 460 19 HOH HOH A . 
C 3 HOH 61 461 3  HOH HOH A . 
C 3 HOH 62 462 73 HOH HOH A . 
C 3 HOH 63 463 54 HOH HOH A . 
C 3 HOH 64 464 51 HOH HOH A . 
C 3 HOH 65 465 59 HOH HOH A . 
C 3 HOH 66 466 44 HOH HOH A . 
C 3 HOH 67 467 40 HOH HOH A . 
C 3 HOH 68 468 52 HOH HOH A . 
C 3 HOH 69 469 33 HOH HOH A . 
C 3 HOH 70 470 89 HOH HOH A . 
C 3 HOH 71 471 34 HOH HOH A . 
C 3 HOH 72 472 31 HOH HOH A . 
C 3 HOH 73 473 9  HOH HOH A . 
C 3 HOH 74 474 17 HOH HOH A . 
C 3 HOH 75 475 67 HOH HOH A . 
C 3 HOH 76 476 61 HOH HOH A . 
C 3 HOH 77 477 76 HOH HOH A . 
C 3 HOH 78 478 72 HOH HOH A . 
C 3 HOH 79 479 62 HOH HOH A . 
C 3 HOH 80 480 20 HOH HOH A . 
C 3 HOH 81 481 37 HOH HOH A . 
C 3 HOH 82 482 49 HOH HOH A . 
C 3 HOH 83 483 43 HOH HOH A . 
C 3 HOH 84 484 68 HOH HOH A . 
C 3 HOH 85 485 81 HOH HOH A . 
C 3 HOH 86 486 18 HOH HOH A . 
C 3 HOH 87 487 70 HOH HOH A . 
C 3 HOH 88 488 69 HOH HOH A . 
C 3 HOH 89 489 71 HOH HOH A . 
C 3 HOH 90 490 47 HOH HOH A . 
# 
loop_
_pdbx_unobs_or_zero_occ_atoms.id 
_pdbx_unobs_or_zero_occ_atoms.PDB_model_num 
_pdbx_unobs_or_zero_occ_atoms.polymer_flag 
_pdbx_unobs_or_zero_occ_atoms.occupancy_flag 
_pdbx_unobs_or_zero_occ_atoms.auth_asym_id 
_pdbx_unobs_or_zero_occ_atoms.auth_comp_id 
_pdbx_unobs_or_zero_occ_atoms.auth_seq_id 
_pdbx_unobs_or_zero_occ_atoms.PDB_ins_code 
_pdbx_unobs_or_zero_occ_atoms.auth_atom_id 
_pdbx_unobs_or_zero_occ_atoms.label_alt_id 
_pdbx_unobs_or_zero_occ_atoms.label_asym_id 
_pdbx_unobs_or_zero_occ_atoms.label_comp_id 
_pdbx_unobs_or_zero_occ_atoms.label_seq_id 
_pdbx_unobs_or_zero_occ_atoms.label_atom_id 
1  1 Y 1 A MET 92  ? CG  ? A MET 3   CG  
2  1 Y 1 A MET 92  ? SD  ? A MET 3   SD  
3  1 Y 1 A MET 92  ? CE  ? A MET 3   CE  
4  1 Y 1 A GLU 93  ? CG  ? A GLU 4   CG  
5  1 Y 1 A GLU 93  ? CD  ? A GLU 4   CD  
6  1 Y 1 A GLU 93  ? OE1 ? A GLU 4   OE1 
7  1 Y 1 A GLU 93  ? OE2 ? A GLU 4   OE2 
8  1 Y 1 A ASP 94  ? CG  ? A ASP 5   CG  
9  1 Y 1 A ASP 94  ? OD1 ? A ASP 5   OD1 
10 1 Y 1 A ASP 94  ? OD2 ? A ASP 5   OD2 
11 1 Y 1 A LYS 99  ? CG  ? A LYS 10  CG  
12 1 Y 1 A LYS 99  ? CD  ? A LYS 10  CD  
13 1 Y 1 A LYS 99  ? CE  ? A LYS 10  CE  
14 1 Y 1 A LYS 99  ? NZ  ? A LYS 10  NZ  
15 1 Y 1 A ASN 203 ? CG  ? A ASN 114 CG  
16 1 Y 1 A ASN 203 ? OD1 ? A ASN 114 OD1 
17 1 Y 1 A ASN 203 ? ND2 ? A ASN 114 ND2 
# 
loop_
_software.citation_id 
_software.classification 
_software.compiler_name 
_software.compiler_version 
_software.contact_author 
_software.contact_author_email 
_software.date 
_software.description 
_software.dependencies 
_software.hardware 
_software.language 
_software.location 
_software.mods 
_software.name 
_software.os 
_software.os_version 
_software.type 
_software.version 
_software.pdbx_ordinal 
? 'data scaling'    ? ? ? ? ? ? ? ? ? ? ? Aimless     ? ? ? 0.5.21      1 
? refinement        ? ? ? ? ? ? ? ? ? ? ? PHENIX      ? ? ? 1.10.1_2155 2 
? 'data extraction' ? ? ? ? ? ? ? ? ? ? ? PDB_EXTRACT ? ? ? 3.20        3 
? 'data reduction'  ? ? ? ? ? ? ? ? ? ? ? xia2        ? ? ? .           4 
? phasing           ? ? ? ? ? ? ? ? ? ? ? PHASER      ? ? ? .           5 
# 
_cell.angle_alpha                  90.000 
_cell.angle_alpha_esd              ? 
_cell.angle_beta                   90.000 
_cell.angle_beta_esd               ? 
_cell.angle_gamma                  90.000 
_cell.angle_gamma_esd              ? 
_cell.entry_id                     5LYP 
_cell.details                      ? 
_cell.formula_units_Z              ? 
_cell.length_a                     36.861 
_cell.length_a_esd                 ? 
_cell.length_b                     50.760 
_cell.length_b_esd                 ? 
_cell.length_c                     67.116 
_cell.length_c_esd                 ? 
_cell.volume                       ? 
_cell.volume_esd                   ? 
_cell.Z_PDB                        4 
_cell.reciprocal_angle_alpha       ? 
_cell.reciprocal_angle_beta        ? 
_cell.reciprocal_angle_gamma       ? 
_cell.reciprocal_angle_alpha_esd   ? 
_cell.reciprocal_angle_beta_esd    ? 
_cell.reciprocal_angle_gamma_esd   ? 
_cell.reciprocal_length_a          ? 
_cell.reciprocal_length_b          ? 
_cell.reciprocal_length_c          ? 
_cell.reciprocal_length_a_esd      ? 
_cell.reciprocal_length_b_esd      ? 
_cell.reciprocal_length_c_esd      ? 
_cell.pdbx_unique_axis             ? 
# 
_symmetry.entry_id                         5LYP 
_symmetry.cell_setting                     ? 
_symmetry.Int_Tables_number                19 
_symmetry.space_group_name_Hall            ? 
_symmetry.space_group_name_H-M             'P 21 21 21' 
_symmetry.pdbx_full_space_group_name_H-M   ? 
# 
_exptl.absorpt_coefficient_mu     ? 
_exptl.absorpt_correction_T_max   ? 
_exptl.absorpt_correction_T_min   ? 
_exptl.absorpt_correction_type    ? 
_exptl.absorpt_process_details    ? 
_exptl.entry_id                   5LYP 
_exptl.crystals_number            1 
_exptl.details                    ? 
_exptl.method                     'X-RAY DIFFRACTION' 
_exptl.method_details             ? 
# 
_exptl_crystal.colour                      ? 
_exptl_crystal.density_diffrn              ? 
_exptl_crystal.density_Matthews            2.04 
_exptl_crystal.density_method              ? 
_exptl_crystal.density_percent_sol         39.68 
_exptl_crystal.description                 ? 
_exptl_crystal.F_000                       ? 
_exptl_crystal.id                          1 
_exptl_crystal.preparation                 ? 
_exptl_crystal.size_max                    ? 
_exptl_crystal.size_mid                    ? 
_exptl_crystal.size_min                    ? 
_exptl_crystal.size_rad                    ? 
_exptl_crystal.colour_lustre               ? 
_exptl_crystal.colour_modifier             ? 
_exptl_crystal.colour_primary              ? 
_exptl_crystal.density_meas                ? 
_exptl_crystal.density_meas_esd            ? 
_exptl_crystal.density_meas_gt             ? 
_exptl_crystal.density_meas_lt             ? 
_exptl_crystal.density_meas_temp           ? 
_exptl_crystal.density_meas_temp_esd       ? 
_exptl_crystal.density_meas_temp_gt        ? 
_exptl_crystal.density_meas_temp_lt        ? 
_exptl_crystal.pdbx_crystal_image_url      ? 
_exptl_crystal.pdbx_crystal_image_format   ? 
_exptl_crystal.pdbx_mosaicity              ? 
_exptl_crystal.pdbx_mosaicity_esd          ? 
# 
_exptl_crystal_grow.apparatus       ? 
_exptl_crystal_grow.atmosphere      ? 
_exptl_crystal_grow.crystal_id      1 
_exptl_crystal_grow.details         ? 
_exptl_crystal_grow.method          'BATCH MODE' 
_exptl_crystal_grow.method_ref      ? 
_exptl_crystal_grow.pH              6.0 
_exptl_crystal_grow.pressure        ? 
_exptl_crystal_grow.pressure_esd    ? 
_exptl_crystal_grow.seeding         ? 
_exptl_crystal_grow.seeding_ref     ? 
_exptl_crystal_grow.temp            293.15 
_exptl_crystal_grow.temp_details    ? 
_exptl_crystal_grow.temp_esd        ? 
_exptl_crystal_grow.time            ? 
_exptl_crystal_grow.pdbx_details    '0.1 M SPG, pH 6.0, 25 % w/v PEG 1500' 
_exptl_crystal_grow.pdbx_pH_range   ? 
# 
_diffrn.ambient_environment    ? 
_diffrn.ambient_temp           298.15 
_diffrn.ambient_temp_details   ? 
_diffrn.ambient_temp_esd       ? 
_diffrn.crystal_id             1 
_diffrn.crystal_support        ? 
_diffrn.crystal_treatment      ? 
_diffrn.details                ? 
_diffrn.id                     1 
_diffrn.ambient_pressure       ? 
_diffrn.ambient_pressure_esd   ? 
_diffrn.ambient_pressure_gt    ? 
_diffrn.ambient_pressure_lt    ? 
_diffrn.ambient_temp_gt        ? 
_diffrn.ambient_temp_lt        ? 
# 
_diffrn_detector.details                      ? 
_diffrn_detector.detector                     PIXEL 
_diffrn_detector.diffrn_id                    1 
_diffrn_detector.type                         'DECTRIS PILATUS 6M-F' 
_diffrn_detector.area_resol_mean              ? 
_diffrn_detector.dtime                        ? 
_diffrn_detector.pdbx_frames_total            ? 
_diffrn_detector.pdbx_collection_time_total   ? 
_diffrn_detector.pdbx_collection_date         2016-03-03 
# 
_diffrn_radiation.collimation                      ? 
_diffrn_radiation.diffrn_id                        1 
_diffrn_radiation.filter_edge                      ? 
_diffrn_radiation.inhomogeneity                    ? 
_diffrn_radiation.monochromator                    ? 
_diffrn_radiation.polarisn_norm                    ? 
_diffrn_radiation.polarisn_ratio                   ? 
_diffrn_radiation.probe                            ? 
_diffrn_radiation.type                             ? 
_diffrn_radiation.xray_symbol                      ? 
_diffrn_radiation.wavelength_id                    1 
_diffrn_radiation.pdbx_monochromatic_or_laue_m_l   M 
_diffrn_radiation.pdbx_wavelength_list             ? 
_diffrn_radiation.pdbx_wavelength                  ? 
_diffrn_radiation.pdbx_diffrn_protocol             'SINGLE WAVELENGTH' 
_diffrn_radiation.pdbx_analyzer                    ? 
_diffrn_radiation.pdbx_scattering_type             x-ray 
# 
_diffrn_radiation_wavelength.id           1 
_diffrn_radiation_wavelength.wavelength   0.920 
_diffrn_radiation_wavelength.wt           1.0 
# 
_diffrn_source.current                     ? 
_diffrn_source.details                     ? 
_diffrn_source.diffrn_id                   1 
_diffrn_source.power                       ? 
_diffrn_source.size                        ? 
_diffrn_source.source                      SYNCHROTRON 
_diffrn_source.target                      ? 
_diffrn_source.type                        'DIAMOND BEAMLINE I04' 
_diffrn_source.voltage                     ? 
_diffrn_source.take-off_angle              ? 
_diffrn_source.pdbx_wavelength_list        0.920 
_diffrn_source.pdbx_wavelength             ? 
_diffrn_source.pdbx_synchrotron_beamline   I04 
_diffrn_source.pdbx_synchrotron_site       Diamond 
# 
_reflns.B_iso_Wilson_estimate            8.980 
_reflns.entry_id                         5LYP 
_reflns.data_reduction_details           ? 
_reflns.data_reduction_method            ? 
_reflns.d_resolution_high                1.550 
_reflns.d_resolution_low                 36.860 
_reflns.details                          ? 
_reflns.limit_h_max                      ? 
_reflns.limit_h_min                      ? 
_reflns.limit_k_max                      ? 
_reflns.limit_k_min                      ? 
_reflns.limit_l_max                      ? 
_reflns.limit_l_min                      ? 
_reflns.number_all                       ? 
_reflns.number_obs                       18957 
_reflns.observed_criterion               ? 
_reflns.observed_criterion_F_max         ? 
_reflns.observed_criterion_F_min         ? 
_reflns.observed_criterion_I_max         ? 
_reflns.observed_criterion_I_min         ? 
_reflns.observed_criterion_sigma_F       ? 
_reflns.observed_criterion_sigma_I       ? 
_reflns.percent_possible_obs             100.000 
_reflns.R_free_details                   ? 
_reflns.Rmerge_F_all                     ? 
_reflns.Rmerge_F_obs                     ? 
_reflns.Friedel_coverage                 ? 
_reflns.number_gt                        ? 
_reflns.threshold_expression             ? 
_reflns.pdbx_redundancy                  12.200 
_reflns.pdbx_Rmerge_I_obs                0.136 
_reflns.pdbx_Rmerge_I_all                ? 
_reflns.pdbx_Rsym_value                  ? 
_reflns.pdbx_netI_over_av_sigmaI         ? 
_reflns.pdbx_netI_over_sigmaI            13.900 
_reflns.pdbx_res_netI_over_av_sigmaI_2   ? 
_reflns.pdbx_res_netI_over_sigmaI_2      ? 
_reflns.pdbx_chi_squared                 ? 
_reflns.pdbx_scaling_rejects             ? 
_reflns.pdbx_d_res_high_opt              ? 
_reflns.pdbx_d_res_low_opt               ? 
_reflns.pdbx_d_res_opt_method            ? 
_reflns.phase_calculation_details        ? 
_reflns.pdbx_Rrim_I_all                  ? 
_reflns.pdbx_Rpim_I_all                  ? 
_reflns.pdbx_d_opt                       ? 
_reflns.pdbx_number_measured_all         ? 
_reflns.pdbx_diffrn_id                   1 
_reflns.pdbx_ordinal                     1 
_reflns.pdbx_CC_half                     0.996 
_reflns.pdbx_R_split                     ? 
# 
loop_
_reflns_shell.d_res_high 
_reflns_shell.d_res_low 
_reflns_shell.meanI_over_sigI_all 
_reflns_shell.meanI_over_sigI_obs 
_reflns_shell.number_measured_all 
_reflns_shell.number_measured_obs 
_reflns_shell.number_possible 
_reflns_shell.number_unique_all 
_reflns_shell.number_unique_obs 
_reflns_shell.percent_possible_all 
_reflns_shell.percent_possible_obs 
_reflns_shell.Rmerge_F_all 
_reflns_shell.Rmerge_F_obs 
_reflns_shell.Rmerge_I_all 
_reflns_shell.Rmerge_I_obs 
_reflns_shell.meanI_over_sigI_gt 
_reflns_shell.meanI_over_uI_all 
_reflns_shell.meanI_over_uI_gt 
_reflns_shell.number_measured_gt 
_reflns_shell.number_unique_gt 
_reflns_shell.percent_possible_gt 
_reflns_shell.Rmerge_F_gt 
_reflns_shell.Rmerge_I_gt 
_reflns_shell.pdbx_redundancy 
_reflns_shell.pdbx_Rsym_value 
_reflns_shell.pdbx_chi_squared 
_reflns_shell.pdbx_netI_over_sigmaI_all 
_reflns_shell.pdbx_netI_over_sigmaI_obs 
_reflns_shell.pdbx_Rrim_I_all 
_reflns_shell.pdbx_Rpim_I_all 
_reflns_shell.pdbx_rejects 
_reflns_shell.pdbx_ordinal 
_reflns_shell.pdbx_diffrn_id 
_reflns_shell.pdbx_CC_half 
_reflns_shell.pdbx_R_split 
1.550 1.590  ? ? ? ? ? ? ? 100.000 ? ? ? ? 0.562 ? ? ? ? ? ? ? ? 12.400 ? ? ? ? ? ? ? 1 1 0.982 ? 
6.930 36.860 ? ? ? ? ? ? ? 99.500  ? ? ? ? 0.094 ? ? ? ? ? ? ? ? 10.700 ? ? ? ? ? ? ? 2 1 0.990 ? 
# 
_refine.aniso_B[1][1]                            ? 
_refine.aniso_B[1][2]                            ? 
_refine.aniso_B[1][3]                            ? 
_refine.aniso_B[2][2]                            ? 
_refine.aniso_B[2][3]                            ? 
_refine.aniso_B[3][3]                            ? 
_refine.B_iso_max                                41.040 
_refine.B_iso_mean                               11.0197 
_refine.B_iso_min                                3.470 
_refine.correlation_coeff_Fo_to_Fc               ? 
_refine.correlation_coeff_Fo_to_Fc_free          ? 
_refine.details                                  ? 
_refine.diff_density_max                         ? 
_refine.diff_density_max_esd                     ? 
_refine.diff_density_min                         ? 
_refine.diff_density_min_esd                     ? 
_refine.diff_density_rms                         ? 
_refine.diff_density_rms_esd                     ? 
_refine.entry_id                                 5LYP 
_refine.pdbx_refine_id                           'X-RAY DIFFRACTION' 
_refine.ls_abs_structure_details                 ? 
_refine.ls_abs_structure_Flack                   ? 
_refine.ls_abs_structure_Flack_esd               ? 
_refine.ls_abs_structure_Rogers                  ? 
_refine.ls_abs_structure_Rogers_esd              ? 
_refine.ls_d_res_high                            1.5500 
_refine.ls_d_res_low                             33.5580 
_refine.ls_extinction_coef                       ? 
_refine.ls_extinction_coef_esd                   ? 
_refine.ls_extinction_expression                 ? 
_refine.ls_extinction_method                     ? 
_refine.ls_goodness_of_fit_all                   ? 
_refine.ls_goodness_of_fit_all_esd               ? 
_refine.ls_goodness_of_fit_obs                   ? 
_refine.ls_goodness_of_fit_obs_esd               ? 
_refine.ls_hydrogen_treatment                    ? 
_refine.ls_matrix_type                           ? 
_refine.ls_number_constraints                    ? 
_refine.ls_number_parameters                     ? 
_refine.ls_number_reflns_all                     ? 
_refine.ls_number_reflns_obs                     18909 
_refine.ls_number_reflns_R_free                  937 
_refine.ls_number_reflns_R_work                  ? 
_refine.ls_number_restraints                     ? 
_refine.ls_percent_reflns_obs                    99.9900 
_refine.ls_percent_reflns_R_free                 4.9600 
_refine.ls_R_factor_all                          ? 
_refine.ls_R_factor_obs                          0.1948 
_refine.ls_R_factor_R_free                       0.2185 
_refine.ls_R_factor_R_free_error                 ? 
_refine.ls_R_factor_R_free_error_details         ? 
_refine.ls_R_factor_R_work                       0.1936 
_refine.ls_R_Fsqd_factor_obs                     ? 
_refine.ls_R_I_factor_obs                        ? 
_refine.ls_redundancy_reflns_all                 ? 
_refine.ls_redundancy_reflns_obs                 ? 
_refine.ls_restrained_S_all                      ? 
_refine.ls_restrained_S_obs                      ? 
_refine.ls_shift_over_esd_max                    ? 
_refine.ls_shift_over_esd_mean                   ? 
_refine.ls_structure_factor_coef                 ? 
_refine.ls_weighting_details                     ? 
_refine.ls_weighting_scheme                      ? 
_refine.ls_wR_factor_all                         ? 
_refine.ls_wR_factor_obs                         ? 
_refine.ls_wR_factor_R_free                      ? 
_refine.ls_wR_factor_R_work                      ? 
_refine.occupancy_max                            ? 
_refine.occupancy_min                            ? 
_refine.solvent_model_details                    ? 
_refine.solvent_model_param_bsol                 ? 
_refine.solvent_model_param_ksol                 ? 
_refine.ls_R_factor_gt                           ? 
_refine.ls_goodness_of_fit_gt                    ? 
_refine.ls_goodness_of_fit_ref                   ? 
_refine.ls_shift_over_su_max                     ? 
_refine.ls_shift_over_su_max_lt                  ? 
_refine.ls_shift_over_su_mean                    ? 
_refine.ls_shift_over_su_mean_lt                 ? 
_refine.pdbx_ls_sigma_I                          ? 
_refine.pdbx_ls_sigma_F                          1.350 
_refine.pdbx_ls_sigma_Fsqd                       ? 
_refine.pdbx_data_cutoff_high_absF               ? 
_refine.pdbx_data_cutoff_high_rms_absF           ? 
_refine.pdbx_data_cutoff_low_absF                ? 
_refine.pdbx_isotropic_thermal_model             ? 
_refine.pdbx_ls_cross_valid_method               'FREE R-VALUE' 
_refine.pdbx_method_to_determine_struct          'MOLECULAR REPLACEMENT' 
_refine.pdbx_starting_model                      2VYI 
_refine.pdbx_stereochemistry_target_values       ? 
_refine.pdbx_R_Free_selection_details            ? 
_refine.pdbx_stereochem_target_val_spec_case     ? 
_refine.pdbx_overall_ESU_R                       ? 
_refine.pdbx_overall_ESU_R_Free                  ? 
_refine.pdbx_solvent_vdw_probe_radii             1.1100 
_refine.pdbx_solvent_ion_probe_radii             ? 
_refine.pdbx_solvent_shrinkage_radii             0.9000 
_refine.pdbx_real_space_R                        ? 
_refine.pdbx_density_correlation                 ? 
_refine.pdbx_pd_number_of_powder_patterns        ? 
_refine.pdbx_pd_number_of_points                 ? 
_refine.pdbx_pd_meas_number_of_points            ? 
_refine.pdbx_pd_proc_ls_prof_R_factor            ? 
_refine.pdbx_pd_proc_ls_prof_wR_factor           ? 
_refine.pdbx_pd_Marquardt_correlation_coeff      ? 
_refine.pdbx_pd_Fsqrd_R_factor                   ? 
_refine.pdbx_pd_ls_matrix_band_width             ? 
_refine.pdbx_overall_phase_error                 19.2800 
_refine.pdbx_overall_SU_R_free_Cruickshank_DPI   ? 
_refine.pdbx_overall_SU_R_free_Blow_DPI          ? 
_refine.pdbx_overall_SU_R_Blow_DPI               ? 
_refine.pdbx_TLS_residual_ADP_flag               ? 
_refine.pdbx_diffrn_id                           1 
_refine.overall_SU_B                             ? 
_refine.overall_SU_ML                            0.1600 
_refine.overall_SU_R_Cruickshank_DPI             ? 
_refine.overall_SU_R_free                        ? 
_refine.overall_FOM_free_R_set                   ? 
_refine.overall_FOM_work_R_set                   ? 
_refine.pdbx_average_fsc_overall                 ? 
_refine.pdbx_average_fsc_work                    ? 
_refine.pdbx_average_fsc_free                    ? 
# 
_refine_hist.cycle_id                         final 
_refine_hist.pdbx_refine_id                   'X-RAY DIFFRACTION' 
_refine_hist.d_res_high                       1.5500 
_refine_hist.d_res_low                        33.5580 
_refine_hist.pdbx_number_atoms_ligand         9 
_refine_hist.number_atoms_solvent             90 
_refine_hist.number_atoms_total               1161 
_refine_hist.pdbx_number_residues_total       137 
_refine_hist.pdbx_B_iso_mean_ligand           23.20 
_refine_hist.pdbx_B_iso_mean_solvent          15.95 
_refine_hist.pdbx_number_atoms_protein        1062 
_refine_hist.pdbx_number_atoms_nucleic_acid   0 
# 
loop_
_refine_ls_restr.pdbx_refine_id 
_refine_ls_restr.criterion 
_refine_ls_restr.dev_ideal 
_refine_ls_restr.dev_ideal_target 
_refine_ls_restr.number 
_refine_ls_restr.rejects 
_refine_ls_restr.type 
_refine_ls_restr.weight 
_refine_ls_restr.pdbx_restraint_function 
'X-RAY DIFFRACTION' ? 0.005  ? 1081 ? f_bond_d           ? ? 
'X-RAY DIFFRACTION' ? 0.619  ? 1453 ? f_angle_d          ? ? 
'X-RAY DIFFRACTION' ? 0.037  ? 156  ? f_chiral_restr     ? ? 
'X-RAY DIFFRACTION' ? 0.005  ? 189  ? f_plane_restr      ? ? 
'X-RAY DIFFRACTION' ? 17.554 ? 673  ? f_dihedral_angle_d ? ? 
# 
loop_
_refine_ls_shell.pdbx_refine_id 
_refine_ls_shell.d_res_high 
_refine_ls_shell.d_res_low 
_refine_ls_shell.number_reflns_all 
_refine_ls_shell.number_reflns_obs 
_refine_ls_shell.number_reflns_R_free 
_refine_ls_shell.number_reflns_R_work 
_refine_ls_shell.percent_reflns_obs 
_refine_ls_shell.percent_reflns_R_free 
_refine_ls_shell.R_factor_all 
_refine_ls_shell.R_factor_obs 
_refine_ls_shell.R_factor_R_free 
_refine_ls_shell.R_factor_R_free_error 
_refine_ls_shell.R_factor_R_work 
_refine_ls_shell.redundancy_reflns_all 
_refine_ls_shell.redundancy_reflns_obs 
_refine_ls_shell.wR_factor_all 
_refine_ls_shell.wR_factor_obs 
_refine_ls_shell.wR_factor_R_free 
_refine_ls_shell.wR_factor_R_work 
_refine_ls_shell.pdbx_total_number_of_bins_used 
_refine_ls_shell.pdbx_phase_error 
_refine_ls_shell.pdbx_fsc_work 
_refine_ls_shell.pdbx_fsc_free 
'X-RAY DIFFRACTION' 1.5500 1.6318  2658 . 127 2531 100.0000 . . . 0.2178 . 0.1736 . . . . . . 7 . . . 
'X-RAY DIFFRACTION' 1.6318 1.7340  2650 . 138 2512 100.0000 . . . 0.1961 . 0.1761 . . . . . . 7 . . . 
'X-RAY DIFFRACTION' 1.7340 1.8679  2671 . 125 2546 100.0000 . . . 0.2157 . 0.1964 . . . . . . 7 . . . 
'X-RAY DIFFRACTION' 1.8679 2.0558  2665 . 139 2526 100.0000 . . . 0.2263 . 0.1978 . . . . . . 7 . . . 
'X-RAY DIFFRACTION' 2.0558 2.3532  2689 . 128 2561 100.0000 . . . 0.2168 . 0.1923 . . . . . . 7 . . . 
'X-RAY DIFFRACTION' 2.3532 2.9645  2725 . 133 2592 100.0000 . . . 0.2418 . 0.2092 . . . . . . 7 . . . 
'X-RAY DIFFRACTION' 2.9645 33.5660 2851 . 147 2704 100.0000 . . . 0.2092 . 0.1908 . . . . . . 7 . . . 
# 
_struct.entry_id                     5LYP 
_struct.title                        'Crystal structure of the Tpr Domain of Sgt2.' 
_struct.pdbx_model_details           ? 
_struct.pdbx_formula_weight          ? 
_struct.pdbx_formula_weight_method   ? 
_struct.pdbx_model_type_details      ? 
_struct.pdbx_CASP_flag               N 
# 
_struct_keywords.entry_id        5LYP 
_struct_keywords.text            CHAPERONE 
_struct_keywords.pdbx_keywords   CHAPERONE 
# 
loop_
_struct_asym.id 
_struct_asym.pdbx_blank_PDB_chainid_flag 
_struct_asym.pdbx_modified 
_struct_asym.entity_id 
_struct_asym.details 
A N N 1 ? 
B N N 2 ? 
C N N 3 ? 
# 
_struct_ref.id                         1 
_struct_ref.db_name                    UNP 
_struct_ref.db_code                    SGT2_YEAST 
_struct_ref.pdbx_db_accession          Q12118 
_struct_ref.pdbx_db_isoform            ? 
_struct_ref.entity_id                  1 
_struct_ref.pdbx_seq_one_letter_code   
;EDDAETKAKAEDLKMQGNKAMANKDYELAINKYTEAIKVLPTNAIYYANRAAAHSSLKEYDQAVKDAESAISIDPSYFRG
YSRLGFAKYAQGKPEEALEAYKKVLDIEGDNATEAMKRDYESAKKKVEQSLNLEKTV
;
_struct_ref.pdbx_align_begin           93 
# 
_struct_ref_seq.align_id                      1 
_struct_ref_seq.ref_id                        1 
_struct_ref_seq.pdbx_PDB_id_code              5LYP 
_struct_ref_seq.pdbx_strand_id                A 
_struct_ref_seq.seq_align_beg                 4 
_struct_ref_seq.pdbx_seq_align_beg_ins_code   ? 
_struct_ref_seq.seq_align_end                 140 
_struct_ref_seq.pdbx_seq_align_end_ins_code   ? 
_struct_ref_seq.pdbx_db_accession             Q12118 
_struct_ref_seq.db_align_beg                  93 
_struct_ref_seq.pdbx_db_align_beg_ins_code    ? 
_struct_ref_seq.db_align_end                  229 
_struct_ref_seq.pdbx_db_align_end_ins_code    ? 
_struct_ref_seq.pdbx_auth_seq_align_beg       93 
_struct_ref_seq.pdbx_auth_seq_align_end       229 
# 
loop_
_struct_ref_seq_dif.align_id 
_struct_ref_seq_dif.pdbx_pdb_id_code 
_struct_ref_seq_dif.mon_id 
_struct_ref_seq_dif.pdbx_pdb_strand_id 
_struct_ref_seq_dif.seq_num 
_struct_ref_seq_dif.pdbx_pdb_ins_code 
_struct_ref_seq_dif.pdbx_seq_db_name 
_struct_ref_seq_dif.pdbx_seq_db_accession_code 
_struct_ref_seq_dif.db_mon_id 
_struct_ref_seq_dif.pdbx_seq_db_seq_num 
_struct_ref_seq_dif.details 
_struct_ref_seq_dif.pdbx_auth_seq_num 
_struct_ref_seq_dif.pdbx_ordinal 
1 5LYP GLY A 1 ? UNP Q12118 ? ? 'expression tag' 90 1 
1 5LYP SER A 2 ? UNP Q12118 ? ? 'expression tag' 91 2 
1 5LYP MET A 3 ? UNP Q12118 ? ? 'expression tag' 92 3 
# 
_pdbx_struct_assembly.id                   1 
_pdbx_struct_assembly.details              author_and_software_defined_assembly 
_pdbx_struct_assembly.method_details       PISA 
_pdbx_struct_assembly.oligomeric_details   monomeric 
_pdbx_struct_assembly.oligomeric_count     1 
# 
loop_
_pdbx_struct_assembly_prop.biol_id 
_pdbx_struct_assembly_prop.type 
_pdbx_struct_assembly_prop.value 
_pdbx_struct_assembly_prop.details 
1 'ABSA (A^2)' 130  ? 
1 MORE         -0   ? 
1 'SSA (A^2)'  8170 ? 
# 
_pdbx_struct_assembly_gen.assembly_id       1 
_pdbx_struct_assembly_gen.oper_expression   1 
_pdbx_struct_assembly_gen.asym_id_list      A,B,C 
# 
_pdbx_struct_oper_list.id                   1 
_pdbx_struct_oper_list.type                 'identity operation' 
_pdbx_struct_oper_list.name                 1_555 
_pdbx_struct_oper_list.symmetry_operation   x,y,z 
_pdbx_struct_oper_list.matrix[1][1]         1.0000000000 
_pdbx_struct_oper_list.matrix[1][2]         0.0000000000 
_pdbx_struct_oper_list.matrix[1][3]         0.0000000000 
_pdbx_struct_oper_list.vector[1]            0.0000000000 
_pdbx_struct_oper_list.matrix[2][1]         0.0000000000 
_pdbx_struct_oper_list.matrix[2][2]         1.0000000000 
_pdbx_struct_oper_list.matrix[2][3]         0.0000000000 
_pdbx_struct_oper_list.vector[2]            0.0000000000 
_pdbx_struct_oper_list.matrix[3][1]         0.0000000000 
_pdbx_struct_oper_list.matrix[3][2]         0.0000000000 
_pdbx_struct_oper_list.matrix[3][3]         1.0000000000 
_pdbx_struct_oper_list.vector[3]            0.0000000000 
# 
loop_
_struct_conf.conf_type_id 
_struct_conf.id 
_struct_conf.pdbx_PDB_helix_id 
_struct_conf.beg_label_comp_id 
_struct_conf.beg_label_asym_id 
_struct_conf.beg_label_seq_id 
_struct_conf.pdbx_beg_PDB_ins_code 
_struct_conf.end_label_comp_id 
_struct_conf.end_label_asym_id 
_struct_conf.end_label_seq_id 
_struct_conf.pdbx_end_PDB_ins_code 
_struct_conf.beg_auth_comp_id 
_struct_conf.beg_auth_asym_id 
_struct_conf.beg_auth_seq_id 
_struct_conf.end_auth_comp_id 
_struct_conf.end_auth_asym_id 
_struct_conf.end_auth_seq_id 
_struct_conf.pdbx_PDB_helix_class 
_struct_conf.details 
_struct_conf.pdbx_PDB_helix_length 
HELX_P HELX_P1 AA1 ASP A 6   ? ASN A 26  ? ASP A 95  ASN A 115 1 ? 21 
HELX_P HELX_P2 AA2 ASP A 28  ? LEU A 43  ? ASP A 117 LEU A 132 1 ? 16 
HELX_P HELX_P3 AA3 ASN A 46  ? LEU A 60  ? ASN A 135 LEU A 149 1 ? 15 
HELX_P HELX_P4 AA4 GLU A 62  ? ASP A 77  ? GLU A 151 ASP A 166 1 ? 16 
HELX_P HELX_P5 AA5 TYR A 80  ? GLN A 94  ? TYR A 169 GLN A 183 1 ? 15 
HELX_P HELX_P6 AA6 LYS A 96  ? GLY A 112 ? LYS A 185 GLY A 201 1 ? 17 
HELX_P HELX_P7 AA7 ASP A 113 ? ALA A 115 ? ASP A 202 ALA A 204 5 ? 3  
HELX_P HELX_P8 AA8 THR A 116 ? LEU A 136 ? THR A 205 LEU A 225 1 ? 21 
# 
_struct_conf_type.id          HELX_P 
_struct_conf_type.criteria    ? 
_struct_conf_type.reference   ? 
# 
_struct_site.id                   AC1 
_struct_site.pdbx_evidence_code   Software 
_struct_site.pdbx_auth_asym_id    A 
_struct_site.pdbx_auth_comp_id    BO4 
_struct_site.pdbx_auth_seq_id     301 
_struct_site.pdbx_auth_ins_code   ? 
_struct_site.pdbx_num_residues    5 
_struct_site.details              'binding site for residue BO4 A 301' 
# 
loop_
_struct_site_gen.id 
_struct_site_gen.site_id 
_struct_site_gen.pdbx_num_res 
_struct_site_gen.label_comp_id 
_struct_site_gen.label_asym_id 
_struct_site_gen.label_seq_id 
_struct_site_gen.pdbx_auth_ins_code 
_struct_site_gen.auth_comp_id 
_struct_site_gen.auth_asym_id 
_struct_site_gen.auth_seq_id 
_struct_site_gen.label_atom_id 
_struct_site_gen.label_alt_id 
_struct_site_gen.symmetry 
_struct_site_gen.details 
1 AC1 5 ASP A 64  ? ASP A 153 . ? 1_555 ? 
2 AC1 5 GLN A 94  ? GLN A 183 . ? 1_555 ? 
3 AC1 5 LYS A 96  ? LYS A 185 . ? 1_555 ? 
4 AC1 5 ARG A 121 ? ARG A 210 . ? 3_544 ? 
5 AC1 5 HOH C .   ? HOH A 403 . ? 1_555 ? 
# 
_pdbx_validate_torsion.id              1 
_pdbx_validate_torsion.PDB_model_num   1 
_pdbx_validate_torsion.auth_comp_id    LYS 
_pdbx_validate_torsion.auth_asym_id    A 
_pdbx_validate_torsion.auth_seq_id     185 
_pdbx_validate_torsion.PDB_ins_code    ? 
_pdbx_validate_torsion.label_alt_id    ? 
_pdbx_validate_torsion.phi             -117.39 
_pdbx_validate_torsion.psi             64.26 
# 
loop_
_pdbx_unobs_or_zero_occ_residues.id 
_pdbx_unobs_or_zero_occ_residues.PDB_model_num 
_pdbx_unobs_or_zero_occ_residues.polymer_flag 
_pdbx_unobs_or_zero_occ_residues.occupancy_flag 
_pdbx_unobs_or_zero_occ_residues.auth_asym_id 
_pdbx_unobs_or_zero_occ_residues.auth_comp_id 
_pdbx_unobs_or_zero_occ_residues.auth_seq_id 
_pdbx_unobs_or_zero_occ_residues.PDB_ins_code 
_pdbx_unobs_or_zero_occ_residues.label_asym_id 
_pdbx_unobs_or_zero_occ_residues.label_comp_id 
_pdbx_unobs_or_zero_occ_residues.label_seq_id 
1 1 Y 1 A GLY 90  ? A GLY 1   
2 1 Y 1 A SER 91  ? A SER 2   
3 1 Y 1 A VAL 229 ? A VAL 140 
# 
loop_
_chem_comp_atom.comp_id 
_chem_comp_atom.atom_id 
_chem_comp_atom.type_symbol 
_chem_comp_atom.pdbx_aromatic_flag 
_chem_comp_atom.pdbx_stereo_config 
_chem_comp_atom.pdbx_ordinal 
ALA N    N N N 1   
ALA CA   C N S 2   
ALA C    C N N 3   
ALA O    O N N 4   
ALA CB   C N N 5   
ALA OXT  O N N 6   
ALA H    H N N 7   
ALA H2   H N N 8   
ALA HA   H N N 9   
ALA HB1  H N N 10  
ALA HB2  H N N 11  
ALA HB3  H N N 12  
ALA HXT  H N N 13  
ARG N    N N N 14  
ARG CA   C N S 15  
ARG C    C N N 16  
ARG O    O N N 17  
ARG CB   C N N 18  
ARG CG   C N N 19  
ARG CD   C N N 20  
ARG NE   N N N 21  
ARG CZ   C N N 22  
ARG NH1  N N N 23  
ARG NH2  N N N 24  
ARG OXT  O N N 25  
ARG H    H N N 26  
ARG H2   H N N 27  
ARG HA   H N N 28  
ARG HB2  H N N 29  
ARG HB3  H N N 30  
ARG HG2  H N N 31  
ARG HG3  H N N 32  
ARG HD2  H N N 33  
ARG HD3  H N N 34  
ARG HE   H N N 35  
ARG HH11 H N N 36  
ARG HH12 H N N 37  
ARG HH21 H N N 38  
ARG HH22 H N N 39  
ARG HXT  H N N 40  
ASN N    N N N 41  
ASN CA   C N S 42  
ASN C    C N N 43  
ASN O    O N N 44  
ASN CB   C N N 45  
ASN CG   C N N 46  
ASN OD1  O N N 47  
ASN ND2  N N N 48  
ASN OXT  O N N 49  
ASN H    H N N 50  
ASN H2   H N N 51  
ASN HA   H N N 52  
ASN HB2  H N N 53  
ASN HB3  H N N 54  
ASN HD21 H N N 55  
ASN HD22 H N N 56  
ASN HXT  H N N 57  
ASP N    N N N 58  
ASP CA   C N S 59  
ASP C    C N N 60  
ASP O    O N N 61  
ASP CB   C N N 62  
ASP CG   C N N 63  
ASP OD1  O N N 64  
ASP OD2  O N N 65  
ASP OXT  O N N 66  
ASP H    H N N 67  
ASP H2   H N N 68  
ASP HA   H N N 69  
ASP HB2  H N N 70  
ASP HB3  H N N 71  
ASP HD2  H N N 72  
ASP HXT  H N N 73  
BO4 B    B N N 74  
BO4 O1   O N N 75  
BO4 O2   O N N 76  
BO4 O3   O N N 77  
BO4 O4   O N N 78  
BO4 HO1  H N N 79  
BO4 HO2  H N N 80  
BO4 HO3  H N N 81  
BO4 HO4  H N N 82  
GLN N    N N N 83  
GLN CA   C N S 84  
GLN C    C N N 85  
GLN O    O N N 86  
GLN CB   C N N 87  
GLN CG   C N N 88  
GLN CD   C N N 89  
GLN OE1  O N N 90  
GLN NE2  N N N 91  
GLN OXT  O N N 92  
GLN H    H N N 93  
GLN H2   H N N 94  
GLN HA   H N N 95  
GLN HB2  H N N 96  
GLN HB3  H N N 97  
GLN HG2  H N N 98  
GLN HG3  H N N 99  
GLN HE21 H N N 100 
GLN HE22 H N N 101 
GLN HXT  H N N 102 
GLU N    N N N 103 
GLU CA   C N S 104 
GLU C    C N N 105 
GLU O    O N N 106 
GLU CB   C N N 107 
GLU CG   C N N 108 
GLU CD   C N N 109 
GLU OE1  O N N 110 
GLU OE2  O N N 111 
GLU OXT  O N N 112 
GLU H    H N N 113 
GLU H2   H N N 114 
GLU HA   H N N 115 
GLU HB2  H N N 116 
GLU HB3  H N N 117 
GLU HG2  H N N 118 
GLU HG3  H N N 119 
GLU HE2  H N N 120 
GLU HXT  H N N 121 
GLY N    N N N 122 
GLY CA   C N N 123 
GLY C    C N N 124 
GLY O    O N N 125 
GLY OXT  O N N 126 
GLY H    H N N 127 
GLY H2   H N N 128 
GLY HA2  H N N 129 
GLY HA3  H N N 130 
GLY HXT  H N N 131 
HIS N    N N N 132 
HIS CA   C N S 133 
HIS C    C N N 134 
HIS O    O N N 135 
HIS CB   C N N 136 
HIS CG   C Y N 137 
HIS ND1  N Y N 138 
HIS CD2  C Y N 139 
HIS CE1  C Y N 140 
HIS NE2  N Y N 141 
HIS OXT  O N N 142 
HIS H    H N N 143 
HIS H2   H N N 144 
HIS HA   H N N 145 
HIS HB2  H N N 146 
HIS HB3  H N N 147 
HIS HD1  H N N 148 
HIS HD2  H N N 149 
HIS HE1  H N N 150 
HIS HE2  H N N 151 
HIS HXT  H N N 152 
HOH O    O N N 153 
HOH H1   H N N 154 
HOH H2   H N N 155 
ILE N    N N N 156 
ILE CA   C N S 157 
ILE C    C N N 158 
ILE O    O N N 159 
ILE CB   C N S 160 
ILE CG1  C N N 161 
ILE CG2  C N N 162 
ILE CD1  C N N 163 
ILE OXT  O N N 164 
ILE H    H N N 165 
ILE H2   H N N 166 
ILE HA   H N N 167 
ILE HB   H N N 168 
ILE HG12 H N N 169 
ILE HG13 H N N 170 
ILE HG21 H N N 171 
ILE HG22 H N N 172 
ILE HG23 H N N 173 
ILE HD11 H N N 174 
ILE HD12 H N N 175 
ILE HD13 H N N 176 
ILE HXT  H N N 177 
LEU N    N N N 178 
LEU CA   C N S 179 
LEU C    C N N 180 
LEU O    O N N 181 
LEU CB   C N N 182 
LEU CG   C N N 183 
LEU CD1  C N N 184 
LEU CD2  C N N 185 
LEU OXT  O N N 186 
LEU H    H N N 187 
LEU H2   H N N 188 
LEU HA   H N N 189 
LEU HB2  H N N 190 
LEU HB3  H N N 191 
LEU HG   H N N 192 
LEU HD11 H N N 193 
LEU HD12 H N N 194 
LEU HD13 H N N 195 
LEU HD21 H N N 196 
LEU HD22 H N N 197 
LEU HD23 H N N 198 
LEU HXT  H N N 199 
LYS N    N N N 200 
LYS CA   C N S 201 
LYS C    C N N 202 
LYS O    O N N 203 
LYS CB   C N N 204 
LYS CG   C N N 205 
LYS CD   C N N 206 
LYS CE   C N N 207 
LYS NZ   N N N 208 
LYS OXT  O N N 209 
LYS H    H N N 210 
LYS H2   H N N 211 
LYS HA   H N N 212 
LYS HB2  H N N 213 
LYS HB3  H N N 214 
LYS HG2  H N N 215 
LYS HG3  H N N 216 
LYS HD2  H N N 217 
LYS HD3  H N N 218 
LYS HE2  H N N 219 
LYS HE3  H N N 220 
LYS HZ1  H N N 221 
LYS HZ2  H N N 222 
LYS HZ3  H N N 223 
LYS HXT  H N N 224 
MET N    N N N 225 
MET CA   C N S 226 
MET C    C N N 227 
MET O    O N N 228 
MET CB   C N N 229 
MET CG   C N N 230 
MET SD   S N N 231 
MET CE   C N N 232 
MET OXT  O N N 233 
MET H    H N N 234 
MET H2   H N N 235 
MET HA   H N N 236 
MET HB2  H N N 237 
MET HB3  H N N 238 
MET HG2  H N N 239 
MET HG3  H N N 240 
MET HE1  H N N 241 
MET HE2  H N N 242 
MET HE3  H N N 243 
MET HXT  H N N 244 
PHE N    N N N 245 
PHE CA   C N S 246 
PHE C    C N N 247 
PHE O    O N N 248 
PHE CB   C N N 249 
PHE CG   C Y N 250 
PHE CD1  C Y N 251 
PHE CD2  C Y N 252 
PHE CE1  C Y N 253 
PHE CE2  C Y N 254 
PHE CZ   C Y N 255 
PHE OXT  O N N 256 
PHE H    H N N 257 
PHE H2   H N N 258 
PHE HA   H N N 259 
PHE HB2  H N N 260 
PHE HB3  H N N 261 
PHE HD1  H N N 262 
PHE HD2  H N N 263 
PHE HE1  H N N 264 
PHE HE2  H N N 265 
PHE HZ   H N N 266 
PHE HXT  H N N 267 
PRO N    N N N 268 
PRO CA   C N S 269 
PRO C    C N N 270 
PRO O    O N N 271 
PRO CB   C N N 272 
PRO CG   C N N 273 
PRO CD   C N N 274 
PRO OXT  O N N 275 
PRO H    H N N 276 
PRO HA   H N N 277 
PRO HB2  H N N 278 
PRO HB3  H N N 279 
PRO HG2  H N N 280 
PRO HG3  H N N 281 
PRO HD2  H N N 282 
PRO HD3  H N N 283 
PRO HXT  H N N 284 
SER N    N N N 285 
SER CA   C N S 286 
SER C    C N N 287 
SER O    O N N 288 
SER CB   C N N 289 
SER OG   O N N 290 
SER OXT  O N N 291 
SER H    H N N 292 
SER H2   H N N 293 
SER HA   H N N 294 
SER HB2  H N N 295 
SER HB3  H N N 296 
SER HG   H N N 297 
SER HXT  H N N 298 
THR N    N N N 299 
THR CA   C N S 300 
THR C    C N N 301 
THR O    O N N 302 
THR CB   C N R 303 
THR OG1  O N N 304 
THR CG2  C N N 305 
THR OXT  O N N 306 
THR H    H N N 307 
THR H2   H N N 308 
THR HA   H N N 309 
THR HB   H N N 310 
THR HG1  H N N 311 
THR HG21 H N N 312 
THR HG22 H N N 313 
THR HG23 H N N 314 
THR HXT  H N N 315 
TYR N    N N N 316 
TYR CA   C N S 317 
TYR C    C N N 318 
TYR O    O N N 319 
TYR CB   C N N 320 
TYR CG   C Y N 321 
TYR CD1  C Y N 322 
TYR CD2  C Y N 323 
TYR CE1  C Y N 324 
TYR CE2  C Y N 325 
TYR CZ   C Y N 326 
TYR OH   O N N 327 
TYR OXT  O N N 328 
TYR H    H N N 329 
TYR H2   H N N 330 
TYR HA   H N N 331 
TYR HB2  H N N 332 
TYR HB3  H N N 333 
TYR HD1  H N N 334 
TYR HD2  H N N 335 
TYR HE1  H N N 336 
TYR HE2  H N N 337 
TYR HH   H N N 338 
TYR HXT  H N N 339 
VAL N    N N N 340 
VAL CA   C N S 341 
VAL C    C N N 342 
VAL O    O N N 343 
VAL CB   C N N 344 
VAL CG1  C N N 345 
VAL CG2  C N N 346 
VAL OXT  O N N 347 
VAL H    H N N 348 
VAL H2   H N N 349 
VAL HA   H N N 350 
VAL HB   H N N 351 
VAL HG11 H N N 352 
VAL HG12 H N N 353 
VAL HG13 H N N 354 
VAL HG21 H N N 355 
VAL HG22 H N N 356 
VAL HG23 H N N 357 
VAL HXT  H N N 358 
# 
loop_
_chem_comp_bond.comp_id 
_chem_comp_bond.atom_id_1 
_chem_comp_bond.atom_id_2 
_chem_comp_bond.value_order 
_chem_comp_bond.pdbx_aromatic_flag 
_chem_comp_bond.pdbx_stereo_config 
_chem_comp_bond.pdbx_ordinal 
ALA N   CA   sing N N 1   
ALA N   H    sing N N 2   
ALA N   H2   sing N N 3   
ALA CA  C    sing N N 4   
ALA CA  CB   sing N N 5   
ALA CA  HA   sing N N 6   
ALA C   O    doub N N 7   
ALA C   OXT  sing N N 8   
ALA CB  HB1  sing N N 9   
ALA CB  HB2  sing N N 10  
ALA CB  HB3  sing N N 11  
ALA OXT HXT  sing N N 12  
ARG N   CA   sing N N 13  
ARG N   H    sing N N 14  
ARG N   H2   sing N N 15  
ARG CA  C    sing N N 16  
ARG CA  CB   sing N N 17  
ARG CA  HA   sing N N 18  
ARG C   O    doub N N 19  
ARG C   OXT  sing N N 20  
ARG CB  CG   sing N N 21  
ARG CB  HB2  sing N N 22  
ARG CB  HB3  sing N N 23  
ARG CG  CD   sing N N 24  
ARG CG  HG2  sing N N 25  
ARG CG  HG3  sing N N 26  
ARG CD  NE   sing N N 27  
ARG CD  HD2  sing N N 28  
ARG CD  HD3  sing N N 29  
ARG NE  CZ   sing N N 30  
ARG NE  HE   sing N N 31  
ARG CZ  NH1  sing N N 32  
ARG CZ  NH2  doub N N 33  
ARG NH1 HH11 sing N N 34  
ARG NH1 HH12 sing N N 35  
ARG NH2 HH21 sing N N 36  
ARG NH2 HH22 sing N N 37  
ARG OXT HXT  sing N N 38  
ASN N   CA   sing N N 39  
ASN N   H    sing N N 40  
ASN N   H2   sing N N 41  
ASN CA  C    sing N N 42  
ASN CA  CB   sing N N 43  
ASN CA  HA   sing N N 44  
ASN C   O    doub N N 45  
ASN C   OXT  sing N N 46  
ASN CB  CG   sing N N 47  
ASN CB  HB2  sing N N 48  
ASN CB  HB3  sing N N 49  
ASN CG  OD1  doub N N 50  
ASN CG  ND2  sing N N 51  
ASN ND2 HD21 sing N N 52  
ASN ND2 HD22 sing N N 53  
ASN OXT HXT  sing N N 54  
ASP N   CA   sing N N 55  
ASP N   H    sing N N 56  
ASP N   H2   sing N N 57  
ASP CA  C    sing N N 58  
ASP CA  CB   sing N N 59  
ASP CA  HA   sing N N 60  
ASP C   O    doub N N 61  
ASP C   OXT  sing N N 62  
ASP CB  CG   sing N N 63  
ASP CB  HB2  sing N N 64  
ASP CB  HB3  sing N N 65  
ASP CG  OD1  doub N N 66  
ASP CG  OD2  sing N N 67  
ASP OD2 HD2  sing N N 68  
ASP OXT HXT  sing N N 69  
BO4 B   O1   sing N N 70  
BO4 B   O2   sing N N 71  
BO4 B   O3   sing N N 72  
BO4 B   O4   sing N N 73  
BO4 O1  HO1  sing N N 74  
BO4 O2  HO2  sing N N 75  
BO4 O3  HO3  sing N N 76  
BO4 O4  HO4  sing N N 77  
GLN N   CA   sing N N 78  
GLN N   H    sing N N 79  
GLN N   H2   sing N N 80  
GLN CA  C    sing N N 81  
GLN CA  CB   sing N N 82  
GLN CA  HA   sing N N 83  
GLN C   O    doub N N 84  
GLN C   OXT  sing N N 85  
GLN CB  CG   sing N N 86  
GLN CB  HB2  sing N N 87  
GLN CB  HB3  sing N N 88  
GLN CG  CD   sing N N 89  
GLN CG  HG2  sing N N 90  
GLN CG  HG3  sing N N 91  
GLN CD  OE1  doub N N 92  
GLN CD  NE2  sing N N 93  
GLN NE2 HE21 sing N N 94  
GLN NE2 HE22 sing N N 95  
GLN OXT HXT  sing N N 96  
GLU N   CA   sing N N 97  
GLU N   H    sing N N 98  
GLU N   H2   sing N N 99  
GLU CA  C    sing N N 100 
GLU CA  CB   sing N N 101 
GLU CA  HA   sing N N 102 
GLU C   O    doub N N 103 
GLU C   OXT  sing N N 104 
GLU CB  CG   sing N N 105 
GLU CB  HB2  sing N N 106 
GLU CB  HB3  sing N N 107 
GLU CG  CD   sing N N 108 
GLU CG  HG2  sing N N 109 
GLU CG  HG3  sing N N 110 
GLU CD  OE1  doub N N 111 
GLU CD  OE2  sing N N 112 
GLU OE2 HE2  sing N N 113 
GLU OXT HXT  sing N N 114 
GLY N   CA   sing N N 115 
GLY N   H    sing N N 116 
GLY N   H2   sing N N 117 
GLY CA  C    sing N N 118 
GLY CA  HA2  sing N N 119 
GLY CA  HA3  sing N N 120 
GLY C   O    doub N N 121 
GLY C   OXT  sing N N 122 
GLY OXT HXT  sing N N 123 
HIS N   CA   sing N N 124 
HIS N   H    sing N N 125 
HIS N   H2   sing N N 126 
HIS CA  C    sing N N 127 
HIS CA  CB   sing N N 128 
HIS CA  HA   sing N N 129 
HIS C   O    doub N N 130 
HIS C   OXT  sing N N 131 
HIS CB  CG   sing N N 132 
HIS CB  HB2  sing N N 133 
HIS CB  HB3  sing N N 134 
HIS CG  ND1  sing Y N 135 
HIS CG  CD2  doub Y N 136 
HIS ND1 CE1  doub Y N 137 
HIS ND1 HD1  sing N N 138 
HIS CD2 NE2  sing Y N 139 
HIS CD2 HD2  sing N N 140 
HIS CE1 NE2  sing Y N 141 
HIS CE1 HE1  sing N N 142 
HIS NE2 HE2  sing N N 143 
HIS OXT HXT  sing N N 144 
HOH O   H1   sing N N 145 
HOH O   H2   sing N N 146 
ILE N   CA   sing N N 147 
ILE N   H    sing N N 148 
ILE N   H2   sing N N 149 
ILE CA  C    sing N N 150 
ILE CA  CB   sing N N 151 
ILE CA  HA   sing N N 152 
ILE C   O    doub N N 153 
ILE C   OXT  sing N N 154 
ILE CB  CG1  sing N N 155 
ILE CB  CG2  sing N N 156 
ILE CB  HB   sing N N 157 
ILE CG1 CD1  sing N N 158 
ILE CG1 HG12 sing N N 159 
ILE CG1 HG13 sing N N 160 
ILE CG2 HG21 sing N N 161 
ILE CG2 HG22 sing N N 162 
ILE CG2 HG23 sing N N 163 
ILE CD1 HD11 sing N N 164 
ILE CD1 HD12 sing N N 165 
ILE CD1 HD13 sing N N 166 
ILE OXT HXT  sing N N 167 
LEU N   CA   sing N N 168 
LEU N   H    sing N N 169 
LEU N   H2   sing N N 170 
LEU CA  C    sing N N 171 
LEU CA  CB   sing N N 172 
LEU CA  HA   sing N N 173 
LEU C   O    doub N N 174 
LEU C   OXT  sing N N 175 
LEU CB  CG   sing N N 176 
LEU CB  HB2  sing N N 177 
LEU CB  HB3  sing N N 178 
LEU CG  CD1  sing N N 179 
LEU CG  CD2  sing N N 180 
LEU CG  HG   sing N N 181 
LEU CD1 HD11 sing N N 182 
LEU CD1 HD12 sing N N 183 
LEU CD1 HD13 sing N N 184 
LEU CD2 HD21 sing N N 185 
LEU CD2 HD22 sing N N 186 
LEU CD2 HD23 sing N N 187 
LEU OXT HXT  sing N N 188 
LYS N   CA   sing N N 189 
LYS N   H    sing N N 190 
LYS N   H2   sing N N 191 
LYS CA  C    sing N N 192 
LYS CA  CB   sing N N 193 
LYS CA  HA   sing N N 194 
LYS C   O    doub N N 195 
LYS C   OXT  sing N N 196 
LYS CB  CG   sing N N 197 
LYS CB  HB2  sing N N 198 
LYS CB  HB3  sing N N 199 
LYS CG  CD   sing N N 200 
LYS CG  HG2  sing N N 201 
LYS CG  HG3  sing N N 202 
LYS CD  CE   sing N N 203 
LYS CD  HD2  sing N N 204 
LYS CD  HD3  sing N N 205 
LYS CE  NZ   sing N N 206 
LYS CE  HE2  sing N N 207 
LYS CE  HE3  sing N N 208 
LYS NZ  HZ1  sing N N 209 
LYS NZ  HZ2  sing N N 210 
LYS NZ  HZ3  sing N N 211 
LYS OXT HXT  sing N N 212 
MET N   CA   sing N N 213 
MET N   H    sing N N 214 
MET N   H2   sing N N 215 
MET CA  C    sing N N 216 
MET CA  CB   sing N N 217 
MET CA  HA   sing N N 218 
MET C   O    doub N N 219 
MET C   OXT  sing N N 220 
MET CB  CG   sing N N 221 
MET CB  HB2  sing N N 222 
MET CB  HB3  sing N N 223 
MET CG  SD   sing N N 224 
MET CG  HG2  sing N N 225 
MET CG  HG3  sing N N 226 
MET SD  CE   sing N N 227 
MET CE  HE1  sing N N 228 
MET CE  HE2  sing N N 229 
MET CE  HE3  sing N N 230 
MET OXT HXT  sing N N 231 
PHE N   CA   sing N N 232 
PHE N   H    sing N N 233 
PHE N   H2   sing N N 234 
PHE CA  C    sing N N 235 
PHE CA  CB   sing N N 236 
PHE CA  HA   sing N N 237 
PHE C   O    doub N N 238 
PHE C   OXT  sing N N 239 
PHE CB  CG   sing N N 240 
PHE CB  HB2  sing N N 241 
PHE CB  HB3  sing N N 242 
PHE CG  CD1  doub Y N 243 
PHE CG  CD2  sing Y N 244 
PHE CD1 CE1  sing Y N 245 
PHE CD1 HD1  sing N N 246 
PHE CD2 CE2  doub Y N 247 
PHE CD2 HD2  sing N N 248 
PHE CE1 CZ   doub Y N 249 
PHE CE1 HE1  sing N N 250 
PHE CE2 CZ   sing Y N 251 
PHE CE2 HE2  sing N N 252 
PHE CZ  HZ   sing N N 253 
PHE OXT HXT  sing N N 254 
PRO N   CA   sing N N 255 
PRO N   CD   sing N N 256 
PRO N   H    sing N N 257 
PRO CA  C    sing N N 258 
PRO CA  CB   sing N N 259 
PRO CA  HA   sing N N 260 
PRO C   O    doub N N 261 
PRO C   OXT  sing N N 262 
PRO CB  CG   sing N N 263 
PRO CB  HB2  sing N N 264 
PRO CB  HB3  sing N N 265 
PRO CG  CD   sing N N 266 
PRO CG  HG2  sing N N 267 
PRO CG  HG3  sing N N 268 
PRO CD  HD2  sing N N 269 
PRO CD  HD3  sing N N 270 
PRO OXT HXT  sing N N 271 
SER N   CA   sing N N 272 
SER N   H    sing N N 273 
SER N   H2   sing N N 274 
SER CA  C    sing N N 275 
SER CA  CB   sing N N 276 
SER CA  HA   sing N N 277 
SER C   O    doub N N 278 
SER C   OXT  sing N N 279 
SER CB  OG   sing N N 280 
SER CB  HB2  sing N N 281 
SER CB  HB3  sing N N 282 
SER OG  HG   sing N N 283 
SER OXT HXT  sing N N 284 
THR N   CA   sing N N 285 
THR N   H    sing N N 286 
THR N   H2   sing N N 287 
THR CA  C    sing N N 288 
THR CA  CB   sing N N 289 
THR CA  HA   sing N N 290 
THR C   O    doub N N 291 
THR C   OXT  sing N N 292 
THR CB  OG1  sing N N 293 
THR CB  CG2  sing N N 294 
THR CB  HB   sing N N 295 
THR OG1 HG1  sing N N 296 
THR CG2 HG21 sing N N 297 
THR CG2 HG22 sing N N 298 
THR CG2 HG23 sing N N 299 
THR OXT HXT  sing N N 300 
TYR N   CA   sing N N 301 
TYR N   H    sing N N 302 
TYR N   H2   sing N N 303 
TYR CA  C    sing N N 304 
TYR CA  CB   sing N N 305 
TYR CA  HA   sing N N 306 
TYR C   O    doub N N 307 
TYR C   OXT  sing N N 308 
TYR CB  CG   sing N N 309 
TYR CB  HB2  sing N N 310 
TYR CB  HB3  sing N N 311 
TYR CG  CD1  doub Y N 312 
TYR CG  CD2  sing Y N 313 
TYR CD1 CE1  sing Y N 314 
TYR CD1 HD1  sing N N 315 
TYR CD2 CE2  doub Y N 316 
TYR CD2 HD2  sing N N 317 
TYR CE1 CZ   doub Y N 318 
TYR CE1 HE1  sing N N 319 
TYR CE2 CZ   sing Y N 320 
TYR CE2 HE2  sing N N 321 
TYR CZ  OH   sing N N 322 
TYR OH  HH   sing N N 323 
TYR OXT HXT  sing N N 324 
VAL N   CA   sing N N 325 
VAL N   H    sing N N 326 
VAL N   H2   sing N N 327 
VAL CA  C    sing N N 328 
VAL CA  CB   sing N N 329 
VAL CA  HA   sing N N 330 
VAL C   O    doub N N 331 
VAL C   OXT  sing N N 332 
VAL CB  CG1  sing N N 333 
VAL CB  CG2  sing N N 334 
VAL CB  HB   sing N N 335 
VAL CG1 HG11 sing N N 336 
VAL CG1 HG12 sing N N 337 
VAL CG1 HG13 sing N N 338 
VAL CG2 HG21 sing N N 339 
VAL CG2 HG22 sing N N 340 
VAL CG2 HG23 sing N N 341 
VAL OXT HXT  sing N N 342 
# 
_pdbx_audit_support.funding_organization   'Biotechnology and Biological Sciences Research Council' 
_pdbx_audit_support.country                'United Kingdom' 
_pdbx_audit_support.grant_number           BB/L006952/1 
_pdbx_audit_support.ordinal                1 
# 
_pdbx_initial_refinement_model.id               1 
_pdbx_initial_refinement_model.entity_id_list   ? 
_pdbx_initial_refinement_model.type             'experimental model' 
_pdbx_initial_refinement_model.source_name      PDB 
_pdbx_initial_refinement_model.accession_code   2VYI 
_pdbx_initial_refinement_model.details          ? 
# 
_atom_sites.entry_id                    5LYP 
_atom_sites.fract_transf_matrix[1][1]   -0.00415322 
_atom_sites.fract_transf_matrix[1][2]   0.02672009 
_atom_sites.fract_transf_matrix[1][3]   -0.00218412 
_atom_sites.fract_transf_matrix[2][1]   0.01120806 
_atom_sites.fract_transf_matrix[2][2]   0.00304292 
_atom_sites.fract_transf_matrix[2][3]   0.01591381 
_atom_sites.fract_transf_matrix[3][1]   0.01203959 
_atom_sites.fract_transf_matrix[3][2]   0.00116012 
_atom_sites.fract_transf_matrix[3][3]   -0.00870129 
_atom_sites.fract_transf_vector[1]      -0.254400 
_atom_sites.fract_transf_vector[2]      0.240959 
_atom_sites.fract_transf_vector[3]      -0.221390 
# 
loop_
_atom_type.symbol 
B 
C 
H 
N 
O 
S 
# 
loop_
_atom_site.group_PDB 
_atom_site.id 
_atom_site.type_symbol 
_atom_site.label_atom_id 
_atom_site.label_alt_id 
_atom_site.label_comp_id 
_atom_site.label_asym_id 
_atom_site.label_entity_id 
_atom_site.label_seq_id 
_atom_site.pdbx_PDB_ins_code 
_atom_site.Cartn_x 
_atom_site.Cartn_y 
_atom_site.Cartn_z 
_atom_site.occupancy 
_atom_site.B_iso_or_equiv 
_atom_site.pdbx_formal_charge 
_atom_site.auth_seq_id 
_atom_site.auth_comp_id 
_atom_site.auth_asym_id 
_atom_site.auth_atom_id 
_atom_site.pdbx_PDB_model_num 
ATOM   1    N N   . MET A 1 3   ? 5.653   -24.872 11.727  1.00 31.76 ?  92  MET A N   1 
ATOM   2    C CA  . MET A 1 3   ? 6.043   -24.736 10.325  1.00 28.08 ?  92  MET A CA  1 
ATOM   3    C C   . MET A 1 3   ? 7.474   -25.219 10.116  1.00 23.31 ?  92  MET A C   1 
ATOM   4    O O   . MET A 1 3   ? 8.368   -24.435 9.787   1.00 22.20 ?  92  MET A O   1 
ATOM   5    C CB  . MET A 1 3   ? 5.898   -23.285 9.864   1.00 33.61 ?  92  MET A CB  1 
ATOM   6    N N   . GLU A 1 4   ? 7.679   -26.525 10.302  1.00 20.50 ?  93  GLU A N   1 
ATOM   7    C CA  . GLU A 1 4   ? 9.017   -27.093 10.186  1.00 22.78 ?  93  GLU A CA  1 
ATOM   8    C C   . GLU A 1 4   ? 9.503   -27.094 8.743   1.00 22.42 ?  93  GLU A C   1 
ATOM   9    O O   . GLU A 1 4   ? 10.663  -26.757 8.471   1.00 22.26 ?  93  GLU A O   1 
ATOM   10   C CB  . GLU A 1 4   ? 9.030   -28.515 10.745  1.00 19.57 ?  93  GLU A CB  1 
ATOM   11   N N   . ASP A 1 5   ? 8.635   -27.481 7.803   1.00 21.94 ?  94  ASP A N   1 
ATOM   12   C CA  . ASP A 1 5   ? 9.057   -27.596 6.412   1.00 19.90 ?  94  ASP A CA  1 
ATOM   13   C C   . ASP A 1 5   ? 9.516   -26.253 5.854   1.00 19.87 ?  94  ASP A C   1 
ATOM   14   O O   . ASP A 1 5   ? 10.489  -26.191 5.092   1.00 26.94 ?  94  ASP A O   1 
ATOM   15   C CB  . ASP A 1 5   ? 7.925   -28.172 5.566   1.00 16.85 ?  94  ASP A CB  1 
ATOM   16   N N   . ASP A 1 6   ? 8.838   -25.165 6.211   1.00 15.33 ?  95  ASP A N   1 
ATOM   17   C CA  . ASP A 1 6   ? 9.208   -23.860 5.676   1.00 15.08 ?  95  ASP A CA  1 
ATOM   18   C C   . ASP A 1 6   ? 9.917   -22.988 6.705   1.00 10.61 ?  95  ASP A C   1 
ATOM   19   O O   . ASP A 1 6   ? 9.916   -21.761 6.589   1.00 11.02 ?  95  ASP A O   1 
ATOM   20   C CB  . ASP A 1 6   ? 7.995   -23.132 5.094   1.00 21.88 ?  95  ASP A CB  1 
ATOM   21   C CG  . ASP A 1 6   ? 6.782   -23.204 5.980   1.00 23.54 ?  95  ASP A CG  1 
ATOM   22   O OD1 . ASP A 1 6   ? 6.944   -23.206 7.217   1.00 27.85 ?  95  ASP A OD1 1 
ATOM   23   O OD2 . ASP A 1 6   ? 5.658   -23.263 5.427   1.00 25.95 ?  95  ASP A OD2 1 
ATOM   24   N N   . ALA A 1 7   ? 10.560  -23.612 7.696   1.00 13.64 ?  96  ALA A N   1 
ATOM   25   C CA  . ALA A 1 7   ? 11.298  -22.849 8.698   1.00 11.70 ?  96  ALA A CA  1 
ATOM   26   C C   . ALA A 1 7   ? 12.364  -21.973 8.054   1.00 9.51  ?  96  ALA A C   1 
ATOM   27   O O   . ALA A 1 7   ? 12.503  -20.790 8.392   1.00 8.37  ?  96  ALA A O   1 
ATOM   28   C CB  . ALA A 1 7   ? 11.929  -23.793 9.724   1.00 11.90 ?  96  ALA A CB  1 
ATOM   29   N N   . GLU A 1 8   ? 13.146  -22.539 7.131   1.00 10.33 ?  97  GLU A N   1 
ATOM   30   C CA  . GLU A 1 8   ? 14.169  -21.732 6.476   1.00 10.19 ?  97  GLU A CA  1 
ATOM   31   C C   . GLU A 1 8   ? 13.539  -20.668 5.578   1.00 9.16  ?  97  GLU A C   1 
ATOM   32   O O   . GLU A 1 8   ? 13.967  -19.504 5.593   1.00 9.11  ?  97  GLU A O   1 
ATOM   33   C CB  . GLU A 1 8   ? 15.118  -22.629 5.676   1.00 10.57 ?  97  GLU A CB  1 
ATOM   34   C CG  . GLU A 1 8   ? 16.283  -21.869 5.048   1.00 16.95 ?  97  GLU A CG  1 
ATOM   35   C CD  . GLU A 1 8   ? 17.052  -22.705 4.048   1.00 23.54 ?  97  GLU A CD  1 
ATOM   36   O OE1 . GLU A 1 8   ? 17.280  -22.227 2.915   1.00 27.67 ?  97  GLU A OE1 1 
ATOM   37   O OE2 . GLU A 1 8   ? 17.419  -23.846 4.394   1.00 19.77 ?  97  GLU A OE2 1 
ATOM   38   N N   . THR A 1 9   ? 12.514  -21.046 4.808   1.00 8.27  ?  98  THR A N   1 
ATOM   39   C CA  . THR A 1 9   ? 11.870  -20.119 3.884   1.00 7.76  ?  98  THR A CA  1 
ATOM   40   C C   . THR A 1 9   ? 11.300  -18.916 4.626   1.00 9.94  ?  98  THR A C   1 
ATOM   41   O O   . THR A 1 9   ? 11.556  -17.759 4.259   1.00 8.34  ?  98  THR A O   1 
ATOM   42   C CB  . THR A 1 9   ? 10.768  -20.859 3.120   1.00 11.64 ?  98  THR A CB  1 
ATOM   43   O OG1 . THR A 1 9   ? 11.374  -21.776 2.195   1.00 22.77 ?  98  THR A OG1 1 
ATOM   44   C CG2 . THR A 1 9   ? 9.852   -19.873 2.383   1.00 13.58 ?  98  THR A CG2 1 
ATOM   45   N N   . LYS A 1 10  ? 10.535  -19.171 5.691   1.00 10.25 ?  99  LYS A N   1 
ATOM   46   C CA  . LYS A 1 10  ? 9.881   -18.074 6.398   1.00 9.41  ?  99  LYS A CA  1 
ATOM   47   C C   . LYS A 1 10  ? 10.899  -17.180 7.087   1.00 11.05 ?  99  LYS A C   1 
ATOM   48   O O   . LYS A 1 10  ? 10.761  -15.954 7.069   1.00 9.64  ?  99  LYS A O   1 
ATOM   49   C CB  . LYS A 1 10  ? 8.879   -18.610 7.417   1.00 12.85 ?  99  LYS A CB  1 
ATOM   50   N N   . ALA A 1 11  ? 11.921  -17.772 7.704   1.00 8.24  ?  100 ALA A N   1 
ATOM   51   C CA  . ALA A 1 11  ? 12.949  -16.958 8.342   1.00 10.58 ?  100 ALA A CA  1 
ATOM   52   C C   . ALA A 1 11  ? 13.627  -16.055 7.325   1.00 9.94  ?  100 ALA A C   1 
ATOM   53   O O   . ALA A 1 11  ? 13.868  -14.873 7.596   1.00 8.92  ?  100 ALA A O   1 
ATOM   54   C CB  . ALA A 1 11  ? 13.969  -17.852 9.049   1.00 10.83 ?  100 ALA A CB  1 
ATOM   55   N N   . LYS A 1 12  ? 13.907  -16.585 6.131   1.00 7.08  ?  101 LYS A N   1 
ATOM   56   C CA  . LYS A 1 12  ? 14.584  -15.798 5.108   1.00 5.68  ?  101 LYS A CA  1 
ATOM   57   C C   . LYS A 1 12  ? 13.689  -14.673 4.600   1.00 5.64  ?  101 LYS A C   1 
ATOM   58   O O   . LYS A 1 12  ? 14.137  -13.530 4.456   1.00 7.84  ?  101 LYS A O   1 
ATOM   59   C CB  . LYS A 1 12  ? 15.019  -16.703 3.951   1.00 7.84  ?  101 LYS A CB  1 
ATOM   60   C CG  . LYS A 1 12  ? 15.695  -15.964 2.791   1.00 10.38 ?  101 LYS A CG  1 
ATOM   61   C CD  . LYS A 1 12  ? 16.993  -15.281 3.203   1.00 15.35 ?  101 LYS A CD  1 
ATOM   62   C CE  . LYS A 1 12  ? 17.681  -14.640 1.995   1.00 13.09 ?  101 LYS A CE  1 
ATOM   63   N NZ  . LYS A 1 12  ? 18.857  -13.800 2.384   1.00 16.60 ?  101 LYS A NZ  1 
ATOM   64   N N   . ALA A 1 13  ? 12.419  -14.983 4.313   1.00 6.60  ?  102 ALA A N   1 
ATOM   65   C CA  . ALA A 1 13  ? 11.499  -13.959 3.826   1.00 7.37  ?  102 ALA A CA  1 
ATOM   66   C C   . ALA A 1 13  ? 11.342  -12.832 4.836   1.00 5.87  ?  102 ALA A C   1 
ATOM   67   O O   . ALA A 1 13  ? 11.344  -11.652 4.472   1.00 8.62  ?  102 ALA A O   1 
ATOM   68   C CB  . ALA A 1 13  ? 10.139  -14.580 3.496   1.00 8.21  ?  102 ALA A CB  1 
ATOM   69   N N   . GLU A 1 14  ? 11.232  -13.178 6.119   1.00 5.61  ?  103 GLU A N   1 
ATOM   70   C CA  . GLU A 1 14  ? 11.114  -12.147 7.136   1.00 9.37  ?  103 GLU A CA  1 
ATOM   71   C C   . GLU A 1 14  ? 12.416  -11.377 7.314   1.00 6.18  ?  103 GLU A C   1 
ATOM   72   O O   . GLU A 1 14  ? 12.380  -10.176 7.597   1.00 7.13  ?  103 GLU A O   1 
ATOM   73   C CB  . GLU A 1 14  ? 10.645  -12.774 8.442   1.00 10.29 ?  103 GLU A CB  1 
ATOM   74   C CG  . GLU A 1 14  ? 9.180   -13.161 8.373   1.00 6.30  ?  103 GLU A CG  1 
ATOM   75   C CD  . GLU A 1 14  ? 8.260   -11.948 8.442   1.00 8.76  ?  103 GLU A CD  1 
ATOM   76   O OE1 . GLU A 1 14  ? 8.322   -11.235 9.471   1.00 8.91  ?  103 GLU A OE1 1 
ATOM   77   O OE2 . GLU A 1 14  ? 7.493   -11.712 7.483   1.00 10.27 ?  103 GLU A OE2 1 
ATOM   78   N N   . ASP A 1 15  ? 13.570  -12.034 7.144   1.00 6.11  ?  104 ASP A N   1 
ATOM   79   C CA  . ASP A 1 15  ? 14.833  -11.308 7.177   1.00 8.57  ?  104 ASP A CA  1 
ATOM   80   C C   . ASP A 1 15  ? 14.897  -10.292 6.042   1.00 6.05  ?  104 ASP A C   1 
ATOM   81   O O   . ASP A 1 15  ? 15.257  -9.126  6.256   1.00 6.51  ?  104 ASP A O   1 
ATOM   82   C CB  . ASP A 1 15  ? 16.003  -12.290 7.092   1.00 8.16  ?  104 ASP A CB  1 
ATOM   83   C CG  . ASP A 1 15  ? 17.327  -11.634 7.397   1.00 15.79 ?  104 ASP A CG  1 
ATOM   84   O OD1 . ASP A 1 15  ? 17.449  -11.022 8.482   1.00 17.23 ?  104 ASP A OD1 1 
ATOM   85   O OD2 . ASP A 1 15  ? 18.238  -11.703 6.547   1.00 20.32 ?  104 ASP A OD2 1 
ATOM   86   N N   . LEU A 1 16  ? 14.549  -10.724 4.824   1.00 6.68  ?  105 LEU A N   1 
ATOM   87   C CA  . LEU A 1 16  ? 14.519  -9.815  3.679   1.00 5.42  ?  105 LEU A CA  1 
ATOM   88   C C   . LEU A 1 16  ? 13.542  -8.667  3.909   1.00 4.90  ?  105 LEU A C   1 
ATOM   89   O O   . LEU A 1 16  ? 13.849  -7.509  3.603   1.00 6.30  ?  105 LEU A O   1 
ATOM   90   C CB  . LEU A 1 16  ? 14.152  -10.579 2.406   1.00 5.84  ?  105 LEU A CB  1 
ATOM   91   C CG  . LEU A 1 16  ? 15.215  -11.569 1.924   1.00 8.33  ?  105 LEU A CG  1 
ATOM   92   C CD1 . LEU A 1 16  ? 14.607  -12.576 0.977   1.00 10.22 ?  105 LEU A CD1 1 
ATOM   93   C CD2 . LEU A 1 16  ? 16.366  -10.819 1.245   1.00 8.46  ?  105 LEU A CD2 1 
ATOM   94   N N   . LYS A 1 17  ? 12.353  -8.972  4.432   1.00 5.49  ?  106 LYS A N   1 
ATOM   95   C CA  . LYS A 1 17  ? 11.390  -7.929  4.781   1.00 5.34  ?  106 LYS A CA  1 
ATOM   96   C C   . LYS A 1 17  ? 12.007  -6.893  5.716   1.00 5.61  ?  106 LYS A C   1 
ATOM   97   O O   . LYS A 1 17  ? 11.900  -5.681  5.480   1.00 5.09  ?  106 LYS A O   1 
ATOM   98   C CB  . LYS A 1 17  ? 10.158  -8.565  5.431   1.00 6.83  ?  106 LYS A CB  1 
ATOM   99   C CG  . LYS A 1 17  ? 9.160   -7.559  5.974   1.00 6.22  ?  106 LYS A CG  1 
ATOM   100  C CD  . LYS A 1 17  ? 8.346   -8.132  7.136   1.00 5.71  ?  106 LYS A CD  1 
ATOM   101  C CE  . LYS A 1 17  ? 9.121   -8.032  8.451   1.00 5.65  ?  106 LYS A CE  1 
ATOM   102  N NZ  . LYS A 1 17  ? 8.255   -8.415  9.596   1.00 7.06  ?  106 LYS A NZ  1 
ATOM   103  N N   . MET A 1 18  ? 12.643  -7.359  6.796   1.00 7.62  ?  107 MET A N   1 
ATOM   104  C CA  . MET A 1 18  ? 13.263  -6.447  7.759   1.00 3.65  ?  107 MET A CA  1 
ATOM   105  C C   . MET A 1 18  ? 14.380  -5.633  7.109   1.00 4.24  ?  107 MET A C   1 
ATOM   106  O O   . MET A 1 18  ? 14.499  -4.428  7.349   1.00 5.58  ?  107 MET A O   1 
ATOM   107  C CB  . MET A 1 18  ? 13.769  -7.241  8.970   1.00 7.80  ?  107 MET A CB  1 
ATOM   108  C CG  . MET A 1 18  ? 12.637  -7.665  9.894   1.00 6.26  ?  107 MET A CG  1 
ATOM   109  S SD  . MET A 1 18  ? 13.198  -8.385  11.445  1.00 8.12  ?  107 MET A SD  1 
ATOM   110  C CE  . MET A 1 18  ? 13.915  -9.913  10.864  1.00 10.26 ?  107 MET A CE  1 
ATOM   111  N N   . GLN A 1 19  ? 15.177  -6.260  6.244   1.00 5.16  ?  108 GLN A N   1 
ATOM   112  C CA  . GLN A 1 19  ? 16.183  -5.507  5.499   1.00 6.70  ?  108 GLN A CA  1 
ATOM   113  C C   . GLN A 1 19  ? 15.536  -4.433  4.633   1.00 7.13  ?  108 GLN A C   1 
ATOM   114  O O   . GLN A 1 19  ? 16.029  -3.301  4.557   1.00 5.89  ?  108 GLN A O   1 
ATOM   115  C CB  . GLN A 1 19  ? 17.012  -6.463  4.642   1.00 5.56  ?  108 GLN A CB  1 
ATOM   116  C CG  . GLN A 1 19  ? 17.992  -7.286  5.459   1.00 6.80  ?  108 GLN A CG  1 
ATOM   117  C CD  . GLN A 1 19  ? 18.776  -8.254  4.616   1.00 14.73 ?  108 GLN A CD  1 
ATOM   118  O OE1 . GLN A 1 19  ? 18.261  -8.809  3.647   1.00 16.07 ?  108 GLN A OE1 1 
ATOM   119  N NE2 . GLN A 1 19  ? 20.037  -8.468  4.980   1.00 22.81 ?  108 GLN A NE2 1 
ATOM   120  N N   . GLY A 1 20  ? 14.420  -4.757  3.983   1.00 6.69  ?  109 GLY A N   1 
ATOM   121  C CA  . GLY A 1 20  ? 13.737  -3.747  3.189   1.00 6.27  ?  109 GLY A CA  1 
ATOM   122  C C   . GLY A 1 20  ? 13.159  -2.633  4.038   1.00 5.44  ?  109 GLY A C   1 
ATOM   123  O O   . GLY A 1 20  ? 13.147  -1.465  3.628   1.00 5.15  ?  109 GLY A O   1 
ATOM   124  N N   . ASN A 1 21  ? 12.649  -2.975  5.220   1.00 3.92  ?  110 ASN A N   1 
ATOM   125  C CA  . ASN A 1 21  ? 12.103  -1.946  6.102   1.00 6.72  ?  110 ASN A CA  1 
ATOM   126  C C   . ASN A 1 21  ? 13.196  -0.998  6.592   1.00 6.75  ?  110 ASN A C   1 
ATOM   127  O O   . ASN A 1 21  ? 12.953  0.209   6.720   1.00 5.20  ?  110 ASN A O   1 
ATOM   128  C CB  . ASN A 1 21  ? 11.370  -2.589  7.283   1.00 5.25  ?  110 ASN A CB  1 
ATOM   129  C CG  . ASN A 1 21  ? 10.085  -3.308  6.868   1.00 4.98  ?  110 ASN A CG  1 
ATOM   130  O OD1 . ASN A 1 21  ? 9.522   -3.055  5.796   1.00 4.83  ?  110 ASN A OD1 1 
ATOM   131  N ND2 . ASN A 1 21  ? 9.601   -4.199  7.736   1.00 4.35  ?  110 ASN A ND2 1 
ATOM   132  N N   . LYS A 1 22  ? 14.397  -1.518  6.878   1.00 6.52  ?  111 LYS A N   1 
ATOM   133  C CA  . LYS A 1 22  ? 15.496  -0.626  7.255   1.00 5.66  ?  111 LYS A CA  1 
ATOM   134  C C   . LYS A 1 22  ? 15.861  0.300   6.102   1.00 6.36  ?  111 LYS A C   1 
ATOM   135  O O   . LYS A 1 22  ? 16.126  1.499   6.307   1.00 6.49  ?  111 LYS A O   1 
ATOM   136  C CB  . LYS A 1 22  ? 16.708  -1.448  7.700   1.00 5.82  ?  111 LYS A CB  1 
ATOM   137  C CG  . LYS A 1 22  ? 17.877  -0.629  8.253   1.00 8.57  ?  111 LYS A CG  1 
ATOM   138  C CD  . LYS A 1 22  ? 18.964  -1.564  8.780   1.00 13.32 ?  111 LYS A CD  1 
ATOM   139  C CE  . LYS A 1 22  ? 20.160  -0.794  9.313   1.00 24.36 ?  111 LYS A CE  1 
ATOM   140  N NZ  . LYS A 1 22  ? 20.971  -0.212  8.211   1.00 29.55 ?  111 LYS A NZ  1 
ATOM   141  N N   . ALA A 1 23  ? 15.888  -0.237  4.879   1.00 7.53  ?  112 ALA A N   1 
ATOM   142  C CA  . ALA A 1 23  ? 16.155  0.596   3.706   1.00 5.82  ?  112 ALA A CA  1 
ATOM   143  C C   . ALA A 1 23  ? 15.090  1.675   3.557   1.00 7.48  ?  112 ALA A C   1 
ATOM   144  O O   . ALA A 1 23  ? 15.402  2.849   3.323   1.00 6.98  ?  112 ALA A O   1 
ATOM   145  C CB  . ALA A 1 23  ? 16.224  -0.273  2.448   1.00 8.09  ?  112 ALA A CB  1 
ATOM   146  N N   . MET A 1 24  ? 13.821  1.289   3.696   1.00 5.16  ?  113 MET A N   1 
ATOM   147  C CA  . MET A 1 24  ? 12.721  2.249   3.625   1.00 6.68  ?  113 MET A CA  1 
ATOM   148  C C   . MET A 1 24  ? 12.892  3.368   4.651   1.00 7.08  ?  113 MET A C   1 
ATOM   149  O O   . MET A 1 24  ? 12.696  4.551   4.339   1.00 6.98  ?  113 MET A O   1 
ATOM   150  C CB  . MET A 1 24  ? 11.399  1.507   3.842   1.00 12.24 ?  113 MET A CB  1 
ATOM   151  C CG  . MET A 1 24  ? 10.189  2.387   3.745   1.00 12.41 ?  113 MET A CG  1 
ATOM   152  S SD  . MET A 1 24  ? 9.513   2.275   2.082   1.00 18.33 ?  113 MET A SD  1 
ATOM   153  C CE  . MET A 1 24  ? 8.441   0.875   2.331   1.00 22.39 ?  113 MET A CE  1 
ATOM   154  N N   . ALA A 1 25  ? 13.245  3.010   5.889   1.00 7.09  ?  114 ALA A N   1 
ATOM   155  C CA  . ALA A 1 25  ? 13.474  4.018   6.923   1.00 6.81  ?  114 ALA A CA  1 
ATOM   156  C C   . ALA A 1 25  ? 14.582  4.984   6.536   1.00 11.02 ?  114 ALA A C   1 
ATOM   157  O O   . ALA A 1 25  ? 14.569  6.148   6.958   1.00 13.23 ?  114 ALA A O   1 
ATOM   158  C CB  . ALA A 1 25  ? 13.827  3.341   8.249   1.00 8.97  ?  114 ALA A CB  1 
ATOM   159  N N   . ASN A 1 26  ? 15.566  4.512   5.774   1.00 8.27  ?  115 ASN A N   1 
ATOM   160  C CA  . ASN A 1 26  ? 16.680  5.329   5.318   1.00 8.63  ?  115 ASN A CA  1 
ATOM   161  C C   . ASN A 1 26  ? 16.404  5.998   3.974   1.00 11.30 ?  115 ASN A C   1 
ATOM   162  O O   . ASN A 1 26  ? 17.310  6.620   3.407   1.00 9.70  ?  115 ASN A O   1 
ATOM   163  C CB  . ASN A 1 26  ? 17.948  4.471   5.238   1.00 9.21  ?  115 ASN A CB  1 
ATOM   164  C CG  . ASN A 1 26  ? 19.210  5.300   5.157   1.00 14.77 ?  115 ASN A CG  1 
ATOM   165  O OD1 . ASN A 1 26  ? 19.314  6.365   5.777   1.00 21.64 ?  115 ASN A OD1 1 
ATOM   166  N ND2 . ASN A 1 26  ? 20.184  4.813   4.391   1.00 18.27 ?  115 ASN A ND2 1 
ATOM   167  N N   . LYS A 1 27  ? 15.180  5.893   3.461   1.00 8.46  ?  116 LYS A N   1 
ATOM   168  C CA  . LYS A 1 27  ? 14.789  6.501   2.190   1.00 9.24  ?  116 LYS A CA  1 
ATOM   169  C C   . LYS A 1 27  ? 15.556  5.906   1.017   1.00 10.27 ?  116 LYS A C   1 
ATOM   170  O O   . LYS A 1 27  ? 15.667  6.526   -0.046  1.00 11.88 ?  116 LYS A O   1 
ATOM   171  C CB  . LYS A 1 27  ? 14.959  8.021   2.234   1.00 13.13 ?  116 LYS A CB  1 
ATOM   172  C CG  . LYS A 1 27  ? 14.089  8.665   3.284   1.00 11.77 ?  116 LYS A CG  1 
ATOM   173  C CD  . LYS A 1 27  ? 14.028  10.162  3.091   1.00 11.34 ?  116 LYS A CD  1 
ATOM   174  C CE  . LYS A 1 27  ? 13.003  10.779  4.027   1.00 16.92 ?  116 LYS A CE  1 
ATOM   175  N NZ  . LYS A 1 27  ? 13.052  12.267  3.964   1.00 23.82 ?  116 LYS A NZ  1 
ATOM   176  N N   . ASP A 1 28  ? 16.077  4.695   1.203   1.00 7.93  ?  117 ASP A N   1 
ATOM   177  C CA  . ASP A 1 28  ? 16.720  3.939   0.133   1.00 7.35  ?  117 ASP A CA  1 
ATOM   178  C C   . ASP A 1 28  ? 15.653  3.051   -0.502  1.00 9.11  ?  117 ASP A C   1 
ATOM   179  O O   . ASP A 1 28  ? 15.613  1.828   -0.336  1.00 10.02 ?  117 ASP A O   1 
ATOM   180  C CB  . ASP A 1 28  ? 17.896  3.137   0.673   1.00 8.99  ?  117 ASP A CB  1 
ATOM   181  C CG  . ASP A 1 28  ? 18.751  2.541   -0.425  1.00 13.50 ?  117 ASP A CG  1 
ATOM   182  O OD1 . ASP A 1 28  ? 18.324  2.586   -1.602  1.00 16.25 ?  117 ASP A OD1 1 
ATOM   183  O OD2 . ASP A 1 28  ? 19.849  2.024   -0.106  1.00 18.27 ?  117 ASP A OD2 1 
ATOM   184  N N   . TYR A 1 29  ? 14.751  3.722   -1.216  1.00 9.99  ?  118 TYR A N   1 
ATOM   185  C CA  . TYR A 1 29  ? 13.557  3.063   -1.725  1.00 8.24  ?  118 TYR A CA  1 
ATOM   186  C C   . TYR A 1 29  ? 13.889  2.034   -2.796  1.00 8.62  ?  118 TYR A C   1 
ATOM   187  O O   . TYR A 1 29  ? 13.216  1.005   -2.888  1.00 9.11  ?  118 TYR A O   1 
ATOM   188  C CB  . TYR A 1 29  ? 12.585  4.113   -2.263  1.00 9.95  ?  118 TYR A CB  1 
ATOM   189  C CG  . TYR A 1 29  ? 12.159  5.117   -1.210  1.00 10.89 ?  118 TYR A CG  1 
ATOM   190  C CD1 . TYR A 1 29  ? 11.406  4.719   -0.117  1.00 11.16 ?  118 TYR A CD1 1 
ATOM   191  C CD2 . TYR A 1 29  ? 12.505  6.464   -1.320  1.00 11.75 ?  118 TYR A CD2 1 
ATOM   192  C CE1 . TYR A 1 29  ? 11.008  5.631   0.846   1.00 11.88 ?  118 TYR A CE1 1 
ATOM   193  C CE2 . TYR A 1 29  ? 12.112  7.384   -0.358  1.00 14.39 ?  118 TYR A CE2 1 
ATOM   194  C CZ  . TYR A 1 29  ? 11.363  6.960   0.719   1.00 12.70 ?  118 TYR A CZ  1 
ATOM   195  O OH  . TYR A 1 29  ? 10.960  7.855   1.675   1.00 19.34 ?  118 TYR A OH  1 
ATOM   196  N N   . GLU A 1 30  ? 14.928  2.280   -3.596  1.00 10.21 ?  119 GLU A N   1 
ATOM   197  C CA  . GLU A 1 30  ? 15.367  1.291   -4.570  1.00 12.55 ?  119 GLU A CA  1 
ATOM   198  C C   . GLU A 1 30  ? 15.748  -0.018  -3.886  1.00 10.50 ?  119 GLU A C   1 
ATOM   199  O O   . GLU A 1 30  ? 15.306  -1.101  -4.292  1.00 11.27 ?  119 GLU A O   1 
ATOM   200  C CB  . GLU A 1 30  ? 16.539  1.849   -5.380  1.00 15.24 ?  119 GLU A CB  1 
ATOM   201  C CG  . GLU A 1 30  ? 17.061  0.919   -6.444  1.00 20.04 ?  119 GLU A CG  1 
ATOM   202  C CD  . GLU A 1 30  ? 18.168  1.545   -7.271  1.00 24.87 ?  119 GLU A CD  1 
ATOM   203  O OE1 . GLU A 1 30  ? 18.510  2.719   -7.020  1.00 31.68 ?  119 GLU A OE1 1 
ATOM   204  O OE2 . GLU A 1 30  ? 18.697  0.861   -8.171  1.00 31.17 ?  119 GLU A OE2 1 
ATOM   205  N N   . LEU A 1 31  ? 16.559  0.062   -2.831  1.00 11.82 ?  120 LEU A N   1 
ATOM   206  C CA  . LEU A 1 31  ? 16.955  -1.144  -2.109  1.00 10.37 ?  120 LEU A CA  1 
ATOM   207  C C   . LEU A 1 31  ? 15.757  -1.801  -1.437  1.00 6.92  ?  120 LEU A C   1 
ATOM   208  O O   . LEU A 1 31  ? 15.605  -3.027  -1.492  1.00 7.49  ?  120 LEU A O   1 
ATOM   209  C CB  . LEU A 1 31  ? 18.035  -0.815  -1.077  1.00 11.22 ?  120 LEU A CB  1 
ATOM   210  C CG  . LEU A 1 31  ? 18.484  -1.943  -0.145  1.00 8.54  ?  120 LEU A CG  1 
ATOM   211  C CD1 . LEU A 1 31  ? 19.044  -3.130  -0.928  1.00 9.28  ?  120 LEU A CD1 1 
ATOM   212  C CD2 . LEU A 1 31  ? 19.506  -1.443  0.901   1.00 11.70 ?  120 LEU A CD2 1 
ATOM   213  N N   . ALA A 1 32  ? 14.883  -1.004  -0.819  1.00 8.07  ?  121 ALA A N   1 
ATOM   214  C CA  . ALA A 1 32  ? 13.682  -1.570  -0.208  1.00 7.65  ?  121 ALA A CA  1 
ATOM   215  C C   . ALA A 1 32  ? 12.886  -2.387  -1.217  1.00 7.54  ?  121 ALA A C   1 
ATOM   216  O O   . ALA A 1 32  ? 12.463  -3.513  -0.929  1.00 6.46  ?  121 ALA A O   1 
ATOM   217  C CB  . ALA A 1 32  ? 12.816  -0.457  0.374   1.00 5.10  ?  121 ALA A CB  1 
ATOM   218  N N   . ILE A 1 33  ? 12.692  -1.835  -2.419  1.00 7.52  ?  122 ILE A N   1 
ATOM   219  C CA  . ILE A 1 33  ? 11.933  -2.530  -3.454  1.00 4.64  ?  122 ILE A CA  1 
ATOM   220  C C   . ILE A 1 33  ? 12.580  -3.867  -3.786  1.00 6.31  ?  122 ILE A C   1 
ATOM   221  O O   . ILE A 1 33  ? 11.900  -4.895  -3.908  1.00 6.76  ?  122 ILE A O   1 
ATOM   222  C CB  . ILE A 1 33  ? 11.796  -1.624  -4.691  1.00 5.71  ?  122 ILE A CB  1 
ATOM   223  C CG1 . ILE A 1 33  ? 10.806  -0.492  -4.391  1.00 9.33  ?  122 ILE A CG1 1 
ATOM   224  C CG2 . ILE A 1 33  ? 11.362  -2.405  -5.899  1.00 8.64  ?  122 ILE A CG2 1 
ATOM   225  C CD1 . ILE A 1 33  ? 10.926  0.677   -5.337  1.00 8.49  ?  122 ILE A CD1 1 
ATOM   226  N N   . ASN A 1 34  ? 13.906  -3.885  -3.911  1.00 7.89  ?  123 ASN A N   1 
ATOM   227  C CA  . ASN A 1 34  ? 14.568  -5.134  -4.265  1.00 7.86  ?  123 ASN A CA  1 
ATOM   228  C C   . ASN A 1 34  ? 14.446  -6.158  -3.144  1.00 6.91  ?  123 ASN A C   1 
ATOM   229  O O   . ASN A 1 34  ? 14.199  -7.343  -3.400  1.00 6.19  ?  123 ASN A O   1 
ATOM   230  C CB  . ASN A 1 34  ? 16.027  -4.864  -4.625  1.00 7.78  ?  123 ASN A CB  1 
ATOM   231  C CG  . ASN A 1 34  ? 16.165  -4.125  -5.954  1.00 12.13 ?  123 ASN A CG  1 
ATOM   232  O OD1 . ASN A 1 34  ? 15.294  -4.226  -6.831  1.00 11.10 ?  123 ASN A OD1 1 
ATOM   233  N ND2 . ASN A 1 34  ? 17.240  -3.351  -6.094  1.00 17.95 ?  123 ASN A ND2 1 
ATOM   234  N N   . LYS A 1 35  ? 14.574  -5.716  -1.887  1.00 6.77  ?  124 LYS A N   1 
ATOM   235  C CA  . LYS A 1 35  ? 14.444  -6.644  -0.763  1.00 8.09  ?  124 LYS A CA  1 
ATOM   236  C C   . LYS A 1 35  ? 13.022  -7.195  -0.651  1.00 5.85  ?  124 LYS A C   1 
ATOM   237  O O   . LYS A 1 35  ? 12.825  -8.397  -0.449  1.00 5.91  ?  124 LYS A O   1 
ATOM   238  C CB  . LYS A 1 35  ? 14.858  -5.945  0.536   1.00 5.83  ?  124 LYS A CB  1 
ATOM   239  C CG  . LYS A 1 35  ? 16.353  -5.661  0.640   1.00 6.99  ?  124 LYS A CG  1 
ATOM   240  C CD  . LYS A 1 35  ? 17.136  -6.935  0.921   1.00 10.29 ?  124 LYS A CD  1 
ATOM   241  C CE  . LYS A 1 35  ? 18.641  -6.680  0.922   1.00 11.33 ?  124 LYS A CE  1 
ATOM   242  N NZ  . LYS A 1 35  ? 19.404  -7.937  1.220   1.00 12.81 ?  124 LYS A NZ  1 
ATOM   243  N N   . TYR A 1 36  ? 12.013  -6.325  -0.759  1.00 5.74  ?  125 TYR A N   1 
ATOM   244  C CA  . TYR A 1 36  ? 10.631  -6.799  -0.725  1.00 5.53  ?  125 TYR A CA  1 
ATOM   245  C C   . TYR A 1 36  ? 10.345  -7.750  -1.882  1.00 4.99  ?  125 TYR A C   1 
ATOM   246  O O   . TYR A 1 36  ? 9.573   -8.710  -1.737  1.00 5.26  ?  125 TYR A O   1 
ATOM   247  C CB  . TYR A 1 36  ? 9.662   -5.620  -0.774  1.00 3.90  ?  125 TYR A CB  1 
ATOM   248  C CG  . TYR A 1 36  ? 9.738   -4.654  0.397   1.00 4.83  ?  125 TYR A CG  1 
ATOM   249  C CD1 . TYR A 1 36  ? 9.939   -5.095  1.709   1.00 4.59  ?  125 TYR A CD1 1 
ATOM   250  C CD2 . TYR A 1 36  ? 9.575   -3.303  0.183   1.00 4.63  ?  125 TYR A CD2 1 
ATOM   251  C CE1 . TYR A 1 36  ? 9.988   -4.187  2.770   1.00 4.29  ?  125 TYR A CE1 1 
ATOM   252  C CE2 . TYR A 1 36  ? 9.604   -2.386  1.225   1.00 4.62  ?  125 TYR A CE2 1 
ATOM   253  C CZ  . TYR A 1 36  ? 9.820   -2.834  2.512   1.00 4.16  ?  125 TYR A CZ  1 
ATOM   254  O OH  . TYR A 1 36  ? 9.845   -1.914  3.532   1.00 5.00  ?  125 TYR A OH  1 
ATOM   255  N N   . THR A 1 37  ? 10.929  -7.481  -3.054  1.00 5.53  ?  126 THR A N   1 
ATOM   256  C CA  . THR A 1 37  ? 10.712  -8.361  -4.196  1.00 6.52  ?  126 THR A CA  1 
ATOM   257  C C   . THR A 1 37  ? 11.285  -9.745  -3.923  1.00 6.69  ?  126 THR A C   1 
ATOM   258  O O   . THR A 1 37  ? 10.634  -10.764 -4.189  1.00 5.53  ?  126 THR A O   1 
ATOM   259  C CB  . THR A 1 37  ? 11.328  -7.745  -5.460  1.00 7.28  ?  126 THR A CB  1 
ATOM   260  O OG1 . THR A 1 37  ? 10.644  -6.520  -5.780  1.00 7.44  ?  126 THR A OG1 1 
ATOM   261  C CG2 . THR A 1 37  ? 11.203  -8.694  -6.632  1.00 8.12  ?  126 THR A CG2 1 
ATOM   262  N N   . GLU A 1 38  ? 12.488  -9.804  -3.354  1.00 6.71  ?  127 GLU A N   1 
ATOM   263  C CA  . GLU A 1 38  ? 13.055  -11.102 -3.011  1.00 5.95  ?  127 GLU A CA  1 
ATOM   264  C C   . GLU A 1 38  ? 12.225  -11.795 -1.934  1.00 6.56  ?  127 GLU A C   1 
ATOM   265  O O   . GLU A 1 38  ? 12.013  -13.017 -1.991  1.00 7.01  ?  127 GLU A O   1 
ATOM   266  C CB  . GLU A 1 38  ? 14.510  -10.950 -2.568  1.00 7.99  ?  127 GLU A CB  1 
ATOM   267  C CG  . GLU A 1 38  ? 15.254  -12.291 -2.589  1.00 8.98  ?  127 GLU A CG  1 
ATOM   268  C CD  . GLU A 1 38  ? 16.730  -12.164 -2.263  1.00 12.88 ?  127 GLU A CD  1 
ATOM   269  O OE1 . GLU A 1 38  ? 17.310  -13.173 -1.811  1.00 15.63 ?  127 GLU A OE1 1 
ATOM   270  O OE2 . GLU A 1 38  ? 17.305  -11.073 -2.460  1.00 15.05 ?  127 GLU A OE2 1 
ATOM   271  N N   . ALA A 1 39  ? 11.757  -11.036 -0.936  1.00 5.74  ?  128 ALA A N   1 
ATOM   272  C CA  . ALA A 1 39  ? 10.899  -11.606 0.101   1.00 5.19  ?  128 ALA A CA  1 
ATOM   273  C C   . ALA A 1 39  ? 9.650   -12.240 -0.502  1.00 7.62  ?  128 ALA A C   1 
ATOM   274  O O   . ALA A 1 39  ? 9.240   -13.332 -0.092  1.00 6.88  ?  128 ALA A O   1 
ATOM   275  C CB  . ALA A 1 39  ? 10.527  -10.519 1.114   1.00 4.55  ?  128 ALA A CB  1 
ATOM   276  N N   . ILE A 1 40  ? 9.037   -11.574 -1.481  1.00 7.66  ?  129 ILE A N   1 
ATOM   277  C CA  . ILE A 1 40  ? 7.838   -12.104 -2.119  1.00 6.73  ?  129 ILE A CA  1 
ATOM   278  C C   . ILE A 1 40  ? 8.155   -13.390 -2.864  1.00 8.56  ?  129 ILE A C   1 
ATOM   279  O O   . ILE A 1 40  ? 7.379   -14.351 -2.821  1.00 11.89 ?  129 ILE A O   1 
ATOM   280  C CB  . ILE A 1 40  ? 7.225   -11.036 -3.045  1.00 4.95  ?  129 ILE A CB  1 
ATOM   281  C CG1 . ILE A 1 40  ? 6.564   -9.936  -2.210  1.00 4.85  ?  129 ILE A CG1 1 
ATOM   282  C CG2 . ILE A 1 40  ? 6.208   -11.658 -4.015  1.00 7.71  ?  129 ILE A CG2 1 
ATOM   283  C CD1 . ILE A 1 40  ? 6.377   -8.631  -2.964  1.00 6.21  ?  129 ILE A CD1 1 
ATOM   284  N N   . LYS A 1 41  ? 9.291   -13.429 -3.562  1.00 5.65  ?  130 LYS A N   1 
ATOM   285  C CA  . LYS A 1 41  ? 9.688   -14.660 -4.243  1.00 7.46  ?  130 LYS A CA  1 
ATOM   286  C C   . LYS A 1 41  ? 9.830   -15.809 -3.258  1.00 9.04  ?  130 LYS A C   1 
ATOM   287  O O   . LYS A 1 41  ? 9.428   -16.946 -3.547  1.00 9.56  ?  130 LYS A O   1 
ATOM   288  C CB  . LYS A 1 41  ? 11.003  -14.461 -5.000  1.00 8.39  ?  130 LYS A CB  1 
ATOM   289  C CG  . LYS A 1 41  ? 11.399  -15.666 -5.863  1.00 12.42 ?  130 LYS A CG  1 
ATOM   290  C CD  . LYS A 1 41  ? 12.899  -15.700 -6.153  1.00 14.81 ?  130 LYS A CD  1 
ATOM   291  C CE  . LYS A 1 41  ? 13.678  -16.242 -4.952  1.00 17.93 ?  130 LYS A CE  1 
ATOM   292  N NZ  . LYS A 1 41  ? 15.172  -16.204 -5.140  1.00 19.74 ?  130 LYS A NZ  1 
ATOM   293  N N   . VAL A 1 42  ? 10.416  -15.539 -2.092  1.00 7.83  ?  131 VAL A N   1 
ATOM   294  C CA  . VAL A 1 42  ? 10.620  -16.601 -1.110  1.00 7.23  ?  131 VAL A CA  1 
ATOM   295  C C   . VAL A 1 42  ? 9.294   -17.028 -0.496  1.00 7.50  ?  131 VAL A C   1 
ATOM   296  O O   . VAL A 1 42  ? 9.049   -18.222 -0.276  1.00 9.32  ?  131 VAL A O   1 
ATOM   297  C CB  . VAL A 1 42  ? 11.621  -16.142 -0.038  1.00 8.49  ?  131 VAL A CB  1 
ATOM   298  C CG1 . VAL A 1 42  ? 11.698  -17.158 1.071   1.00 8.16  ?  131 VAL A CG1 1 
ATOM   299  C CG2 . VAL A 1 42  ? 12.986  -15.896 -0.664  1.00 8.76  ?  131 VAL A CG2 1 
ATOM   300  N N   . LEU A 1 43  ? 8.400   -16.070 -0.254  1.00 6.53  ?  132 LEU A N   1 
ATOM   301  C CA  . LEU A 1 43  ? 7.137   -16.326 0.435   1.00 6.79  ?  132 LEU A CA  1 
ATOM   302  C C   . LEU A 1 43  ? 6.113   -15.383 -0.155  1.00 9.60  ?  132 LEU A C   1 
ATOM   303  O O   . LEU A 1 43  ? 5.992   -14.225 0.268   1.00 8.39  ?  132 LEU A O   1 
ATOM   304  C CB  . LEU A 1 43  ? 7.265   -16.125 1.944   1.00 9.08  ?  132 LEU A CB  1 
ATOM   305  C CG  . LEU A 1 43  ? 5.999   -16.333 2.783   1.00 13.71 ?  132 LEU A CG  1 
ATOM   306  C CD1 . LEU A 1 43  ? 5.636   -17.811 2.829   1.00 15.17 ?  132 LEU A CD1 1 
ATOM   307  C CD2 . LEU A 1 43  ? 6.184   -15.768 4.183   1.00 15.05 ?  132 LEU A CD2 1 
ATOM   308  N N   . PRO A 1 44  ? 5.366   -15.835 -1.157  1.00 7.16  ?  133 PRO A N   1 
ATOM   309  C CA  . PRO A 1 44  ? 4.484   -14.941 -1.921  1.00 9.80  ?  133 PRO A CA  1 
ATOM   310  C C   . PRO A 1 44  ? 3.063   -14.830 -1.391  1.00 7.59  ?  133 PRO A C   1 
ATOM   311  O O   . PRO A 1 44  ? 2.210   -14.269 -2.089  1.00 10.95 ?  133 PRO A O   1 
ATOM   312  C CB  . PRO A 1 44  ? 4.481   -15.600 -3.306  1.00 12.42 ?  133 PRO A CB  1 
ATOM   313  C CG  . PRO A 1 44  ? 4.588   -17.051 -3.008  1.00 11.34 ?  133 PRO A CG  1 
ATOM   314  C CD  . PRO A 1 44  ? 5.489   -17.163 -1.785  1.00 11.77 ?  133 PRO A CD  1 
ATOM   315  N N   . THR A 1 45  ? 2.793   -15.337 -0.192  1.00 7.83  ?  134 THR A N   1 
ATOM   316  C CA  . THR A 1 45  ? 1.445   -15.380 0.357   1.00 6.49  ?  134 THR A CA  1 
ATOM   317  C C   . THR A 1 45  ? 1.235   -14.371 1.474   1.00 7.83  ?  134 THR A C   1 
ATOM   318  O O   . THR A 1 45  ? 0.211   -14.440 2.168   1.00 10.69 ?  134 THR A O   1 
ATOM   319  C CB  . THR A 1 45  ? 1.131   -16.791 0.860   1.00 8.04  ?  134 THR A CB  1 
ATOM   320  O OG1 . THR A 1 45  ? 2.160   -17.235 1.756   1.00 9.89  ?  134 THR A OG1 1 
ATOM   321  C CG2 . THR A 1 45  ? 1.039   -17.751 -0.317  1.00 10.94 ?  134 THR A CG2 1 
ATOM   322  N N   . ASN A 1 46  ? 2.167   -13.434 1.654   1.00 6.97  ?  135 ASN A N   1 
ATOM   323  C CA  . ASN A 1 46  ? 2.129   -12.449 2.736   1.00 8.15  ?  135 ASN A CA  1 
ATOM   324  C C   . ASN A 1 46  ? 1.837   -11.070 2.149   1.00 6.46  ?  135 ASN A C   1 
ATOM   325  O O   . ASN A 1 46  ? 2.709   -10.451 1.527   1.00 7.54  ?  135 ASN A O   1 
ATOM   326  C CB  . ASN A 1 46  ? 3.441   -12.437 3.517   1.00 5.71  ?  135 ASN A CB  1 
ATOM   327  C CG  . ASN A 1 46  ? 3.342   -11.643 4.804   1.00 10.02 ?  135 ASN A CG  1 
ATOM   328  O OD1 . ASN A 1 46  ? 2.528   -10.724 4.915   1.00 11.41 ?  135 ASN A OD1 1 
ATOM   329  N ND2 . ASN A 1 46  ? 4.176   -11.984 5.782   1.00 10.23 ?  135 ASN A ND2 1 
ATOM   330  N N   . ALA A 1 47  ? 0.624   -10.573 2.386   1.00 5.61  ?  136 ALA A N   1 
ATOM   331  C CA  . ALA A 1 47  ? 0.214   -9.305  1.787   1.00 5.80  ?  136 ALA A CA  1 
ATOM   332  C C   . ALA A 1 47  ? 1.060   -8.139  2.271   1.00 5.41  ?  136 ALA A C   1 
ATOM   333  O O   . ALA A 1 47  ? 1.180   -7.132  1.560   1.00 5.44  ?  136 ALA A O   1 
ATOM   334  C CB  . ALA A 1 47  ? -1.258  -9.026  2.087   1.00 6.81  ?  136 ALA A CB  1 
ATOM   335  N N   . ILE A 1 48  ? 1.637   -8.241  3.472   1.00 5.04  ?  137 ILE A N   1 
ATOM   336  C CA  . ILE A 1 48  ? 2.424   -7.134  4.004   1.00 5.97  ?  137 ILE A CA  1 
ATOM   337  C C   . ILE A 1 48  ? 3.563   -6.780  3.053   1.00 5.34  ?  137 ILE A C   1 
ATOM   338  O O   . ILE A 1 48  ? 3.867   -5.601  2.846   1.00 5.61  ?  137 ILE A O   1 
ATOM   339  C CB  . ILE A 1 48  ? 2.939   -7.469  5.412   1.00 5.18  ?  137 ILE A CB  1 
ATOM   340  C CG1 . ILE A 1 48  ? 1.760   -7.642  6.376   1.00 6.91  ?  137 ILE A CG1 1 
ATOM   341  C CG2 . ILE A 1 48  ? 3.908   -6.385  5.905   1.00 7.37  ?  137 ILE A CG2 1 
ATOM   342  C CD1 . ILE A 1 48  ? 2.156   -8.182  7.754   1.00 9.61  ?  137 ILE A CD1 1 
ATOM   343  N N   . TYR A 1 49  ? 4.203   -7.784  2.448   1.00 5.92  ?  138 TYR A N   1 
ATOM   344  C CA  . TYR A 1 49  ? 5.349   -7.483  1.591   1.00 4.24  ?  138 TYR A CA  1 
ATOM   345  C C   . TYR A 1 49  ? 4.921   -6.635  0.401   1.00 5.68  ?  138 TYR A C   1 
ATOM   346  O O   . TYR A 1 49  ? 5.649   -5.727  -0.021  1.00 5.03  ?  138 TYR A O   1 
ATOM   347  C CB  . TYR A 1 49  ? 6.019   -8.769  1.091   1.00 5.61  ?  138 TYR A CB  1 
ATOM   348  C CG  . TYR A 1 49  ? 6.466   -9.757  2.150   1.00 5.99  ?  138 TYR A CG  1 
ATOM   349  C CD1 . TYR A 1 49  ? 6.576   -9.397  3.491   1.00 7.19  ?  138 TYR A CD1 1 
ATOM   350  C CD2 . TYR A 1 49  ? 6.798   -11.062 1.790   1.00 5.88  ?  138 TYR A CD2 1 
ATOM   351  C CE1 . TYR A 1 49  ? 6.992   -10.314 4.447   1.00 8.06  ?  138 TYR A CE1 1 
ATOM   352  C CE2 . TYR A 1 49  ? 7.201   -11.977 2.732   1.00 5.31  ?  138 TYR A CE2 1 
ATOM   353  C CZ  . TYR A 1 49  ? 7.298   -11.605 4.053   1.00 8.42  ?  138 TYR A CZ  1 
ATOM   354  O OH  . TYR A 1 49  ? 7.706   -12.540 4.974   1.00 8.54  ?  138 TYR A OH  1 
ATOM   355  N N   . TYR A 1 50  ? 3.746   -6.927  -0.159  1.00 5.11  ?  139 TYR A N   1 
ATOM   356  C CA  . TYR A 1 50  ? 3.259   -6.158  -1.292  1.00 5.37  ?  139 TYR A CA  1 
ATOM   357  C C   . TYR A 1 50  ? 2.845   -4.759  -0.868  1.00 4.93  ?  139 TYR A C   1 
ATOM   358  O O   . TYR A 1 50  ? 3.077   -3.792  -1.605  1.00 5.42  ?  139 TYR A O   1 
ATOM   359  C CB  . TYR A 1 50  ? 2.076   -6.873  -1.944  1.00 4.87  ?  139 TYR A CB  1 
ATOM   360  C CG  . TYR A 1 50  ? 2.434   -8.038  -2.820  1.00 9.87  ?  139 TYR A CG  1 
ATOM   361  C CD1 . TYR A 1 50  ? 2.446   -9.328  -2.328  1.00 11.07 ?  139 TYR A CD1 1 
ATOM   362  C CD2 . TYR A 1 50  ? 2.709   -7.844  -4.166  1.00 10.83 ?  139 TYR A CD2 1 
ATOM   363  C CE1 . TYR A 1 50  ? 2.763   -10.407 -3.167  1.00 8.44  ?  139 TYR A CE1 1 
ATOM   364  C CE2 . TYR A 1 50  ? 3.023   -8.894  -4.992  1.00 14.12 ?  139 TYR A CE2 1 
ATOM   365  C CZ  . TYR A 1 50  ? 3.046   -10.170 -4.492  1.00 10.72 ?  139 TYR A CZ  1 
ATOM   366  O OH  . TYR A 1 50  ? 3.352   -11.210 -5.358  1.00 15.35 ?  139 TYR A OH  1 
ATOM   367  N N   . ALA A 1 51  ? 2.197   -4.638  0.291   1.00 5.46  ?  140 ALA A N   1 
ATOM   368  C CA  . ALA A 1 51  ? 1.831   -3.315  0.783   1.00 3.68  ?  140 ALA A CA  1 
ATOM   369  C C   . ALA A 1 51  ? 3.074   -2.474  1.049   1.00 5.81  ?  140 ALA A C   1 
ATOM   370  O O   . ALA A 1 51  ? 3.102   -1.279  0.738   1.00 6.08  ?  140 ALA A O   1 
ATOM   371  C CB  . ALA A 1 51  ? 0.965   -3.446  2.037   1.00 4.63  ?  140 ALA A CB  1 
ATOM   372  N N   . ASN A 1 52  ? 4.124   -3.090  1.609   1.00 5.00  ?  141 ASN A N   1 
ATOM   373  C CA  . ASN A 1 52  ? 5.373   -2.366  1.819   1.00 4.96  ?  141 ASN A CA  1 
ATOM   374  C C   . ASN A 1 52  ? 5.986   -1.942  0.490   1.00 6.38  ?  141 ASN A C   1 
ATOM   375  O O   . ASN A 1 52  ? 6.478   -0.815  0.352   1.00 4.85  ?  141 ASN A O   1 
ATOM   376  C CB  . ASN A 1 52  ? 6.367   -3.235  2.591   1.00 6.00  ?  141 ASN A CB  1 
ATOM   377  C CG  . ASN A 1 52  ? 5.954   -3.481  4.044   1.00 7.44  ?  141 ASN A CG  1 
ATOM   378  O OD1 . ASN A 1 52  ? 4.965   -2.947  4.537   1.00 8.90  ?  141 ASN A OD1 1 
ATOM   379  N ND2 . ASN A 1 52  ? 6.733   -4.311  4.736   1.00 7.18  ?  141 ASN A ND2 1 
ATOM   380  N N   . ARG A 1 53  ? 5.990   -2.840  -0.496  1.00 4.98  ?  142 ARG A N   1 
ATOM   381  C CA  . ARG A 1 53  ? 6.571   -2.476  -1.785  1.00 5.60  ?  142 ARG A CA  1 
ATOM   382  C C   . ARG A 1 53  ? 5.752   -1.380  -2.469  1.00 6.66  ?  142 ARG A C   1 
ATOM   383  O O   . ARG A 1 53  ? 6.322   -0.481  -3.099  1.00 5.13  ?  142 ARG A O   1 
ATOM   384  C CB  . ARG A 1 53  ? 6.722   -3.721  -2.669  1.00 4.66  ?  142 ARG A CB  1 
ATOM   385  C CG  . ARG A 1 53  ? 7.719   -3.505  -3.822  1.00 4.56  ?  142 ARG A CG  1 
ATOM   386  C CD  . ARG A 1 53  ? 8.027   -4.772  -4.582  1.00 7.98  ?  142 ARG A CD  1 
ATOM   387  N NE  . ARG A 1 53  ? 6.850   -5.253  -5.294  1.00 6.44  ?  142 ARG A NE  1 
ATOM   388  C CZ  . ARG A 1 53  ? 6.811   -6.399  -5.966  1.00 6.76  ?  142 ARG A CZ  1 
ATOM   389  N NH1 . ARG A 1 53  ? 7.888   -7.175  -6.024  1.00 7.50  ?  142 ARG A NH1 1 
ATOM   390  N NH2 . ARG A 1 53  ? 5.692   -6.771  -6.578  1.00 8.28  ?  142 ARG A NH2 1 
ATOM   391  N N   . ALA A 1 54  ? 4.421   -1.423  -2.339  1.00 3.69  ?  143 ALA A N   1 
ATOM   392  C CA  . ALA A 1 54  ? 3.598   -0.322  -2.846  1.00 3.87  ?  143 ALA A CA  1 
ATOM   393  C C   . ALA A 1 54  ? 4.020   1.011   -2.235  1.00 5.45  ?  143 ALA A C   1 
ATOM   394  O O   . ALA A 1 54  ? 4.151   2.012   -2.949  1.00 5.81  ?  143 ALA A O   1 
ATOM   395  C CB  . ALA A 1 54  ? 2.124   -0.597  -2.564  1.00 3.98  ?  143 ALA A CB  1 
ATOM   396  N N   . ALA A 1 55  ? 4.265   1.040   -0.920  1.00 4.87  ?  144 ALA A N   1 
ATOM   397  C CA  . ALA A 1 55  ? 4.688   2.277   -0.266  1.00 3.64  ?  144 ALA A CA  1 
ATOM   398  C C   . ALA A 1 55  ? 6.010   2.786   -0.828  1.00 4.72  ?  144 ALA A C   1 
ATOM   399  O O   . ALA A 1 55  ? 6.174   3.993   -1.052  1.00 5.96  ?  144 ALA A O   1 
ATOM   400  C CB  . ALA A 1 55  ? 4.803   2.062   1.247   1.00 5.56  ?  144 ALA A CB  1 
ATOM   401  N N   . ALA A 1 56  ? 6.975   1.888   -1.042  1.00 5.43  ?  145 ALA A N   1 
ATOM   402  C CA  . ALA A 1 56  ? 8.261   2.297   -1.600  1.00 4.80  ?  145 ALA A CA  1 
ATOM   403  C C   . ALA A 1 56  ? 8.112   2.841   -3.018  1.00 5.17  ?  145 ALA A C   1 
ATOM   404  O O   . ALA A 1 56  ? 8.720   3.859   -3.370  1.00 6.97  ?  145 ALA A O   1 
ATOM   405  C CB  . ALA A 1 56  ? 9.228   1.111   -1.575  1.00 4.59  ?  145 ALA A CB  1 
ATOM   406  N N   . HIS A 1 57  ? 7.320   2.171   -3.853  1.00 6.08  ?  146 HIS A N   1 
ATOM   407  C CA  . HIS A 1 57  ? 7.052   2.713   -5.180  1.00 4.65  ?  146 HIS A CA  1 
ATOM   408  C C   . HIS A 1 57  ? 6.419   4.095   -5.092  1.00 6.57  ?  146 HIS A C   1 
ATOM   409  O O   . HIS A 1 57  ? 6.808   5.008   -5.829  1.00 6.86  ?  146 HIS A O   1 
ATOM   410  C CB  . HIS A 1 57  ? 6.158   1.755   -5.970  1.00 5.23  ?  146 HIS A CB  1 
ATOM   411  C CG  . HIS A 1 57  ? 6.895   0.600   -6.583  1.00 7.72  ?  146 HIS A CG  1 
ATOM   412  N ND1 . HIS A 1 57  ? 7.906   0.761   -7.511  1.00 8.03  ?  146 HIS A ND1 1 
ATOM   413  C CD2 . HIS A 1 57  ? 6.745   -0.735  -6.421  1.00 7.03  ?  146 HIS A CD2 1 
ATOM   414  C CE1 . HIS A 1 57  ? 8.349   -0.426  -7.886  1.00 8.35  ?  146 HIS A CE1 1 
ATOM   415  N NE2 . HIS A 1 57  ? 7.664   -1.352  -7.236  1.00 7.50  ?  146 HIS A NE2 1 
ATOM   416  N N   . SER A 1 58  ? 5.465   4.280   -4.178  1.00 4.65  ?  147 SER A N   1 
ATOM   417  C CA  . SER A 1 58  ? 4.810   5.584   -4.090  1.00 5.74  ?  147 SER A CA  1 
ATOM   418  C C   . SER A 1 58  ? 5.785   6.662   -3.638  1.00 5.66  ?  147 SER A C   1 
ATOM   419  O O   . SER A 1 58  ? 5.691   7.815   -4.088  1.00 7.59  ?  147 SER A O   1 
ATOM   420  C CB  . SER A 1 58  ? 3.599   5.512   -3.155  1.00 6.04  ?  147 SER A CB  1 
ATOM   421  O OG  . SER A 1 58  ? 2.497   4.897   -3.818  1.00 6.83  ?  147 SER A OG  1 
ATOM   422  N N   . SER A 1 59  ? 6.722   6.314   -2.747  1.00 6.49  ?  148 SER A N   1 
ATOM   423  C CA  . SER A 1 59  ? 7.706   7.297   -2.310  1.00 7.48  ?  148 SER A CA  1 
ATOM   424  C C   . SER A 1 59  ? 8.596   7.745   -3.457  1.00 7.75  ?  148 SER A C   1 
ATOM   425  O O   . SER A 1 59  ? 9.141   8.857   -3.414  1.00 8.77  ?  148 SER A O   1 
ATOM   426  C CB  . SER A 1 59  ? 8.553   6.729   -1.177  1.00 10.62 ?  148 SER A CB  1 
ATOM   427  O OG  . SER A 1 59  ? 7.751   6.503   -0.036  1.00 10.20 ?  148 SER A OG  1 
ATOM   428  N N   . LEU A 1 60  ? 8.763   6.899   -4.476  1.00 7.38  ?  149 LEU A N   1 
ATOM   429  C CA  . LEU A 1 60  ? 9.479   7.245   -5.702  1.00 6.72  ?  149 LEU A CA  1 
ATOM   430  C C   . LEU A 1 60  ? 8.568   7.806   -6.785  1.00 8.10  ?  149 LEU A C   1 
ATOM   431  O O   . LEU A 1 60  ? 9.017   7.967   -7.927  1.00 10.63 ?  149 LEU A O   1 
ATOM   432  C CB  . LEU A 1 60  ? 10.206  6.026   -6.261  1.00 8.89  ?  149 LEU A CB  1 
ATOM   433  C CG  . LEU A 1 60  ? 11.302  5.460   -5.371  1.00 10.08 ?  149 LEU A CG  1 
ATOM   434  C CD1 . LEU A 1 60  ? 11.891  4.227   -6.040  1.00 9.87  ?  149 LEU A CD1 1 
ATOM   435  C CD2 . LEU A 1 60  ? 12.365  6.514   -5.128  1.00 10.28 ?  149 LEU A CD2 1 
ATOM   436  N N   . LYS A 1 61  ? 7.307   8.096   -6.457  1.00 9.45  ?  150 LYS A N   1 
ATOM   437  C CA  . LYS A 1 61  ? 6.312   8.566   -7.427  1.00 6.35  ?  150 LYS A CA  1 
ATOM   438  C C   . LYS A 1 61  ? 6.177   7.602   -8.604  1.00 8.23  ?  150 LYS A C   1 
ATOM   439  O O   . LYS A 1 61  ? 5.896   8.007   -9.736  1.00 10.31 ?  150 LYS A O   1 
ATOM   440  C CB  . LYS A 1 61  ? 6.629   9.989   -7.906  1.00 10.26 ?  150 LYS A CB  1 
ATOM   441  C CG  . LYS A 1 61  ? 6.799   10.974  -6.752  1.00 8.22  ?  150 LYS A CG  1 
ATOM   442  C CD  . LYS A 1 61  ? 6.977   12.398  -7.275  1.00 11.34 ?  150 LYS A CD  1 
ATOM   443  C CE  . LYS A 1 61  ? 7.040   13.404  -6.144  1.00 16.48 ?  150 LYS A CE  1 
ATOM   444  N NZ  . LYS A 1 61  ? 5.795   13.411  -5.329  1.00 27.62 ?  150 LYS A NZ  1 
ATOM   445  N N   . GLU A 1 62  ? 6.367   6.313   -8.327  1.00 5.96  ?  151 GLU A N   1 
ATOM   446  C CA  . GLU A 1 62  ? 6.107   5.239   -9.285  1.00 7.98  ?  151 GLU A CA  1 
ATOM   447  C C   . GLU A 1 62  ? 4.728   4.656   -8.998  1.00 7.07  ?  151 GLU A C   1 
ATOM   448  O O   . GLU A 1 62  ? 4.572   3.539   -8.496  1.00 7.71  ?  151 GLU A O   1 
ATOM   449  C CB  . GLU A 1 62  ? 7.205   4.181   -9.192  1.00 6.32  ?  151 GLU A CB  1 
ATOM   450  C CG  . GLU A 1 62  ? 8.561   4.687   -9.660  1.00 7.93  ?  151 GLU A CG  1 
ATOM   451  C CD  . GLU A 1 62  ? 9.696   3.746   -9.338  1.00 16.47 ?  151 GLU A CD  1 
ATOM   452  O OE1 . GLU A 1 62  ? 9.438   2.694   -8.717  1.00 11.85 ?  151 GLU A OE1 1 
ATOM   453  O OE2 . GLU A 1 62  ? 10.855  4.066   -9.689  1.00 12.73 ?  151 GLU A OE2 1 
ATOM   454  N N   . TYR A 1 63  ? 3.704   5.448   -9.324  1.00 8.97  ?  152 TYR A N   1 
ATOM   455  C CA  . TYR A 1 63  ? 2.377   5.142   -8.802  1.00 7.64  ?  152 TYR A CA  1 
ATOM   456  C C   . TYR A 1 63  ? 1.691   3.996   -9.541  1.00 7.70  ?  152 TYR A C   1 
ATOM   457  O O   . TYR A 1 63  ? 0.851   3.320   -8.942  1.00 7.31  ?  152 TYR A O   1 
ATOM   458  C CB  . TYR A 1 63  ? 1.498   6.395   -8.821  1.00 7.23  ?  152 TYR A CB  1 
ATOM   459  C CG  . TYR A 1 63  ? 2.020   7.507   -7.942  1.00 9.69  ?  152 TYR A CG  1 
ATOM   460  C CD1 . TYR A 1 63  ? 2.213   7.313   -6.582  1.00 7.57  ?  152 TYR A CD1 1 
ATOM   461  C CD2 . TYR A 1 63  ? 2.309   8.762   -8.474  1.00 12.84 ?  152 TYR A CD2 1 
ATOM   462  C CE1 . TYR A 1 63  ? 2.693   8.324   -5.770  1.00 10.59 ?  152 TYR A CE1 1 
ATOM   463  C CE2 . TYR A 1 63  ? 2.796   9.773   -7.674  1.00 11.10 ?  152 TYR A CE2 1 
ATOM   464  C CZ  . TYR A 1 63  ? 2.974   9.552   -6.328  1.00 12.79 ?  152 TYR A CZ  1 
ATOM   465  O OH  . TYR A 1 63  ? 3.444   10.559  -5.528  1.00 13.79 ?  152 TYR A OH  1 
ATOM   466  N N   . ASP A 1 64  ? 1.986   3.783   -10.832 1.00 8.52  ?  153 ASP A N   1 
ATOM   467  C CA  . ASP A 1 64  ? 1.409   2.633   -11.526 1.00 9.72  ?  153 ASP A CA  1 
ATOM   468  C C   . ASP A 1 64  ? 1.865   1.340   -10.875 1.00 7.55  ?  153 ASP A C   1 
ATOM   469  O O   . ASP A 1 64  ? 1.070   0.412   -10.685 1.00 7.65  ?  153 ASP A O   1 
ATOM   470  C CB  . ASP A 1 64  ? 1.791   2.640   -13.010 1.00 11.79 ?  153 ASP A CB  1 
ATOM   471  C CG  . ASP A 1 64  ? 1.105   3.740   -13.784 1.00 20.90 ?  153 ASP A CG  1 
ATOM   472  O OD1 . ASP A 1 64  ? -0.110  3.945   -13.576 1.00 18.85 ?  153 ASP A OD1 1 
ATOM   473  O OD2 . ASP A 1 64  ? 1.786   4.402   -14.596 1.00 28.14 ?  153 ASP A OD2 1 
ATOM   474  N N   . GLN A 1 65  ? 3.144   1.269   -10.507 1.00 7.56  ?  154 GLN A N   1 
ATOM   475  C CA  . GLN A 1 65  ? 3.646   0.078   -9.831  1.00 5.67  ?  154 GLN A CA  1 
ATOM   476  C C   . GLN A 1 65  ? 3.090   -0.033  -8.423  1.00 6.32  ?  154 GLN A C   1 
ATOM   477  O O   . GLN A 1 65  ? 2.822   -1.141  -7.943  1.00 6.79  ?  154 GLN A O   1 
ATOM   478  C CB  . GLN A 1 65  ? 5.171   0.100   -9.810  1.00 6.46  ?  154 GLN A CB  1 
ATOM   479  C CG  . GLN A 1 65  ? 5.746   0.005   -11.217 1.00 12.75 ?  154 GLN A CG  1 
ATOM   480  C CD  . GLN A 1 65  ? 7.248   0.098   -11.255 1.00 23.26 ?  154 GLN A CD  1 
ATOM   481  O OE1 . GLN A 1 65  ? 7.945   -0.860  -10.916 1.00 25.93 ?  154 GLN A OE1 1 
ATOM   482  N NE2 . GLN A 1 65  ? 7.765   1.253   -11.686 1.00 16.33 ?  154 GLN A NE2 1 
ATOM   483  N N   . ALA A 1 66  ? 2.910   1.101   -7.745  1.00 6.01  ?  155 ALA A N   1 
ATOM   484  C CA  . ALA A 1 66  ? 2.313   1.078   -6.417  1.00 5.31  ?  155 ALA A CA  1 
ATOM   485  C C   . ALA A 1 66  ? 0.891   0.554   -6.470  1.00 4.65  ?  155 ALA A C   1 
ATOM   486  O O   . ALA A 1 66  ? 0.476   -0.225  -5.605  1.00 6.35  ?  155 ALA A O   1 
ATOM   487  C CB  . ALA A 1 66  ? 2.348   2.478   -5.799  1.00 6.52  ?  155 ALA A CB  1 
ATOM   488  N N   . VAL A 1 67  ? 0.123   0.970   -7.483  1.00 6.53  ?  156 VAL A N   1 
ATOM   489  C CA  . VAL A 1 67  ? -1.244  0.479   -7.624  1.00 4.07  ?  156 VAL A CA  1 
ATOM   490  C C   . VAL A 1 67  ? -1.253  -1.030  -7.820  1.00 6.81  ?  156 VAL A C   1 
ATOM   491  O O   . VAL A 1 67  ? -2.059  -1.745  -7.210  1.00 5.75  ?  156 VAL A O   1 
ATOM   492  C CB  . VAL A 1 67  ? -1.949  1.201   -8.788  1.00 5.24  ?  156 VAL A CB  1 
ATOM   493  C CG1 . VAL A 1 67  ? -3.229  0.464   -9.168  1.00 7.44  ?  156 VAL A CG1 1 
ATOM   494  C CG2 . VAL A 1 67  ? -2.241  2.647   -8.403  1.00 8.24  ?  156 VAL A CG2 1 
ATOM   495  N N   . LYS A 1 68  ? -0.358  -1.539  -8.672  1.00 5.37  ?  157 LYS A N   1 
ATOM   496  C CA  . LYS A 1 68  ? -0.299  -2.978  -8.908  1.00 6.54  ?  157 LYS A CA  1 
ATOM   497  C C   . LYS A 1 68  ? 0.017   -3.733  -7.623  1.00 5.04  ?  157 LYS A C   1 
ATOM   498  O O   . LYS A 1 68  ? -0.625  -4.742  -7.313  1.00 6.15  ?  157 LYS A O   1 
ATOM   499  C CB  . LYS A 1 68  ? 0.737   -3.288  -9.986  1.00 9.12  ?  157 LYS A CB  1 
ATOM   500  C CG  . LYS A 1 68  ? 0.654   -4.704  -10.540 1.00 17.53 ?  157 LYS A CG  1 
ATOM   501  C CD  . LYS A 1 68  ? 1.494   -4.854  -11.803 1.00 23.15 ?  157 LYS A CD  1 
ATOM   502  C CE  . LYS A 1 68  ? 2.708   -5.736  -11.556 1.00 29.65 ?  157 LYS A CE  1 
ATOM   503  N NZ  . LYS A 1 68  ? 2.308   -7.086  -11.069 1.00 30.17 ?  157 LYS A NZ  1 
ATOM   504  N N   . ASP A 1 69  ? 0.992   -3.252  -6.853  1.00 5.19  ?  158 ASP A N   1 
ATOM   505  C CA  . ASP A 1 69  ? 1.350   -3.944  -5.620  1.00 4.34  ?  158 ASP A CA  1 
ATOM   506  C C   . ASP A 1 69  ? 0.229   -3.869  -4.587  1.00 5.02  ?  158 ASP A C   1 
ATOM   507  O O   . ASP A 1 69  ? -0.009  -4.835  -3.853  1.00 4.87  ?  158 ASP A O   1 
ATOM   508  C CB  . ASP A 1 69  ? 2.636   -3.355  -5.048  1.00 6.90  ?  158 ASP A CB  1 
ATOM   509  C CG  . ASP A 1 69  ? 3.859   -3.772  -5.828  1.00 7.09  ?  158 ASP A CG  1 
ATOM   510  O OD1 . ASP A 1 69  ? 3.730   -4.662  -6.703  1.00 10.83 ?  158 ASP A OD1 1 
ATOM   511  O OD2 . ASP A 1 69  ? 4.947   -3.228  -5.540  1.00 8.45  ?  158 ASP A OD2 1 
ATOM   512  N N   . ALA A 1 70  ? -0.436  -2.714  -4.480  1.00 6.15  ?  159 ALA A N   1 
ATOM   513  C CA  . ALA A 1 70  ? -1.560  -2.597  -3.555  1.00 4.67  ?  159 ALA A CA  1 
ATOM   514  C C   . ALA A 1 70  ? -2.681  -3.547  -3.947  1.00 4.86  ?  159 ALA A C   1 
ATOM   515  O O   . ALA A 1 70  ? -3.317  -4.165  -3.084  1.00 3.97  ?  159 ALA A O   1 
ATOM   516  C CB  . ALA A 1 70  ? -2.074  -1.155  -3.525  1.00 3.90  ?  159 ALA A CB  1 
ATOM   517  N N   . GLU A 1 71  ? -2.970  -3.635  -5.249  1.00 5.81  ?  160 GLU A N   1 
ATOM   518  C CA  . GLU A 1 71  ? -3.978  -4.579  -5.726  1.00 5.28  ?  160 GLU A CA  1 
ATOM   519  C C   . GLU A 1 71  ? -3.582  -6.018  -5.418  1.00 5.71  ?  160 GLU A C   1 
ATOM   520  O O   . GLU A 1 71  ? -4.432  -6.832  -5.052  1.00 6.60  ?  160 GLU A O   1 
ATOM   521  C CB  . GLU A 1 71  ? -4.216  -4.359  -7.225  1.00 4.63  ?  160 GLU A CB  1 
ATOM   522  C CG  . GLU A 1 71  ? -4.991  -3.073  -7.532  1.00 6.62  ?  160 GLU A CG  1 
ATOM   523  C CD  . GLU A 1 71  ? -4.939  -2.665  -8.997  1.00 11.66 ?  160 GLU A CD  1 
ATOM   524  O OE1 . GLU A 1 71  ? -4.065  -3.165  -9.734  1.00 14.00 ?  160 GLU A OE1 1 
ATOM   525  O OE2 . GLU A 1 71  ? -5.765  -1.823  -9.410  1.00 15.54 ?  160 GLU A OE2 1 
ATOM   526  N N   . SER A 1 72  ? -2.293  -6.345  -5.522  1.00 5.42  ?  161 SER A N   1 
ATOM   527  C CA  . SER A 1 72  ? -1.854  -7.673  -5.106  1.00 4.22  ?  161 SER A CA  1 
ATOM   528  C C   . SER A 1 72  ? -2.091  -7.889  -3.613  1.00 5.25  ?  161 SER A C   1 
ATOM   529  O O   . SER A 1 72  ? -2.583  -8.949  -3.201  1.00 5.81  ?  161 SER A O   1 
ATOM   530  C CB  . SER A 1 72  ? -0.382  -7.868  -5.452  1.00 5.95  ?  161 SER A CB  1 
ATOM   531  O OG  . SER A 1 72  ? -0.181  -7.903  -6.854  1.00 6.99  ?  161 SER A OG  1 
ATOM   532  N N   . ALA A 1 73  ? -1.733  -6.899  -2.782  1.00 5.74  ?  162 ALA A N   1 
ATOM   533  C CA  . ALA A 1 73  ? -1.956  -7.020  -1.343  1.00 4.54  ?  162 ALA A CA  1 
ATOM   534  C C   . ALA A 1 73  ? -3.429  -7.250  -1.033  1.00 4.99  ?  162 ALA A C   1 
ATOM   535  O O   . ALA A 1 73  ? -3.775  -8.038  -0.143  1.00 5.88  ?  162 ALA A O   1 
ATOM   536  C CB  . ALA A 1 73  ? -1.460  -5.761  -0.619  1.00 4.81  ?  162 ALA A CB  1 
ATOM   537  N N   . ILE A 1 74  ? -4.310  -6.549  -1.747  1.00 3.47  ?  163 ILE A N   1 
ATOM   538  C CA  . ILE A 1 74  ? -5.742  -6.700  -1.520  1.00 4.65  ?  163 ILE A CA  1 
ATOM   539  C C   . ILE A 1 74  ? -6.188  -8.104  -1.898  1.00 6.84  ?  163 ILE A C   1 
ATOM   540  O O   . ILE A 1 74  ? -6.953  -8.743  -1.167  1.00 7.03  ?  163 ILE A O   1 
ATOM   541  C CB  . ILE A 1 74  ? -6.516  -5.623  -2.307  1.00 5.04  ?  163 ILE A CB  1 
ATOM   542  C CG1 . ILE A 1 74  ? -6.238  -4.237  -1.718  1.00 6.79  ?  163 ILE A CG1 1 
ATOM   543  C CG2 . ILE A 1 74  ? -8.017  -5.940  -2.346  1.00 5.30  ?  163 ILE A CG2 1 
ATOM   544  C CD1 . ILE A 1 74  ? -6.546  -3.086  -2.656  1.00 7.82  ?  163 ILE A CD1 1 
ATOM   545  N N   . SER A 1 75  ? -5.693  -8.617  -3.030  1.00 5.38  ?  164 SER A N   1 
ATOM   546  C CA  . SER A 1 75  ? -6.068  -9.960  -3.461  1.00 5.94  ?  164 SER A CA  1 
ATOM   547  C C   . SER A 1 75  ? -5.572  -11.019 -2.486  1.00 5.52  ?  164 SER A C   1 
ATOM   548  O O   . SER A 1 75  ? -6.265  -12.009 -2.226  1.00 6.39  ?  164 SER A O   1 
ATOM   549  C CB  . SER A 1 75  ? -5.510  -10.229 -4.854  1.00 5.92  ?  164 SER A CB  1 
ATOM   550  O OG  . SER A 1 75  ? -6.165  -9.411  -5.800  1.00 7.90  ?  164 SER A OG  1 
ATOM   551  N N   . ILE A 1 76  ? -4.380  -10.817 -1.924  1.00 6.16  ?  165 ILE A N   1 
ATOM   552  C CA  . ILE A 1 76  ? -3.774  -11.831 -1.072  1.00 6.15  ?  165 ILE A CA  1 
ATOM   553  C C   . ILE A 1 76  ? -4.389  -11.823 0.322   1.00 7.05  ?  165 ILE A C   1 
ATOM   554  O O   . ILE A 1 76  ? -4.519  -12.882 0.948   1.00 9.31  ?  165 ILE A O   1 
ATOM   555  C CB  . ILE A 1 76  ? -2.248  -11.627 -1.052  1.00 8.16  ?  165 ILE A CB  1 
ATOM   556  C CG1 . ILE A 1 76  ? -1.678  -12.038 -2.417  1.00 8.68  ?  165 ILE A CG1 1 
ATOM   557  C CG2 . ILE A 1 76  ? -1.579  -12.338 0.140   1.00 8.48  ?  165 ILE A CG2 1 
ATOM   558  C CD1 . ILE A 1 76  ? -0.255  -11.590 -2.680  1.00 10.04 ?  165 ILE A CD1 1 
ATOM   559  N N   . ASP A 1 77  ? -4.794  -10.657 0.829   1.00 4.48  ?  166 ASP A N   1 
ATOM   560  C CA  . ASP A 1 77  ? -5.526  -10.585 2.091   1.00 7.92  ?  166 ASP A CA  1 
ATOM   561  C C   . ASP A 1 77  ? -6.554  -9.468  2.037   1.00 7.97  ?  166 ASP A C   1 
ATOM   562  O O   . ASP A 1 77  ? -6.274  -8.320  2.413   1.00 7.49  ?  166 ASP A O   1 
ATOM   563  C CB  . ASP A 1 77  ? -4.579  -10.399 3.274   1.00 6.58  ?  166 ASP A CB  1 
ATOM   564  C CG  . ASP A 1 77  ? -5.284  -10.585 4.604   1.00 10.66 ?  166 ASP A CG  1 
ATOM   565  O OD1 . ASP A 1 77  ? -6.532  -10.693 4.596   1.00 11.65 ?  166 ASP A OD1 1 
ATOM   566  O OD2 . ASP A 1 77  ? -4.599  -10.605 5.654   1.00 13.19 ?  166 ASP A OD2 1 
ATOM   567  N N   . PRO A 1 78  ? -7.774  -9.780  1.584   1.00 6.33  ?  167 PRO A N   1 
ATOM   568  C CA  . PRO A 1 78  ? -8.820  -8.756  1.429   1.00 6.16  ?  167 PRO A CA  1 
ATOM   569  C C   . PRO A 1 78  ? -9.324  -8.178  2.733   1.00 7.93  ?  167 PRO A C   1 
ATOM   570  O O   . PRO A 1 78  ? -10.066 -7.185  2.701   1.00 12.73 ?  167 PRO A O   1 
ATOM   571  C CB  . PRO A 1 78  ? -9.950  -9.517  0.715   1.00 10.24 ?  167 PRO A CB  1 
ATOM   572  C CG  . PRO A 1 78  ? -9.276  -10.687 0.063   1.00 8.92  ?  167 PRO A CG  1 
ATOM   573  C CD  . PRO A 1 78  ? -8.121  -11.051 0.931   1.00 8.87  ?  167 PRO A CD  1 
ATOM   574  N N   . SER A 1 79  ? -8.986  -8.788  3.859   1.00 11.55 ?  168 SER A N   1 
ATOM   575  C CA  . SER A 1 79  ? -9.397  -8.292  5.163   1.00 14.35 ?  168 SER A CA  1 
ATOM   576  C C   . SER A 1 79  ? -8.358  -7.361  5.768   1.00 11.86 ?  168 SER A C   1 
ATOM   577  O O   . SER A 1 79  ? -8.594  -6.810  6.847   1.00 12.99 ?  168 SER A O   1 
ATOM   578  C CB  . SER A 1 79  ? -9.671  -9.465  6.109   1.00 18.80 ?  168 SER A CB  1 
ATOM   579  O OG  . SER A 1 79  ? -8.467  -10.093 6.521   1.00 21.56 ?  168 SER A OG  1 
ATOM   580  N N   . TYR A 1 80  ? -7.224  -7.173  5.087   1.00 8.38  ?  169 TYR A N   1 
ATOM   581  C CA  . TYR A 1 80  ? -6.101  -6.381  5.587   1.00 9.69  ?  169 TYR A CA  1 
ATOM   582  C C   . TYR A 1 80  ? -6.237  -4.958  5.062   1.00 9.49  ?  169 TYR A C   1 
ATOM   583  O O   . TYR A 1 80  ? -6.125  -4.719  3.856   1.00 8.11  ?  169 TYR A O   1 
ATOM   584  C CB  . TYR A 1 80  ? -4.787  -7.016  5.139   1.00 7.16  ?  169 TYR A CB  1 
ATOM   585  C CG  . TYR A 1 80  ? -3.515  -6.276  5.510   1.00 8.63  ?  169 TYR A CG  1 
ATOM   586  C CD1 . TYR A 1 80  ? -3.318  -5.782  6.795   1.00 10.54 ?  169 TYR A CD1 1 
ATOM   587  C CD2 . TYR A 1 80  ? -2.486  -6.122  4.582   1.00 8.04  ?  169 TYR A CD2 1 
ATOM   588  C CE1 . TYR A 1 80  ? -2.131  -5.127  7.136   1.00 12.66 ?  169 TYR A CE1 1 
ATOM   589  C CE2 . TYR A 1 80  ? -1.313  -5.472  4.907   1.00 10.16 ?  169 TYR A CE2 1 
ATOM   590  C CZ  . TYR A 1 80  ? -1.132  -4.984  6.183   1.00 10.36 ?  169 TYR A CZ  1 
ATOM   591  O OH  . TYR A 1 80  ? 0.047   -4.339  6.495   1.00 13.41 ?  169 TYR A OH  1 
ATOM   592  N N   . PHE A 1 81  ? -6.470  -4.007  5.968   1.00 7.57  ?  170 PHE A N   1 
ATOM   593  C CA  . PHE A 1 81  ? -6.820  -2.655  5.542   1.00 5.48  ?  170 PHE A CA  1 
ATOM   594  C C   . PHE A 1 81  ? -5.682  -1.979  4.789   1.00 8.67  ?  170 PHE A C   1 
ATOM   595  O O   . PHE A 1 81  ? -5.929  -1.123  3.928   1.00 10.46 ?  170 PHE A O   1 
ATOM   596  C CB  . PHE A 1 81  ? -7.223  -1.811  6.758   1.00 9.45  ?  170 PHE A CB  1 
ATOM   597  C CG  . PHE A 1 81  ? -6.059  -1.337  7.586   1.00 9.13  ?  170 PHE A CG  1 
ATOM   598  C CD1 . PHE A 1 81  ? -5.668  -2.042  8.713   1.00 11.97 ?  170 PHE A CD1 1 
ATOM   599  C CD2 . PHE A 1 81  ? -5.358  -0.190  7.236   1.00 10.73 ?  170 PHE A CD2 1 
ATOM   600  C CE1 . PHE A 1 81  ? -4.600  -1.617  9.476   1.00 15.37 ?  170 PHE A CE1 1 
ATOM   601  C CE2 . PHE A 1 81  ? -4.283  0.239   7.992   1.00 11.47 ?  170 PHE A CE2 1 
ATOM   602  C CZ  . PHE A 1 81  ? -3.908  -0.477  9.118   1.00 13.42 ?  170 PHE A CZ  1 
ATOM   603  N N   . ARG A 1 82  ? -4.433  -2.335  5.100   1.00 7.12  ?  171 ARG A N   1 
ATOM   604  C CA  . ARG A 1 82  ? -3.316  -1.539  4.610   1.00 9.12  ?  171 ARG A CA  1 
ATOM   605  C C   . ARG A 1 82  ? -3.175  -1.620  3.094   1.00 7.53  ?  171 ARG A C   1 
ATOM   606  O O   . ARG A 1 82  ? -2.723  -0.652  2.470   1.00 6.12  ?  171 ARG A O   1 
ATOM   607  C CB  . ARG A 1 82  ? -2.023  -1.972  5.302   1.00 11.32 ?  171 ARG A CB  1 
ATOM   608  C CG  . ARG A 1 82  ? -0.833  -1.067  5.004   1.00 15.65 ?  171 ARG A CG  1 
ATOM   609  C CD  . ARG A 1 82  ? -0.778  0.131   5.923   1.00 17.44 ?  171 ARG A CD  1 
ATOM   610  N NE  . ARG A 1 82  ? -0.433  -0.235  7.297   1.00 15.24 ?  171 ARG A NE  1 
ATOM   611  C CZ  . ARG A 1 82  ? -0.321  0.641   8.290   1.00 13.13 ?  171 ARG A CZ  1 
ATOM   612  N NH1 . ARG A 1 82  ? -0.515  1.936   8.059   1.00 22.40 ?  171 ARG A NH1 1 
ATOM   613  N NH2 . ARG A 1 82  ? -0.018  0.230   9.516   1.00 16.24 ?  171 ARG A NH2 1 
ATOM   614  N N   . GLY A 1 83  ? -3.546  -2.750  2.476   1.00 6.54  ?  172 GLY A N   1 
ATOM   615  C CA  . GLY A 1 83  ? -3.537  -2.812  1.024   1.00 7.78  ?  172 GLY A CA  1 
ATOM   616  C C   . GLY A 1 83  ? -4.417  -1.740  0.403   1.00 5.32  ?  172 GLY A C   1 
ATOM   617  O O   . GLY A 1 83  ? -4.041  -1.100  -0.590  1.00 5.54  ?  172 GLY A O   1 
ATOM   618  N N   . TYR A 1 84  ? -5.584  -1.504  1.006   1.00 6.43  ?  173 TYR A N   1 
ATOM   619  C CA  . TYR A 1 84  ? -6.489  -0.466  0.520   1.00 5.28  ?  173 TYR A CA  1 
ATOM   620  C C   . TYR A 1 84  ? -5.939  0.930   0.797   1.00 8.09  ?  173 TYR A C   1 
ATOM   621  O O   . TYR A 1 84  ? -6.110  1.839   -0.022  1.00 5.85  ?  173 TYR A O   1 
ATOM   622  C CB  . TYR A 1 84  ? -7.875  -0.647  1.151   1.00 4.78  ?  173 TYR A CB  1 
ATOM   623  C CG  . TYR A 1 84  ? -8.589  -1.926  0.760   1.00 5.73  ?  173 TYR A CG  1 
ATOM   624  C CD1 . TYR A 1 84  ? -9.306  -2.018  -0.422  1.00 8.54  ?  173 TYR A CD1 1 
ATOM   625  C CD2 . TYR A 1 84  ? -8.553  -3.039  1.590   1.00 6.83  ?  173 TYR A CD2 1 
ATOM   626  C CE1 . TYR A 1 84  ? -9.969  -3.195  -0.768  1.00 8.52  ?  173 TYR A CE1 1 
ATOM   627  C CE2 . TYR A 1 84  ? -9.204  -4.200  1.257   1.00 7.78  ?  173 TYR A CE2 1 
ATOM   628  C CZ  . TYR A 1 84  ? -9.906  -4.279  0.083   1.00 10.31 ?  173 TYR A CZ  1 
ATOM   629  O OH  . TYR A 1 84  ? -10.560 -5.456  -0.237  1.00 16.61 ?  173 TYR A OH  1 
ATOM   630  N N   . SER A 1 85  ? -5.288  1.132   1.948   1.00 6.61  ?  174 SER A N   1 
ATOM   631  C CA  . SER A 1 85  ? -4.676  2.433   2.216   1.00 7.83  ?  174 SER A CA  1 
ATOM   632  C C   . SER A 1 85  ? -3.601  2.756   1.187   1.00 7.77  ?  174 SER A C   1 
ATOM   633  O O   . SER A 1 85  ? -3.476  3.905   0.747   1.00 7.22  ?  174 SER A O   1 
ATOM   634  C CB  . SER A 1 85  ? -4.070  2.468   3.622   1.00 9.49  ?  174 SER A CB  1 
ATOM   635  O OG  . SER A 1 85  ? -5.064  2.426   4.629   1.00 16.42 ?  174 SER A OG  1 
ATOM   636  N N   . ARG A 1 86  ? -2.790  1.763   0.818   1.00 6.41  ?  175 ARG A N   1 
ATOM   637  C CA  . ARG A 1 86  ? -1.750  1.994   -0.183  1.00 5.56  ?  175 ARG A CA  1 
ATOM   638  C C   . ARG A 1 86  ? -2.356  2.256   -1.556  1.00 5.04  ?  175 ARG A C   1 
ATOM   639  O O   . ARG A 1 86  ? -1.882  3.130   -2.291  1.00 6.19  ?  175 ARG A O   1 
ATOM   640  C CB  . ARG A 1 86  ? -0.795  0.797   -0.250  1.00 6.77  ?  175 ARG A CB  1 
ATOM   641  C CG  . ARG A 1 86  ? -0.056  0.492   1.041   1.00 8.81  ?  175 ARG A CG  1 
ATOM   642  C CD  . ARG A 1 86  ? 0.969   1.556   1.378   1.00 8.58  ?  175 ARG A CD  1 
ATOM   643  N NE  . ARG A 1 86  ? 1.589   1.294   2.679   1.00 10.79 ?  175 ARG A NE  1 
ATOM   644  C CZ  . ARG A 1 86  ? 2.045   2.243   3.490   1.00 19.21 ?  175 ARG A CZ  1 
ATOM   645  N NH1 . ARG A 1 86  ? 1.957   3.519   3.137   1.00 17.05 ?  175 ARG A NH1 1 
ATOM   646  N NH2 . ARG A 1 86  ? 2.587   1.916   4.659   1.00 20.02 ?  175 ARG A NH2 1 
ATOM   647  N N   . LEU A 1 87  ? -3.405  1.510   -1.914  1.00 6.24  ?  176 LEU A N   1 
ATOM   648  C CA  . LEU A 1 87  ? -4.111  1.770   -3.160  1.00 4.22  ?  176 LEU A CA  1 
ATOM   649  C C   . LEU A 1 87  ? -4.654  3.188   -3.185  1.00 6.04  ?  176 LEU A C   1 
ATOM   650  O O   . LEU A 1 87  ? -4.509  3.905   -4.183  1.00 6.52  ?  176 LEU A O   1 
ATOM   651  C CB  . LEU A 1 87  ? -5.239  0.754   -3.329  1.00 5.09  ?  176 LEU A CB  1 
ATOM   652  C CG  . LEU A 1 87  ? -6.092  0.985   -4.584  1.00 4.80  ?  176 LEU A CG  1 
ATOM   653  C CD1 . LEU A 1 87  ? -5.266  0.834   -5.843  1.00 5.96  ?  176 LEU A CD1 1 
ATOM   654  C CD2 . LEU A 1 87  ? -7.279  0.046   -4.602  1.00 7.09  ?  176 LEU A CD2 1 
ATOM   655  N N   . GLY A 1 88  ? -5.285  3.605   -2.089  1.00 5.02  ?  177 GLY A N   1 
ATOM   656  C CA  . GLY A 1 88  ? -5.875  4.933   -2.053  1.00 4.85  ?  177 GLY A CA  1 
ATOM   657  C C   . GLY A 1 88  ? -4.835  6.031   -2.174  1.00 6.47  ?  177 GLY A C   1 
ATOM   658  O O   . GLY A 1 88  ? -5.047  7.031   -2.858  1.00 6.49  ?  177 GLY A O   1 
ATOM   659  N N   . PHE A 1 89  ? -3.684  5.852   -1.531  1.00 6.46  ?  178 PHE A N   1 
ATOM   660  C CA  . PHE A 1 89  ? -2.657  6.880   -1.618  1.00 5.79  ?  178 PHE A CA  1 
ATOM   661  C C   . PHE A 1 89  ? -2.137  7.012   -3.043  1.00 5.67  ?  178 PHE A C   1 
ATOM   662  O O   . PHE A 1 89  ? -1.984  8.125   -3.562  1.00 7.09  ?  178 PHE A O   1 
ATOM   663  C CB  . PHE A 1 89  ? -1.515  6.571   -0.651  1.00 6.83  ?  178 PHE A CB  1 
ATOM   664  C CG  . PHE A 1 89  ? -0.447  7.623   -0.649  1.00 10.73 ?  178 PHE A CG  1 
ATOM   665  C CD1 . PHE A 1 89  ? -0.564  8.739   0.155   1.00 16.30 ?  178 PHE A CD1 1 
ATOM   666  C CD2 . PHE A 1 89  ? 0.649   7.515   -1.490  1.00 11.28 ?  178 PHE A CD2 1 
ATOM   667  C CE1 . PHE A 1 89  ? 0.411   9.724   0.142   1.00 17.83 ?  178 PHE A CE1 1 
ATOM   668  C CE2 . PHE A 1 89  ? 1.623   8.489   -1.511  1.00 13.98 ?  178 PHE A CE2 1 
ATOM   669  C CZ  . PHE A 1 89  ? 1.501   9.601   -0.698  1.00 14.29 ?  178 PHE A CZ  1 
ATOM   670  N N   . ALA A 1 90  ? -1.866  5.883   -3.699  1.00 6.01  ?  179 ALA A N   1 
ATOM   671  C CA  . ALA A 1 90  ? -1.357  5.942   -5.065  1.00 6.35  ?  179 ALA A CA  1 
ATOM   672  C C   . ALA A 1 90  ? -2.390  6.556   -6.009  1.00 8.69  ?  179 ALA A C   1 
ATOM   673  O O   . ALA A 1 90  ? -2.063  7.425   -6.825  1.00 8.78  ?  179 ALA A O   1 
ATOM   674  C CB  . ALA A 1 90  ? -0.942  4.547   -5.534  1.00 7.90  ?  179 ALA A CB  1 
ATOM   675  N N   . LYS A 1 91  ? -3.648  6.120   -5.910  1.00 6.19  ?  180 LYS A N   1 
ATOM   676  C CA  . LYS A 1 91  ? -4.678  6.698   -6.769  1.00 7.90  ?  180 LYS A CA  1 
ATOM   677  C C   . LYS A 1 91  ? -4.814  8.198   -6.522  1.00 7.20  ?  180 LYS A C   1 
ATOM   678  O O   . LYS A 1 91  ? -4.925  8.984   -7.473  1.00 10.00 ?  180 LYS A O   1 
ATOM   679  C CB  . LYS A 1 91  ? -6.019  5.990   -6.554  1.00 7.57  ?  180 LYS A CB  1 
ATOM   680  C CG  . LYS A 1 91  ? -6.063  4.529   -7.005  1.00 5.24  ?  180 LYS A CG  1 
ATOM   681  C CD  . LYS A 1 91  ? -6.015  4.429   -8.524  1.00 8.11  ?  180 LYS A CD  1 
ATOM   682  C CE  . LYS A 1 91  ? -6.173  2.995   -8.970  1.00 8.30  ?  180 LYS A CE  1 
ATOM   683  N NZ  . LYS A 1 91  ? -6.340  2.871   -10.452 1.00 9.23  ?  180 LYS A NZ  1 
ATOM   684  N N   . TYR A 1 92  ? -4.779  8.615   -5.254  1.00 6.46  ?  181 TYR A N   1 
ATOM   685  C CA  . TYR A 1 92  ? -4.882  10.035  -4.926  1.00 7.10  ?  181 TYR A CA  1 
ATOM   686  C C   . TYR A 1 92  ? -3.747  10.822  -5.569  1.00 6.43  ?  181 TYR A C   1 
ATOM   687  O O   . TYR A 1 92  ? -3.970  11.861  -6.202  1.00 9.17  ?  181 TYR A O   1 
ATOM   688  C CB  . TYR A 1 92  ? -4.872  10.200  -3.405  1.00 5.94  ?  181 TYR A CB  1 
ATOM   689  C CG  . TYR A 1 92  ? -4.992  11.622  -2.887  1.00 7.26  ?  181 TYR A CG  1 
ATOM   690  C CD1 . TYR A 1 92  ? -3.887  12.462  -2.863  1.00 11.68 ?  181 TYR A CD1 1 
ATOM   691  C CD2 . TYR A 1 92  ? -6.186  12.093  -2.361  1.00 6.34  ?  181 TYR A CD2 1 
ATOM   692  C CE1 . TYR A 1 92  ? -3.978  13.745  -2.374  1.00 11.11 ?  181 TYR A CE1 1 
ATOM   693  C CE2 . TYR A 1 92  ? -6.284  13.388  -1.865  1.00 11.14 ?  181 TYR A CE2 1 
ATOM   694  C CZ  . TYR A 1 92  ? -5.175  14.202  -1.876  1.00 11.48 ?  181 TYR A CZ  1 
ATOM   695  O OH  . TYR A 1 92  ? -5.248  15.495  -1.386  1.00 12.74 ?  181 TYR A OH  1 
ATOM   696  N N   . ALA A 1 93  ? -2.519  10.330  -5.422  1.00 9.32  ?  182 ALA A N   1 
ATOM   697  C CA  . ALA A 1 93  ? -1.365  11.020  -5.991  1.00 9.67  ?  182 ALA A CA  1 
ATOM   698  C C   . ALA A 1 93  ? -1.417  11.070  -7.514  1.00 10.90 ?  182 ALA A C   1 
ATOM   699  O O   . ALA A 1 93  ? -0.867  12.000  -8.118  1.00 13.81 ?  182 ALA A O   1 
ATOM   700  C CB  . ALA A 1 93  ? -0.078  10.343  -5.520  1.00 11.03 ?  182 ALA A CB  1 
ATOM   701  N N   . GLN A 1 94  ? -2.044  10.081  -8.157  1.00 10.80 ?  183 GLN A N   1 
ATOM   702  C CA  . GLN A 1 94  ? -2.195  10.036  -9.608  1.00 12.06 ?  183 GLN A CA  1 
ATOM   703  C C   . GLN A 1 94  ? -3.263  10.982  -10.129 1.00 14.29 ?  183 GLN A C   1 
ATOM   704  O O   . GLN A 1 94  ? -3.452  11.059  -11.349 1.00 17.55 ?  183 GLN A O   1 
ATOM   705  C CB  . GLN A 1 94  ? -2.563  8.623   -10.068 1.00 13.81 ?  183 GLN A CB  1 
ATOM   706  C CG  . GLN A 1 94  ? -1.444  7.626   -10.052 1.00 13.78 ?  183 GLN A CG  1 
ATOM   707  C CD  . GLN A 1 94  ? -1.905  6.276   -10.548 1.00 13.51 ?  183 GLN A CD  1 
ATOM   708  O OE1 . GLN A 1 94  ? -2.976  5.800   -10.165 1.00 11.89 ?  183 GLN A OE1 1 
ATOM   709  N NE2 . GLN A 1 94  ? -1.108  5.651   -11.412 1.00 15.75 ?  183 GLN A NE2 1 
ATOM   710  N N   . GLY A 1 95  ? -3.987  11.664  -9.252  1.00 9.95  ?  184 GLY A N   1 
ATOM   711  C CA  . GLY A 1 95  ? -5.126  12.438  -9.698  1.00 10.67 ?  184 GLY A CA  1 
ATOM   712  C C   . GLY A 1 95  ? -6.323  11.595  -10.055 1.00 13.16 ?  184 GLY A C   1 
ATOM   713  O O   . GLY A 1 95  ? -7.070  11.944  -10.969 1.00 12.20 ?  184 GLY A O   1 
ATOM   714  N N   . LYS A 1 96  ? -6.513  10.475  -9.361  1.00 9.40  ?  185 LYS A N   1 
ATOM   715  C CA  . LYS A 1 96  ? -7.697  9.629   -9.490  1.00 7.66  ?  185 LYS A CA  1 
ATOM   716  C C   . LYS A 1 96  ? -8.433  9.599   -8.152  1.00 9.34  ?  185 LYS A C   1 
ATOM   717  O O   . LYS A 1 96  ? -8.535  8.550   -7.508  1.00 8.69  ?  185 LYS A O   1 
ATOM   718  C CB  . LYS A 1 96  ? -7.287  8.227   -9.932  1.00 8.48  ?  185 LYS A CB  1 
ATOM   719  C CG  . LYS A 1 96  ? -6.488  8.262   -11.227 1.00 10.63 ?  185 LYS A CG  1 
ATOM   720  C CD  . LYS A 1 96  ? -6.098  6.885   -11.695 1.00 9.87  ?  185 LYS A CD  1 
ATOM   721  C CE  . LYS A 1 96  ? -5.283  6.971   -12.983 1.00 16.88 ?  185 LYS A CE  1 
ATOM   722  N NZ  . LYS A 1 96  ? -5.094  5.618   -13.550 1.00 13.23 ?  185 LYS A NZ  1 
ATOM   723  N N   . PRO A 1 97  ? -8.951  10.746  -7.701  1.00 9.87  ?  186 PRO A N   1 
ATOM   724  C CA  . PRO A 1 97  ? -9.477  10.823  -6.326  1.00 6.74  ?  186 PRO A CA  1 
ATOM   725  C C   . PRO A 1 97  ? -10.748 10.027  -6.097  1.00 9.28  ?  186 PRO A C   1 
ATOM   726  O O   . PRO A 1 97  ? -11.013 9.630   -4.960  1.00 8.22  ?  186 PRO A O   1 
ATOM   727  C CB  . PRO A 1 97  ? -9.725  12.323  -6.139  1.00 8.51  ?  186 PRO A CB  1 
ATOM   728  C CG  . PRO A 1 97  ? -9.994  12.821  -7.540  1.00 10.92 ?  186 PRO A CG  1 
ATOM   729  C CD  . PRO A 1 97  ? -9.019  12.048  -8.388  1.00 13.16 ?  186 PRO A CD  1 
ATOM   730  N N   . GLU A 1 98  ? -11.552 9.779   -7.127  1.00 8.63  ?  187 GLU A N   1 
ATOM   731  C CA  . GLU A 1 98  ? -12.721 8.929   -6.929  1.00 6.67  ?  187 GLU A CA  1 
ATOM   732  C C   . GLU A 1 98  ? -12.308 7.492   -6.636  1.00 8.44  ?  187 GLU A C   1 
ATOM   733  O O   . GLU A 1 98  ? -12.904 6.828   -5.777  1.00 7.17  ?  187 GLU A O   1 
ATOM   734  C CB  . GLU A 1 98  ? -13.639 8.979   -8.150  1.00 8.36  ?  187 GLU A CB  1 
ATOM   735  C CG  . GLU A 1 98  ? -14.288 10.344  -8.422  1.00 10.23 ?  187 GLU A CG  1 
ATOM   736  C CD  . GLU A 1 98  ? -13.441 11.224  -9.321  1.00 15.81 ?  187 GLU A CD  1 
ATOM   737  O OE1 . GLU A 1 98  ? -13.917 12.337  -9.675  1.00 20.45 ?  187 GLU A OE1 1 
ATOM   738  O OE2 . GLU A 1 98  ? -12.314 10.814  -9.683  1.00 18.69 ?  187 GLU A OE2 1 
ATOM   739  N N   . GLU A 1 99  ? -11.304 6.985   -7.353  1.00 5.29  ?  188 GLU A N   1 
ATOM   740  C CA  . GLU A 1 99  ? -10.798 5.659   -7.027  1.00 6.52  ?  188 GLU A CA  1 
ATOM   741  C C   . GLU A 1 99  ? -10.161 5.644   -5.641  1.00 6.84  ?  188 GLU A C   1 
ATOM   742  O O   . GLU A 1 99  ? -10.300 4.661   -4.902  1.00 8.22  ?  188 GLU A O   1 
ATOM   743  C CB  . GLU A 1 99  ? -9.792  5.202   -8.080  1.00 6.86  ?  188 GLU A CB  1 
ATOM   744  C CG  . GLU A 1 99  ? -10.391 4.831   -9.431  1.00 8.82  ?  188 GLU A CG  1 
ATOM   745  C CD  . GLU A 1 99  ? -9.397  4.061   -10.288 1.00 12.14 ?  188 GLU A CD  1 
ATOM   746  O OE1 . GLU A 1 99  ? -9.383  2.813   -10.227 1.00 15.27 ?  188 GLU A OE1 1 
ATOM   747  O OE2 . GLU A 1 99  ? -8.615  4.710   -11.009 1.00 18.22 ?  188 GLU A OE2 1 
ATOM   748  N N   . ALA A 1 100 ? -9.434  6.708   -5.282  1.00 6.32  ?  189 ALA A N   1 
ATOM   749  C CA  . ALA A 1 100 ? -8.844  6.797   -3.948  1.00 5.97  ?  189 ALA A CA  1 
ATOM   750  C C   . ALA A 1 100 ? -9.924  6.792   -2.876  1.00 8.88  ?  189 ALA A C   1 
ATOM   751  O O   . ALA A 1 100 ? -9.793  6.109   -1.852  1.00 7.40  ?  189 ALA A O   1 
ATOM   752  C CB  . ALA A 1 100 ? -7.983  8.057   -3.837  1.00 7.05  ?  189 ALA A CB  1 
ATOM   753  N N   . LEU A 1 101 ? -11.015 7.530   -3.110  1.00 7.65  ?  190 LEU A N   1 
ATOM   754  C CA  . LEU A 1 101 ? -12.112 7.582   -2.148  1.00 6.87  ?  190 LEU A CA  1 
ATOM   755  C C   . LEU A 1 101 ? -12.684 6.195   -1.880  1.00 8.44  ?  190 LEU A C   1 
ATOM   756  O O   . LEU A 1 101 ? -12.923 5.823   -0.727  1.00 7.28  ?  190 LEU A O   1 
ATOM   757  C CB  . LEU A 1 101 ? -13.205 8.521   -2.659  1.00 9.94  ?  190 LEU A CB  1 
ATOM   758  C CG  . LEU A 1 101 ? -14.394 8.791   -1.741  1.00 13.24 ?  190 LEU A CG  1 
ATOM   759  C CD1 . LEU A 1 101 ? -13.950 9.523   -0.492  1.00 17.58 ?  190 LEU A CD1 1 
ATOM   760  C CD2 . LEU A 1 101 ? -15.445 9.609   -2.490  1.00 17.34 ?  190 LEU A CD2 1 
ATOM   761  N N   . GLU A 1 102 ? -12.933 5.419   -2.936  1.00 6.74  ?  191 GLU A N   1 
ATOM   762  C CA  . GLU A 1 102 ? -13.456 4.068   -2.722  1.00 6.24  ?  191 GLU A CA  1 
ATOM   763  C C   . GLU A 1 102 ? -12.500 3.224   -1.886  1.00 6.84  ?  191 GLU A C   1 
ATOM   764  O O   . GLU A 1 102 ? -12.931 2.479   -1.000  1.00 6.76  ?  191 GLU A O   1 
ATOM   765  C CB  . GLU A 1 102 ? -13.726 3.382   -4.061  1.00 9.76  ?  191 GLU A CB  1 
ATOM   766  C CG  . GLU A 1 102 ? -14.820 4.017   -4.910  1.00 10.24 ?  191 GLU A CG  1 
ATOM   767  C CD  . GLU A 1 102 ? -16.142 4.184   -4.171  1.00 15.23 ?  191 GLU A CD  1 
ATOM   768  O OE1 . GLU A 1 102 ? -16.632 3.201   -3.576  1.00 18.38 ?  191 GLU A OE1 1 
ATOM   769  O OE2 . GLU A 1 102 ? -16.689 5.312   -4.190  1.00 18.05 ?  191 GLU A OE2 1 
ATOM   770  N N   . ALA A 1 103 ? -11.196 3.314   -2.166  1.00 6.75  ?  192 ALA A N   1 
ATOM   771  C CA  . ALA A 1 103 ? -10.221 2.531   -1.410  1.00 5.39  ?  192 ALA A CA  1 
ATOM   772  C C   . ALA A 1 103 ? -10.189 2.951   0.056   1.00 4.97  ?  192 ALA A C   1 
ATOM   773  O O   . ALA A 1 103 ? -10.165 2.096   0.954   1.00 6.29  ?  192 ALA A O   1 
ATOM   774  C CB  . ALA A 1 103 ? -8.835  2.669   -2.036  1.00 5.95  ?  192 ALA A CB  1 
ATOM   775  N N   . TYR A 1 104 ? -10.169 4.257   0.316   1.00 5.50  ?  193 TYR A N   1 
ATOM   776  C CA  . TYR A 1 104 ? -10.131 4.718   1.700   1.00 5.72  ?  193 TYR A CA  1 
ATOM   777  C C   . TYR A 1 104 ? -11.442 4.437   2.424   1.00 6.60  ?  193 TYR A C   1 
ATOM   778  O O   . TYR A 1 104 ? -11.449 4.242   3.645   1.00 6.83  ?  193 TYR A O   1 
ATOM   779  C CB  . TYR A 1 104 ? -9.815  6.212   1.735   1.00 6.15  ?  193 TYR A CB  1 
ATOM   780  C CG  . TYR A 1 104 ? -8.363  6.562   1.485   1.00 5.27  ?  193 TYR A CG  1 
ATOM   781  C CD1 . TYR A 1 104 ? -7.317  5.833   2.065   1.00 9.22  ?  193 TYR A CD1 1 
ATOM   782  C CD2 . TYR A 1 104 ? -8.035  7.659   0.705   1.00 6.97  ?  193 TYR A CD2 1 
ATOM   783  C CE1 . TYR A 1 104 ? -5.979  6.197   1.848   1.00 10.59 ?  193 TYR A CE1 1 
ATOM   784  C CE2 . TYR A 1 104 ? -6.715  8.019   0.479   1.00 8.57  ?  193 TYR A CE2 1 
ATOM   785  C CZ  . TYR A 1 104 ? -5.691  7.292   1.048   1.00 8.34  ?  193 TYR A CZ  1 
ATOM   786  O OH  . TYR A 1 104 ? -4.388  7.697   0.816   1.00 10.33 ?  193 TYR A OH  1 
ATOM   787  N N   . LYS A 1 105 ? -12.562 4.428   1.699   1.00 6.02  ?  194 LYS A N   1 
ATOM   788  C CA  . LYS A 1 105 ? -13.820 4.036   2.322   1.00 9.71  ?  194 LYS A CA  1 
ATOM   789  C C   . LYS A 1 105 ? -13.774 2.577   2.751   1.00 10.15 ?  194 LYS A C   1 
ATOM   790  O O   . LYS A 1 105 ? -14.262 2.224   3.828   1.00 10.23 ?  194 LYS A O   1 
ATOM   791  C CB  . LYS A 1 105 ? -14.984 4.273   1.360   1.00 10.66 ?  194 LYS A CB  1 
ATOM   792  C CG  . LYS A 1 105 ? -16.338 4.001   1.980   1.00 15.64 ?  194 LYS A CG  1 
ATOM   793  C CD  . LYS A 1 105 ? -17.475 4.290   1.017   1.00 22.43 ?  194 LYS A CD  1 
ATOM   794  C CE  . LYS A 1 105 ? -18.797 4.366   1.765   1.00 31.93 ?  194 LYS A CE  1 
ATOM   795  N NZ  . LYS A 1 105 ? -18.976 3.202   2.688   1.00 34.24 ?  194 LYS A NZ  1 
ATOM   796  N N   . LYS A 1 106 ? -13.179 1.713   1.920   1.00 8.07  ?  195 LYS A N   1 
ATOM   797  C CA  . LYS A 1 106 ? -13.066 0.306   2.288   1.00 7.83  ?  195 LYS A CA  1 
ATOM   798  C C   . LYS A 1 106 ? -12.244 0.127   3.561   1.00 9.49  ?  195 LYS A C   1 
ATOM   799  O O   . LYS A 1 106 ? -12.573 -0.718  4.401   1.00 8.49  ?  195 LYS A O   1 
ATOM   800  C CB  . LYS A 1 106 ? -12.468 -0.480  1.126   1.00 8.48  ?  195 LYS A CB  1 
ATOM   801  C CG  . LYS A 1 106 ? -12.450 -1.982  1.360   1.00 8.95  ?  195 LYS A CG  1 
ATOM   802  C CD  . LYS A 1 106 ? -13.852 -2.558  1.535   1.00 12.91 ?  195 LYS A CD  1 
ATOM   803  C CE  . LYS A 1 106 ? -13.795 -4.091  1.597   1.00 19.40 ?  195 LYS A CE  1 
ATOM   804  N NZ  . LYS A 1 106 ? -15.041 -4.726  2.126   1.00 22.87 ?  195 LYS A NZ  1 
ATOM   805  N N   . VAL A 1 107 ? -11.178 0.919   3.730   1.00 7.78  ?  196 VAL A N   1 
ATOM   806  C CA  . VAL A 1 107 ? -10.459 0.936   5.006   1.00 7.34  ?  196 VAL A CA  1 
ATOM   807  C C   . VAL A 1 107 ? -11.432 1.150   6.159   1.00 10.60 ?  196 VAL A C   1 
ATOM   808  O O   . VAL A 1 107 ? -11.418 0.419   7.157   1.00 11.02 ?  196 VAL A O   1 
ATOM   809  C CB  . VAL A 1 107 ? -9.370  2.023   4.997   1.00 8.50  ?  196 VAL A CB  1 
ATOM   810  C CG1 . VAL A 1 107 ? -8.729  2.159   6.373   1.00 7.29  ?  196 VAL A CG1 1 
ATOM   811  C CG2 . VAL A 1 107 ? -8.324  1.727   3.939   1.00 11.35 ?  196 VAL A CG2 1 
ATOM   812  N N   . LEU A 1 108 ? -12.292 2.158   6.036   1.00 10.14 ?  197 LEU A N   1 
ATOM   813  C CA  . LEU A 1 108 ? -13.219 2.467   7.121   1.00 9.96  ?  197 LEU A CA  1 
ATOM   814  C C   . LEU A 1 108 ? -14.230 1.348   7.328   1.00 15.08 ?  197 LEU A C   1 
ATOM   815  O O   . LEU A 1 108 ? -14.595 1.046   8.471   1.00 13.91 ?  197 LEU A O   1 
ATOM   816  C CB  . LEU A 1 108 ? -13.928 3.792   6.840   1.00 10.01 ?  197 LEU A CB  1 
ATOM   817  C CG  . LEU A 1 108 ? -13.023 5.021   6.765   1.00 9.00  ?  197 LEU A CG  1 
ATOM   818  C CD1 . LEU A 1 108 ? -13.865 6.245   6.446   1.00 11.07 ?  197 LEU A CD1 1 
ATOM   819  C CD2 . LEU A 1 108 ? -12.267 5.220   8.081   1.00 9.90  ?  197 LEU A CD2 1 
ATOM   820  N N   . ASP A 1 109 ? -14.700 0.724   6.241   1.00 11.63 ?  198 ASP A N   1 
ATOM   821  C CA  . ASP A 1 109 ? -15.650 -0.379  6.375   1.00 14.23 ?  198 ASP A CA  1 
ATOM   822  C C   . ASP A 1 109 ? -15.006 -1.575  7.060   1.00 14.70 ?  198 ASP A C   1 
ATOM   823  O O   . ASP A 1 109 ? -15.624 -2.206  7.924   1.00 15.54 ?  198 ASP A O   1 
ATOM   824  C CB  . ASP A 1 109 ? -16.199 -0.790  5.007   1.00 15.21 ?  198 ASP A CB  1 
ATOM   825  C CG  . ASP A 1 109 ? -17.015 0.305   4.346   1.00 19.48 ?  198 ASP A CG  1 
ATOM   826  O OD1 . ASP A 1 109 ? -17.448 1.237   5.053   1.00 22.92 ?  198 ASP A OD1 1 
ATOM   827  O OD2 . ASP A 1 109 ? -17.221 0.230   3.116   1.00 24.51 ?  198 ASP A OD2 1 
ATOM   828  N N   . ILE A 1 110 ? -13.767 -1.896  6.684   1.00 10.97 ?  199 ILE A N   1 
ATOM   829  C CA  . ILE A 1 110 ? -13.058 -3.023  7.285   1.00 14.19 ?  199 ILE A CA  1 
ATOM   830  C C   . ILE A 1 110 ? -12.838 -2.784  8.771   1.00 15.23 ?  199 ILE A C   1 
ATOM   831  O O   . ILE A 1 110 ? -13.122 -3.651  9.609   1.00 17.74 ?  199 ILE A O   1 
ATOM   832  C CB  . ILE A 1 110 ? -11.723 -3.262  6.558   1.00 12.77 ?  199 ILE A CB  1 
ATOM   833  C CG1 . ILE A 1 110 ? -11.961 -3.857  5.169   1.00 10.96 ?  199 ILE A CG1 1 
ATOM   834  C CG2 . ILE A 1 110 ? -10.800 -4.159  7.401   1.00 14.29 ?  199 ILE A CG2 1 
ATOM   835  C CD1 . ILE A 1 110 ? -10.703 -3.913  4.333   1.00 8.83  ?  199 ILE A CD1 1 
ATOM   836  N N   . GLU A 1 111 ? -12.329 -1.604  9.121   1.00 14.27 ?  200 GLU A N   1 
ATOM   837  C CA  . GLU A 1 111 ? -11.969 -1.336  10.506  1.00 12.68 ?  200 GLU A CA  1 
ATOM   838  C C   . GLU A 1 111 ? -13.178 -0.990  11.365  1.00 17.87 ?  200 GLU A C   1 
ATOM   839  O O   . GLU A 1 111 ? -13.092 -1.081  12.594  1.00 19.61 ?  200 GLU A O   1 
ATOM   840  C CB  . GLU A 1 111 ? -10.931 -0.214  10.558  1.00 14.53 ?  200 GLU A CB  1 
ATOM   841  C CG  . GLU A 1 111 ? -9.585  -0.626  9.989   1.00 15.36 ?  200 GLU A CG  1 
ATOM   842  C CD  . GLU A 1 111 ? -8.963  -1.756  10.777  1.00 18.99 ?  200 GLU A CD  1 
ATOM   843  O OE1 . GLU A 1 111 ? -8.579  -1.518  11.945  1.00 22.33 ?  200 GLU A OE1 1 
ATOM   844  O OE2 . GLU A 1 111 ? -8.880  -2.884  10.240  1.00 21.23 ?  200 GLU A OE2 1 
ATOM   845  N N   . GLY A 1 112 ? -14.293 -0.619  10.744  1.00 15.51 ?  201 GLY A N   1 
ATOM   846  C CA  . GLY A 1 112 ? -15.507 -0.340  11.492  1.00 18.80 ?  201 GLY A CA  1 
ATOM   847  C C   . GLY A 1 112 ? -15.273 0.712   12.552  1.00 19.43 ?  201 GLY A C   1 
ATOM   848  O O   . GLY A 1 112 ? -14.577 1.708   12.333  1.00 19.34 ?  201 GLY A O   1 
ATOM   849  N N   . ASP A 1 113 ? -15.860 0.486   13.733  1.00 20.33 ?  202 ASP A N   1 
ATOM   850  C CA  . ASP A 1 113 ? -15.707 1.418   14.845  1.00 18.79 ?  202 ASP A CA  1 
ATOM   851  C C   . ASP A 1 113 ? -14.263 1.552   15.309  1.00 21.02 ?  202 ASP A C   1 
ATOM   852  O O   . ASP A 1 113 ? -13.961 2.459   16.092  1.00 22.90 ?  202 ASP A O   1 
ATOM   853  C CB  . ASP A 1 113 ? -16.591 0.973   16.012  1.00 24.70 ?  202 ASP A CB  1 
ATOM   854  C CG  . ASP A 1 113 ? -17.454 2.097   16.553  1.00 25.78 ?  202 ASP A CG  1 
ATOM   855  O OD1 . ASP A 1 113 ? -17.822 2.035   17.744  1.00 30.37 ?  202 ASP A OD1 1 
ATOM   856  O OD2 . ASP A 1 113 ? -17.766 3.037   15.791  1.00 31.72 ?  202 ASP A OD2 1 
ATOM   857  N N   . ASN A 1 114 ? -13.368 0.685   14.848  1.00 18.46 ?  203 ASN A N   1 
ATOM   858  C CA  . ASN A 1 114 ? -11.963 0.741   15.218  1.00 14.92 ?  203 ASN A CA  1 
ATOM   859  C C   . ASN A 1 114 ? -11.144 1.634   14.297  1.00 16.98 ?  203 ASN A C   1 
ATOM   860  O O   . ASN A 1 114 ? -9.930  1.743   14.483  1.00 23.43 ?  203 ASN A O   1 
ATOM   861  C CB  . ASN A 1 114 ? -11.360 -0.671  15.228  1.00 19.62 ?  203 ASN A CB  1 
ATOM   862  N N   . ALA A 1 115 ? -11.772 2.265   13.310  1.00 17.92 ?  204 ALA A N   1 
ATOM   863  C CA  . ALA A 1 115 ? -11.043 3.150   12.416  1.00 19.15 ?  204 ALA A CA  1 
ATOM   864  C C   . ALA A 1 115 ? -10.402 4.292   13.198  1.00 18.84 ?  204 ALA A C   1 
ATOM   865  O O   . ALA A 1 115 ? -11.010 4.861   14.109  1.00 19.31 ?  204 ALA A O   1 
ATOM   866  C CB  . ALA A 1 115 ? -11.984 3.700   11.344  1.00 13.09 ?  204 ALA A CB  1 
ATOM   867  N N   . THR A 1 116 ? -9.163  4.618   12.840  1.00 13.61 ?  205 THR A N   1 
ATOM   868  C CA  . THR A 1 116 ? -8.425  5.709   13.462  1.00 15.67 ?  205 THR A CA  1 
ATOM   869  C C   . THR A 1 116 ? -8.792  7.050   12.833  1.00 19.93 ?  205 THR A C   1 
ATOM   870  O O   . THR A 1 116 ? -9.349  7.122   11.737  1.00 15.93 ?  205 THR A O   1 
ATOM   871  C CB  . THR A 1 116 ? -6.917  5.495   13.324  1.00 19.13 ?  205 THR A CB  1 
ATOM   872  O OG1 . THR A 1 116 ? -6.551  5.559   11.939  1.00 14.45 ?  205 THR A OG1 1 
ATOM   873  C CG2 . THR A 1 116 ? -6.510  4.139   13.891  1.00 22.01 ?  205 THR A CG2 1 
ATOM   874  N N   . GLU A 1 117 ? -8.440  8.131   13.536  1.00 18.11 ?  206 GLU A N   1 
ATOM   875  C CA  . GLU A 1 117 ? -8.690  9.459   12.986  1.00 14.71 ?  206 GLU A CA  1 
ATOM   876  C C   . GLU A 1 117 ? -7.903  9.693   11.703  1.00 16.06 ?  206 GLU A C   1 
ATOM   877  O O   . GLU A 1 117 ? -8.396  10.366  10.790  1.00 16.71 ?  206 GLU A O   1 
ATOM   878  C CB  . GLU A 1 117 ? -8.358  10.535  14.016  1.00 23.12 ?  206 GLU A CB  1 
ATOM   879  C CG  . GLU A 1 117 ? -9.244  10.505  15.255  1.00 26.33 ?  206 GLU A CG  1 
ATOM   880  C CD  . GLU A 1 117 ? -10.729 10.444  14.926  1.00 30.50 ?  206 GLU A CD  1 
ATOM   881  O OE1 . GLU A 1 117 ? -11.274 9.325   14.822  1.00 30.11 ?  206 GLU A OE1 1 
ATOM   882  O OE2 . GLU A 1 117 ? -11.353 11.515  14.769  1.00 41.04 ?  206 GLU A OE2 1 
ATOM   883  N N   . ALA A 1 118 ? -6.684  9.152   11.610  1.00 15.08 ?  207 ALA A N   1 
ATOM   884  C CA  . ALA A 1 118 ? -5.913  9.289   10.376  1.00 14.11 ?  207 ALA A CA  1 
ATOM   885  C C   . ALA A 1 118 ? -6.614  8.604   9.206   1.00 11.38 ?  207 ALA A C   1 
ATOM   886  O O   . ALA A 1 118 ? -6.635  9.137   8.090   1.00 12.77 ?  207 ALA A O   1 
ATOM   887  C CB  . ALA A 1 118 ? -4.506  8.724   10.563  1.00 16.02 ?  207 ALA A CB  1 
ATOM   888  N N   . MET A 1 119 ? -7.190  7.419   9.436   1.00 10.53 ?  208 MET A N   1 
ATOM   889  C CA  . MET A 1 119 ? -7.940  6.747   8.373   1.00 10.85 ?  208 MET A CA  1 
ATOM   890  C C   . MET A 1 119 ? -9.124  7.587   7.920   1.00 11.46 ?  208 MET A C   1 
ATOM   891  O O   . MET A 1 119 ? -9.449  7.623   6.725   1.00 8.52  ?  208 MET A O   1 
ATOM   892  C CB  . MET A 1 119 ? -8.430  5.380   8.844   1.00 15.30 ?  208 MET A CB  1 
ATOM   893  C CG  . MET A 1 119 ? -7.351  4.336   9.043   1.00 15.73 ?  208 MET A CG  1 
ATOM   894  S SD  . MET A 1 119 ? -8.043  2.969   9.984   1.00 13.98 ?  208 MET A SD  1 
ATOM   895  C CE  . MET A 1 119 ? -6.616  1.896   10.176  1.00 16.13 ?  208 MET A CE  1 
ATOM   896  N N   . LYS A 1 120 ? -9.801  8.246   8.866   1.00 10.96 ?  209 LYS A N   1 
ATOM   897  C CA  . LYS A 1 120 ? -10.907 9.119   8.497   1.00 9.52  ?  209 LYS A CA  1 
ATOM   898  C C   . LYS A 1 120 ? -10.404 10.316  7.704   1.00 10.90 ?  209 LYS A C   1 
ATOM   899  O O   . LYS A 1 120 ? -11.023 10.717  6.709   1.00 10.22 ?  209 LYS A O   1 
ATOM   900  C CB  . LYS A 1 120 ? -11.660 9.571   9.749   1.00 15.15 ?  209 LYS A CB  1 
ATOM   901  C CG  . LYS A 1 120 ? -12.299 8.426   10.507  1.00 13.25 ?  209 LYS A CG  1 
ATOM   902  C CD  . LYS A 1 120 ? -12.925 8.911   11.805  1.00 22.10 ?  209 LYS A CD  1 
ATOM   903  C CE  . LYS A 1 120 ? -13.416 7.744   12.649  1.00 26.47 ?  209 LYS A CE  1 
ATOM   904  N NZ  . LYS A 1 120 ? -14.088 8.213   13.896  1.00 34.59 ?  209 LYS A NZ  1 
ATOM   905  N N   . ARG A 1 121 ? -9.270  10.882  8.116   1.00 9.79  ?  210 ARG A N   1 
ATOM   906  C CA  . ARG A 1 121 ? -8.717  12.031  7.409   1.00 8.45  ?  210 ARG A CA  1 
ATOM   907  C C   . ARG A 1 121 ? -8.335  11.666  5.978   1.00 9.94  ?  210 ARG A C   1 
ATOM   908  O O   . ARG A 1 121 ? -8.507  12.478  5.064   1.00 9.35  ?  210 ARG A O   1 
ATOM   909  C CB  . ARG A 1 121 ? -7.518  12.591  8.172   1.00 15.64 ?  210 ARG A CB  1 
ATOM   910  C CG  . ARG A 1 121 ? -7.920  13.433  9.378   1.00 16.28 ?  210 ARG A CG  1 
ATOM   911  C CD  . ARG A 1 121 ? -6.743  14.256  9.892   1.00 18.22 ?  210 ARG A CD  1 
ATOM   912  N NE  . ARG A 1 121 ? -5.646  13.421  10.372  1.00 19.50 ?  210 ARG A NE  1 
ATOM   913  C CZ  . ARG A 1 121 ? -5.550  12.964  11.615  1.00 17.61 ?  210 ARG A CZ  1 
ATOM   914  N NH1 . ARG A 1 121 ? -6.496  13.253  12.498  1.00 23.73 ?  210 ARG A NH1 1 
ATOM   915  N NH2 . ARG A 1 121 ? -4.517  12.216  11.971  1.00 15.64 ?  210 ARG A NH2 1 
ATOM   916  N N   . ASP A 1 122 ? -7.820  10.448  5.768   1.00 8.18  ?  211 ASP A N   1 
ATOM   917  C CA  . ASP A 1 122 ? -7.514  9.985   4.412   1.00 9.24  ?  211 ASP A CA  1 
ATOM   918  C C   . ASP A 1 122 ? -8.761  9.987   3.544   1.00 10.91 ?  211 ASP A C   1 
ATOM   919  O O   . ASP A 1 122 ? -8.752  10.488  2.411   1.00 8.12  ?  211 ASP A O   1 
ATOM   920  C CB  . ASP A 1 122 ? -6.930  8.567   4.432   1.00 7.05  ?  211 ASP A CB  1 
ATOM   921  C CG  . ASP A 1 122 ? -5.487  8.511   4.914   1.00 14.77 ?  211 ASP A CG  1 
ATOM   922  O OD1 . ASP A 1 122 ? -4.809  9.561   4.976   1.00 17.95 ?  211 ASP A OD1 1 
ATOM   923  O OD2 . ASP A 1 122 ? -5.027  7.386   5.206   1.00 16.37 ?  211 ASP A OD2 1 
ATOM   924  N N   . TYR A 1 123 ? -9.837  9.388   4.049   1.00 7.84  ?  212 TYR A N   1 
ATOM   925  C CA  . TYR A 1 123 ? -11.093 9.380   3.313   1.00 10.00 ?  212 TYR A CA  1 
ATOM   926  C C   . TYR A 1 123 ? -11.560 10.803  3.027   1.00 8.48  ?  212 TYR A C   1 
ATOM   927  O O   . TYR A 1 123 ? -11.904 11.134  1.887   1.00 7.86  ?  212 TYR A O   1 
ATOM   928  C CB  . TYR A 1 123 ? -12.135 8.588   4.106   1.00 8.27  ?  212 TYR A CB  1 
ATOM   929  C CG  . TYR A 1 123 ? -13.539 8.691   3.587   1.00 8.11  ?  212 TYR A CG  1 
ATOM   930  C CD1 . TYR A 1 123 ? -13.954 7.946   2.487   1.00 10.62 ?  212 TYR A CD1 1 
ATOM   931  C CD2 . TYR A 1 123 ? -14.464 9.506   4.212   1.00 12.19 ?  212 TYR A CD2 1 
ATOM   932  C CE1 . TYR A 1 123 ? -15.255 8.048   2.013   1.00 12.82 ?  212 TYR A CE1 1 
ATOM   933  C CE2 . TYR A 1 123 ? -15.748 9.606   3.751   1.00 12.24 ?  212 TYR A CE2 1 
ATOM   934  C CZ  . TYR A 1 123 ? -16.145 8.882   2.659   1.00 13.22 ?  212 TYR A CZ  1 
ATOM   935  O OH  . TYR A 1 123 ? -17.445 9.008   2.224   1.00 18.98 ?  212 TYR A OH  1 
ATOM   936  N N   . GLU A 1 124 ? -11.552 11.670  4.045   1.00 7.24  ?  213 GLU A N   1 
ATOM   937  C CA  . GLU A 1 124 ? -12.019 13.038  3.836   1.00 8.22  ?  213 GLU A CA  1 
ATOM   938  C C   . GLU A 1 124 ? -11.138 13.778  2.838   1.00 9.93  ?  213 GLU A C   1 
ATOM   939  O O   . GLU A 1 124 ? -11.629 14.599  2.054   1.00 9.15  ?  213 GLU A O   1 
ATOM   940  C CB  . GLU A 1 124 ? -12.069 13.786  5.163   1.00 10.21 ?  213 GLU A CB  1 
ATOM   941  C CG  . GLU A 1 124 ? -12.962 13.141  6.217   1.00 14.88 ?  213 GLU A CG  1 
ATOM   942  C CD  . GLU A 1 124 ? -14.436 13.186  5.841   1.00 25.82 ?  213 GLU A CD  1 
ATOM   943  O OE1 . GLU A 1 124 ? -15.211 12.350  6.355   1.00 29.43 ?  213 GLU A OE1 1 
ATOM   944  O OE2 . GLU A 1 124 ? -14.821 14.065  5.037   1.00 31.59 ?  213 GLU A OE2 1 
ATOM   945  N N   . SER A 1 125 ? -9.830  13.522  2.864   1.00 10.75 ?  214 SER A N   1 
ATOM   946  C CA  . SER A 1 125 ? -8.939  14.178  1.911   1.00 6.79  ?  214 SER A CA  1 
ATOM   947  C C   . SER A 1 125 ? -9.274  13.780  0.486   1.00 9.45  ?  214 SER A C   1 
ATOM   948  O O   . SER A 1 125 ? -9.336  14.625  -0.417  1.00 7.83  ?  214 SER A O   1 
ATOM   949  C CB  . SER A 1 125 ? -7.488  13.832  2.224   1.00 9.63  ?  214 SER A CB  1 
ATOM   950  O OG  . SER A 1 125 ? -6.641  14.386  1.239   1.00 16.72 ?  214 SER A OG  1 
ATOM   951  N N   . ALA A 1 126 ? -9.491  12.490  0.261   1.00 6.27  ?  215 ALA A N   1 
ATOM   952  C CA  . ALA A 1 126 ? -9.884  12.038  -1.068  1.00 4.41  ?  215 ALA A CA  1 
ATOM   953  C C   . ALA A 1 126 ? -11.174 12.715  -1.510  1.00 5.88  ?  215 ALA A C   1 
ATOM   954  O O   . ALA A 1 126 ? -11.301 13.151  -2.663  1.00 7.87  ?  215 ALA A O   1 
ATOM   955  C CB  . ALA A 1 126 ? -10.037 10.514  -1.074  1.00 7.04  ?  215 ALA A CB  1 
ATOM   956  N N   . LYS A 1 127 ? -12.157 12.786  -0.608  1.00 6.95  ?  216 LYS A N   1 
ATOM   957  C CA  . LYS A 1 127 ? -13.437 13.390  -0.949  1.00 7.33  ?  216 LYS A CA  1 
ATOM   958  C C   . LYS A 1 127 ? -13.257 14.859  -1.299  1.00 8.41  ?  216 LYS A C   1 
ATOM   959  O O   . LYS A 1 127 ? -13.848 15.358  -2.269  1.00 7.70  ?  216 LYS A O   1 
ATOM   960  C CB  . LYS A 1 127 ? -14.424 13.222  0.211   1.00 7.40  ?  216 LYS A CB  1 
ATOM   961  C CG  . LYS A 1 127 ? -15.840 13.693  -0.109  1.00 9.84  ?  216 LYS A CG  1 
ATOM   962  C CD  . LYS A 1 127 ? -16.863 13.106  0.859   1.00 18.13 ?  216 LYS A CD  1 
ATOM   963  C CE  . LYS A 1 127 ? -16.503 13.362  2.309   1.00 23.31 ?  216 LYS A CE  1 
ATOM   964  N NZ  . LYS A 1 127 ? -16.936 14.714  2.764   1.00 28.59 ?  216 LYS A NZ  1 
ATOM   965  N N   . LYS A 1 128 ? -12.422 15.560  -0.535  1.00 8.00  ?  217 LYS A N   1 
ATOM   966  C CA  . LYS A 1 128 ? -12.121 16.946  -0.863  1.00 5.29  ?  217 LYS A CA  1 
ATOM   967  C C   . LYS A 1 128 ? -11.460 17.051  -2.227  1.00 7.14  ?  217 LYS A C   1 
ATOM   968  O O   . LYS A 1 128 ? -11.784 17.950  -3.017  1.00 7.56  ?  217 LYS A O   1 
ATOM   969  C CB  . LYS A 1 128 ? -11.228 17.559  0.214   1.00 7.84  ?  217 LYS A CB  1 
ATOM   970  C CG  . LYS A 1 128 ? -10.925 19.018  -0.012  1.00 13.98 ?  217 LYS A CG  1 
ATOM   971  C CD  . LYS A 1 128 ? -12.204 19.841  -0.147  1.00 15.53 ?  217 LYS A CD  1 
ATOM   972  C CE  . LYS A 1 128 ? -13.047 19.783  1.118   1.00 18.38 ?  217 LYS A CE  1 
ATOM   973  N NZ  . LYS A 1 128 ? -14.230 20.683  1.046   1.00 15.42 ?  217 LYS A NZ  1 
ATOM   974  N N   . LYS A 1 129 ? -10.537 16.136  -2.535  1.00 8.42  ?  218 LYS A N   1 
ATOM   975  C CA  . LYS A 1 129 ? -9.859  16.233  -3.820  1.00 6.14  ?  218 LYS A CA  1 
ATOM   976  C C   . LYS A 1 129 ? -10.814 15.983  -4.979  1.00 5.28  ?  218 LYS A C   1 
ATOM   977  O O   . LYS A 1 129 ? -10.654 16.594  -6.043  1.00 7.57  ?  218 LYS A O   1 
ATOM   978  C CB  . LYS A 1 129 ? -8.674  15.270  -3.883  1.00 9.09  ?  218 LYS A CB  1 
ATOM   979  C CG  . LYS A 1 129 ? -7.835  15.459  -5.148  1.00 9.86  ?  218 LYS A CG  1 
ATOM   980  C CD  . LYS A 1 129 ? -6.418  14.948  -4.975  1.00 14.97 ?  218 LYS A CD  1 
ATOM   981  C CE  . LYS A 1 129 ? -5.544  15.329  -6.159  1.00 15.88 ?  218 LYS A CE  1 
ATOM   982  N NZ  . LYS A 1 129 ? -4.146  14.806  -6.010  1.00 17.93 ?  218 LYS A NZ  1 
ATOM   983  N N   . VAL A 1 130 ? -11.808 15.103  -4.812  1.00 6.17  ?  219 VAL A N   1 
ATOM   984  C CA  . VAL A 1 130 ? -12.832 14.976  -5.851  1.00 6.18  ?  219 VAL A CA  1 
ATOM   985  C C   . VAL A 1 130 ? -13.463 16.333  -6.119  1.00 7.45  ?  219 VAL A C   1 
ATOM   986  O O   . VAL A 1 130 ? -13.609 16.761  -7.274  1.00 6.91  ?  219 VAL A O   1 
ATOM   987  C CB  . VAL A 1 130 ? -13.899 13.938  -5.454  1.00 6.37  ?  219 VAL A CB  1 
ATOM   988  C CG1 . VAL A 1 130 ? -15.041 13.965  -6.462  1.00 7.60  ?  219 VAL A CG1 1 
ATOM   989  C CG2 . VAL A 1 130 ? -13.301 12.552  -5.377  1.00 9.29  ?  219 VAL A CG2 1 
ATOM   990  N N   . GLU A 1 131 ? -13.842 17.031  -5.048  1.00 6.42  ?  220 GLU A N   1 
ATOM   991  C CA  . GLU A 1 131 ? -14.484 18.336  -5.184  1.00 5.89  ?  220 GLU A CA  1 
ATOM   992  C C   . GLU A 1 131 ? -13.544 19.351  -5.826  1.00 7.39  ?  220 GLU A C   1 
ATOM   993  O O   . GLU A 1 131 ? -13.944 20.112  -6.722  1.00 6.57  ?  220 GLU A O   1 
ATOM   994  C CB  . GLU A 1 131 ? -14.941 18.804  -3.805  1.00 7.08  ?  220 GLU A CB  1 
ATOM   995  C CG  . GLU A 1 131 ? -15.638 20.167  -3.752  1.00 6.71  ?  220 GLU A CG  1 
ATOM   996  C CD  . GLU A 1 131 ? -15.784 20.651  -2.311  1.00 8.08  ?  220 GLU A CD  1 
ATOM   997  O OE1 . GLU A 1 131 ? -15.473 19.873  -1.383  1.00 12.21 ?  220 GLU A OE1 1 
ATOM   998  O OE2 . GLU A 1 131 ? -16.179 21.815  -2.084  1.00 10.25 ?  220 GLU A OE2 1 
ATOM   999  N N   . GLN A 1 132 ? -12.288 19.377  -5.383  1.00 6.80  ?  221 GLN A N   1 
ATOM   1000 C CA  . GLN A 1 132 ? -11.328 20.328  -5.926  1.00 5.73  ?  221 GLN A CA  1 
ATOM   1001 C C   . GLN A 1 132 ? -11.132 20.094  -7.414  1.00 7.62  ?  221 GLN A C   1 
ATOM   1002 O O   . GLN A 1 132 ? -11.131 21.039  -8.214  1.00 7.69  ?  221 GLN A O   1 
ATOM   1003 C CB  . GLN A 1 132 ? -9.994  20.202  -5.181  1.00 8.65  ?  221 GLN A CB  1 
ATOM   1004 C CG  . GLN A 1 132 ? -10.076 20.429  -3.682  1.00 10.42 ?  221 GLN A CG  1 
ATOM   1005 C CD  . GLN A 1 132 ? -8.769  20.133  -2.973  1.00 18.67 ?  221 GLN A CD  1 
ATOM   1006 O OE1 . GLN A 1 132 ? -8.047  19.200  -3.337  1.00 20.63 ?  221 GLN A OE1 1 
ATOM   1007 N NE2 . GLN A 1 132 ? -8.465  20.911  -1.944  1.00 12.24 ?  221 GLN A NE2 1 
ATOM   1008 N N   . SER A 1 133 ? -10.946 18.830  -7.798  1.00 8.16  ?  222 SER A N   1 
ATOM   1009 C CA  . SER A 1 133 ? -10.729 18.497  -9.200  1.00 7.72  ?  222 SER A CA  1 
ATOM   1010 C C   . SER A 1 133 ? -11.898 18.945  -10.060 1.00 7.54  ?  222 SER A C   1 
ATOM   1011 O O   . SER A 1 133 ? -11.701 19.518  -11.139 1.00 9.22  ?  222 SER A O   1 
ATOM   1012 C CB  . SER A 1 133 ? -10.497 16.993  -9.350  1.00 14.12 ?  222 SER A CB  1 
ATOM   1013 O OG  . SER A 1 133 ? -9.340  16.602  -8.634  1.00 19.93 ?  222 SER A OG  1 
ATOM   1014 N N   . LEU A 1 134 ? -13.125 18.697  -9.605  1.00 7.52  ?  223 LEU A N   1 
ATOM   1015 C CA  . LEU A 1 134 ? -14.285 19.197  -10.333 1.00 6.53  ?  223 LEU A CA  1 
ATOM   1016 C C   . LEU A 1 134 ? -14.234 20.717  -10.447 1.00 5.65  ?  223 LEU A C   1 
ATOM   1017 O O   . LEU A 1 134 ? -14.406 21.272  -11.537 1.00 8.12  ?  223 LEU A O   1 
ATOM   1018 C CB  . LEU A 1 134 ? -15.571 18.741  -9.645  1.00 8.37  ?  223 LEU A CB  1 
ATOM   1019 C CG  . LEU A 1 134 ? -15.864 17.238  -9.754  1.00 7.36  ?  223 LEU A CG  1 
ATOM   1020 C CD1 . LEU A 1 134 ? -17.015 16.864  -8.841  1.00 7.77  ?  223 LEU A CD1 1 
ATOM   1021 C CD2 . LEU A 1 134 ? -16.178 16.876  -11.206 1.00 8.55  ?  223 LEU A CD2 1 
ATOM   1022 N N   . ASN A 1 135 ? -13.984 21.407  -9.330  1.00 3.81  ?  224 ASN A N   1 
ATOM   1023 C CA  . ASN A 1 135 ? -14.000 22.873  -9.349  1.00 3.77  ?  224 ASN A CA  1 
ATOM   1024 C C   . ASN A 1 135 ? -12.975 23.452  -10.317 1.00 7.82  ?  224 ASN A C   1 
ATOM   1025 O O   . ASN A 1 135 ? -13.216 24.511  -10.915 1.00 8.07  ?  224 ASN A O   1 
ATOM   1026 C CB  . ASN A 1 135 ? -13.730 23.413  -7.944  1.00 4.18  ?  224 ASN A CB  1 
ATOM   1027 C CG  . ASN A 1 135 ? -14.939 23.328  -7.026  1.00 5.24  ?  224 ASN A CG  1 
ATOM   1028 O OD1 . ASN A 1 135 ? -16.049 23.051  -7.456  1.00 5.94  ?  224 ASN A OD1 1 
ATOM   1029 N ND2 . ASN A 1 135 ? -14.723 23.602  -5.742  1.00 5.23  ?  224 ASN A ND2 1 
ATOM   1030 N N   . LEU A 1 136 ? -11.824 22.790  -10.472 1.00 8.25  ?  225 LEU A N   1 
ATOM   1031 C CA  . LEU A 1 136 ? -10.727 23.302  -11.291 1.00 7.98  ?  225 LEU A CA  1 
ATOM   1032 C C   . LEU A 1 136 ? -10.911 23.060  -12.785 1.00 9.52  ?  225 LEU A C   1 
ATOM   1033 O O   . LEU A 1 136 ? -10.085 23.534  -13.579 1.00 10.89 ?  225 LEU A O   1 
ATOM   1034 C CB  . LEU A 1 136 ? -9.414  22.661  -10.840 1.00 7.51  ?  225 LEU A CB  1 
ATOM   1035 C CG  . LEU A 1 136 ? -8.847  23.108  -9.485  1.00 6.64  ?  225 LEU A CG  1 
ATOM   1036 C CD1 . LEU A 1 136 ? -7.774  22.136  -9.016  1.00 11.00 ?  225 LEU A CD1 1 
ATOM   1037 C CD2 . LEU A 1 136 ? -8.278  24.507  -9.603  1.00 7.75  ?  225 LEU A CD2 1 
ATOM   1038 N N   . GLU A 1 137 ? -11.954 22.338  -13.185 1.00 7.74  ?  226 GLU A N   1 
ATOM   1039 C CA  . GLU A 1 137 ? -12.194 22.074  -14.598 1.00 8.87  ?  226 GLU A CA  1 
ATOM   1040 C C   . GLU A 1 137 ? -12.307 23.378  -15.375 1.00 8.37  ?  226 GLU A C   1 
ATOM   1041 O O   . GLU A 1 137 ? -13.029 24.295  -14.967 1.00 8.16  ?  226 GLU A O   1 
ATOM   1042 C CB  . GLU A 1 137 ? -13.477 21.259  -14.771 1.00 11.22 ?  226 GLU A CB  1 
ATOM   1043 C CG  . GLU A 1 137 ? -13.740 20.807  -16.202 1.00 14.97 ?  226 GLU A CG  1 
ATOM   1044 C CD  . GLU A 1 137 ? -12.958 19.570  -16.596 1.00 16.14 ?  226 GLU A CD  1 
ATOM   1045 O OE1 . GLU A 1 137 ? -13.037 19.177  -17.782 1.00 16.03 ?  226 GLU A OE1 1 
ATOM   1046 O OE2 . GLU A 1 137 ? -12.281 18.979  -15.724 1.00 14.49 ?  226 GLU A OE2 1 
ATOM   1047 N N   . LYS A 1 138 ? -11.609 23.444  -16.514 1.00 9.87  ?  227 LYS A N   1 
ATOM   1048 C CA  . LYS A 1 138 ? -11.645 24.599  -17.397 1.00 12.28 ?  227 LYS A CA  1 
ATOM   1049 C C   . LYS A 1 138 ? -11.741 24.114  -18.836 1.00 12.03 ?  227 LYS A C   1 
ATOM   1050 O O   . LYS A 1 138 ? -11.345 22.991  -19.159 1.00 16.18 ?  227 LYS A O   1 
ATOM   1051 C CB  . LYS A 1 138 ? -10.400 25.485  -17.224 1.00 15.45 ?  227 LYS A CB  1 
ATOM   1052 C CG  . LYS A 1 138 ? -10.261 26.098  -15.843 1.00 14.55 ?  227 LYS A CG  1 
ATOM   1053 C CD  . LYS A 1 138 ? -8.915  26.798  -15.686 1.00 20.86 ?  227 LYS A CD  1 
ATOM   1054 C CE  . LYS A 1 138 ? -8.680  27.242  -14.246 1.00 20.18 ?  227 LYS A CE  1 
ATOM   1055 N NZ  . LYS A 1 138 ? -8.515  26.080  -13.311 1.00 19.86 ?  227 LYS A NZ  1 
ATOM   1056 N N   . THR A 1 139 ? -12.280 24.968  -19.698 1.00 17.22 ?  228 THR A N   1 
ATOM   1057 C CA  . THR A 1 139 ? -12.274 24.692  -21.131 1.00 19.06 ?  228 THR A CA  1 
ATOM   1058 C C   . THR A 1 139 ? -11.135 25.461  -21.792 1.00 24.42 ?  228 THR A C   1 
ATOM   1059 O O   . THR A 1 139 ? -10.854 26.605  -21.414 1.00 24.61 ?  228 THR A O   1 
ATOM   1060 C CB  . THR A 1 139 ? -13.602 25.088  -21.804 1.00 17.00 ?  228 THR A CB  1 
ATOM   1061 O OG1 . THR A 1 139 ? -13.823 26.493  -21.629 1.00 22.52 ?  228 THR A OG1 1 
ATOM   1062 C CG2 . THR A 1 139 ? -14.752 24.322  -21.184 1.00 16.30 ?  228 THR A CG2 1 
HETATM 1063 B B   . BO4 B 2 .   ? -2.242  5.886   -16.140 1.00 5.99  -1 301 BO4 A B   1 
HETATM 1064 O O1  . BO4 B 2 .   ? -1.070  6.968   -16.616 1.00 28.23 ?  301 BO4 A O1  1 
HETATM 1065 O O2  . BO4 B 2 .   ? -2.073  4.490   -17.024 1.00 22.56 ?  301 BO4 A O2  1 
HETATM 1066 O O3  . BO4 B 2 .   ? -3.749  6.553   -16.386 1.00 20.06 ?  301 BO4 A O3  1 
HETATM 1067 O O4  . BO4 B 2 .   ? -2.046  5.513   -14.530 1.00 21.34 ?  301 BO4 A O4  1 
HETATM 1068 H HO1 . BO4 B 2 .   ? -1.435  7.626   -17.011 1.00 33.87 ?  301 BO4 A HO1 1 
HETATM 1069 H HO2 . BO4 B 2 .   ? -1.253  4.265   -17.042 1.00 27.08 ?  301 BO4 A HO2 1 
HETATM 1070 H HO3 . BO4 B 2 .   ? -4.250  6.371   -15.724 1.00 24.07 ?  301 BO4 A HO3 1 
HETATM 1071 H HO4 . BO4 B 2 .   ? -1.548  6.095   -14.163 1.00 25.61 ?  301 BO4 A HO4 1 
HETATM 1072 O O   . HOH C 3 .   ? -7.870  0.562   12.943  1.00 23.02 ?  401 HOH A O   1 
HETATM 1073 O O   . HOH C 3 .   ? 18.130  4.595   -3.067  1.00 21.03 ?  402 HOH A O   1 
HETATM 1074 O O   . HOH C 3 .   ? -4.095  8.545   -17.958 1.00 21.02 ?  403 HOH A O   1 
HETATM 1075 O O   . HOH C 3 .   ? 19.839  2.479   -9.801  1.00 19.65 ?  404 HOH A O   1 
HETATM 1076 O O   . HOH C 3 .   ? 11.558  -19.936 10.632  1.00 16.00 ?  405 HOH A O   1 
HETATM 1077 O O   . HOH C 3 .   ? 2.131   -3.431  5.245   1.00 19.58 ?  406 HOH A O   1 
HETATM 1078 O O   . HOH C 3 .   ? -1.665  10.241  -2.076  1.00 15.78 ?  407 HOH A O   1 
HETATM 1079 O O   . HOH C 3 .   ? -4.023  3.927   -11.643 1.00 11.73 ?  408 HOH A O   1 
HETATM 1080 O O   . HOH C 3 .   ? 18.024  -11.521 3.949   1.00 18.59 ?  409 HOH A O   1 
HETATM 1081 O O   . HOH C 3 .   ? -17.156 23.360  -3.962  1.00 5.25  ?  410 HOH A O   1 
HETATM 1082 O O   . HOH C 3 .   ? 10.432  -20.282 -1.136  1.00 22.62 ?  411 HOH A O   1 
HETATM 1083 O O   . HOH C 3 .   ? -8.774  -9.448  -6.120  1.00 11.18 ?  412 HOH A O   1 
HETATM 1084 O O   . HOH C 3 .   ? -6.283  0.059   -11.187 1.00 14.19 ?  413 HOH A O   1 
HETATM 1085 O O   . HOH C 3 .   ? 17.227  -8.531  9.346   1.00 19.62 ?  414 HOH A O   1 
HETATM 1086 O O   . HOH C 3 .   ? -7.433  16.909  -0.907  1.00 18.62 ?  415 HOH A O   1 
HETATM 1087 O O   . HOH C 3 .   ? 4.159   -12.331 -0.004  1.00 10.39 ?  416 HOH A O   1 
HETATM 1088 O O   . HOH C 3 .   ? -2.180  16.014  -4.677  1.00 20.87 ?  417 HOH A O   1 
HETATM 1089 O O   . HOH C 3 .   ? -3.112  -5.516  -10.571 1.00 15.03 ?  418 HOH A O   1 
HETATM 1090 O O   . HOH C 3 .   ? 11.863  6.549   -9.639  1.00 10.74 ?  419 HOH A O   1 
HETATM 1091 O O   . HOH C 3 .   ? -4.740  -8.771  -7.980  1.00 15.68 ?  420 HOH A O   1 
HETATM 1092 O O   . HOH C 3 .   ? -16.271 23.332  0.132   1.00 18.35 ?  421 HOH A O   1 
HETATM 1093 O O   . HOH C 3 .   ? -15.761 17.260  -0.743  1.00 11.32 ?  422 HOH A O   1 
HETATM 1094 O O   . HOH C 3 .   ? -2.187  2.394   -12.799 1.00 15.65 ?  423 HOH A O   1 
HETATM 1095 O O   . HOH C 3 .   ? -16.758 22.137  -12.565 1.00 8.39  ?  424 HOH A O   1 
HETATM 1096 O O   . HOH C 3 .   ? -15.403 1.364   -1.060  1.00 17.95 ?  425 HOH A O   1 
HETATM 1097 O O   . HOH C 3 .   ? 10.158  8.886   -10.219 1.00 13.34 ?  426 HOH A O   1 
HETATM 1098 O O   . HOH C 3 .   ? -7.198  15.073  -9.341  1.00 19.06 ?  427 HOH A O   1 
HETATM 1099 O O   . HOH C 3 .   ? -1.111  -0.220  -12.194 1.00 12.02 ?  428 HOH A O   1 
HETATM 1100 O O   . HOH C 3 .   ? -9.882  -7.373  9.185   1.00 22.35 ?  429 HOH A O   1 
HETATM 1101 O O   . HOH C 3 .   ? -15.430 24.546  -13.696 1.00 9.61  ?  430 HOH A O   1 
HETATM 1102 O O   . HOH C 3 .   ? -16.561 13.031  -9.845  1.00 23.27 ?  431 HOH A O   1 
HETATM 1103 O O   . HOH C 3 .   ? 17.447  2.930   8.234   1.00 12.85 ?  432 HOH A O   1 
HETATM 1104 O O   . HOH C 3 .   ? -9.169  5.413   5.107   1.00 7.75  ?  433 HOH A O   1 
HETATM 1105 O O   . HOH C 3 .   ? -3.762  10.296  0.152   1.00 18.97 ?  434 HOH A O   1 
HETATM 1106 O O   . HOH C 3 .   ? 18.871  -9.196  -1.188  1.00 22.79 ?  435 HOH A O   1 
HETATM 1107 O O   . HOH C 3 .   ? 4.873   -10.825 -7.625  1.00 19.22 ?  436 HOH A O   1 
HETATM 1108 O O   . HOH C 3 .   ? 2.148   -6.669  -7.741  1.00 8.87  ?  437 HOH A O   1 
HETATM 1109 O O   . HOH C 3 .   ? 7.973   -3.971  -8.059  1.00 10.76 ?  438 HOH A O   1 
HETATM 1110 O O   . HOH C 3 .   ? -3.102  -2.103  -12.097 1.00 16.78 ?  439 HOH A O   1 
HETATM 1111 O O   . HOH C 3 .   ? -8.108  -1.279  -8.046  1.00 14.35 ?  440 HOH A O   1 
HETATM 1112 O O   . HOH C 3 .   ? 12.036  -23.964 4.528   1.00 15.14 ?  441 HOH A O   1 
HETATM 1113 O O   . HOH C 3 .   ? 9.330   -23.649 2.052   1.00 18.23 ?  442 HOH A O   1 
HETATM 1114 O O   . HOH C 3 .   ? -12.223 26.227  -12.859 1.00 13.79 ?  443 HOH A O   1 
HETATM 1115 O O   . HOH C 3 .   ? -13.443 27.235  -18.593 1.00 20.81 ?  444 HOH A O   1 
HETATM 1116 O O   . HOH C 3 .   ? 1.013   3.603   -1.857  1.00 8.31  ?  445 HOH A O   1 
HETATM 1117 O O   . HOH C 3 .   ? 16.411  -18.872 6.755   1.00 18.67 ?  446 HOH A O   1 
HETATM 1118 O O   . HOH C 3 .   ? 18.774  -2.994  4.870   1.00 11.83 ?  447 HOH A O   1 
HETATM 1119 O O   . HOH C 3 .   ? -6.416  4.782   5.234   1.00 12.67 ?  448 HOH A O   1 
HETATM 1120 O O   . HOH C 3 .   ? -17.108 -0.306  19.069  1.00 19.96 ?  449 HOH A O   1 
HETATM 1121 O O   . HOH C 3 .   ? -2.999  6.574   2.961   1.00 15.82 ?  450 HOH A O   1 
HETATM 1122 O O   . HOH C 3 .   ? 13.809  -6.499  -7.515  1.00 16.32 ?  451 HOH A O   1 
HETATM 1123 O O   . HOH C 3 .   ? -10.810 8.463   -9.986  1.00 11.47 ?  452 HOH A O   1 
HETATM 1124 O O   . HOH C 3 .   ? 9.197   -11.548 -6.471  1.00 8.48  ?  453 HOH A O   1 
HETATM 1125 O O   . HOH C 3 .   ? -12.790 14.910  -9.478  1.00 17.95 ?  454 HOH A O   1 
HETATM 1126 O O   . HOH C 3 .   ? -10.744 2.012   -5.752  1.00 9.28  ?  455 HOH A O   1 
HETATM 1127 O O   . HOH C 3 .   ? -7.515  -4.922  8.639   1.00 12.83 ?  456 HOH A O   1 
HETATM 1128 O O   . HOH C 3 .   ? 10.426  -5.359  -8.340  1.00 12.61 ?  457 HOH A O   1 
HETATM 1129 O O   . HOH C 3 .   ? 13.779  -13.691 10.156  1.00 13.65 ?  458 HOH A O   1 
HETATM 1130 O O   . HOH C 3 .   ? 19.193  6.654   1.300   1.00 23.33 ?  459 HOH A O   1 
HETATM 1131 O O   . HOH C 3 .   ? 5.220   -10.136 8.069   1.00 11.23 ?  460 HOH A O   1 
HETATM 1132 O O   . HOH C 3 .   ? -4.555  -5.749  1.741   1.00 7.54  ?  461 HOH A O   1 
HETATM 1133 O O   . HOH C 3 .   ? 16.063  -12.439 10.518  1.00 21.16 ?  462 HOH A O   1 
HETATM 1134 O O   . HOH C 3 .   ? -13.824 16.093  3.083   1.00 19.30 ?  463 HOH A O   1 
HETATM 1135 O O   . HOH C 3 .   ? 0.739   -10.507 -7.556  1.00 18.04 ?  464 HOH A O   1 
HETATM 1136 O O   . HOH C 3 .   ? 10.841  -27.727 2.710   1.00 15.47 ?  465 HOH A O   1 
HETATM 1137 O O   . HOH C 3 .   ? 7.539   -9.574  -7.538  1.00 11.47 ?  466 HOH A O   1 
HETATM 1138 O O   . HOH C 3 .   ? -1.366  -12.428 3.444   1.00 14.28 ?  467 HOH A O   1 
HETATM 1139 O O   . HOH C 3 .   ? -8.451  15.252  5.774   1.00 19.68 ?  468 HOH A O   1 
HETATM 1140 O O   . HOH C 3 .   ? 4.437   5.903   0.258   1.00 11.69 ?  469 HOH A O   1 
HETATM 1141 O O   . HOH C 3 .   ? 7.982   7.960   -11.755 1.00 20.19 ?  470 HOH A O   1 
HETATM 1142 O O   . HOH C 3 .   ? 2.694   -1.094  4.032   1.00 18.47 ?  471 HOH A O   1 
HETATM 1143 O O   . HOH C 3 .   ? -9.453  21.482  -17.042 1.00 16.31 ?  472 HOH A O   1 
HETATM 1144 O O   . HOH C 3 .   ? 1.862   4.871   0.490   1.00 12.77 ?  473 HOH A O   1 
HETATM 1145 O O   . HOH C 3 .   ? -8.870  1.254   -7.739  1.00 12.62 ?  474 HOH A O   1 
HETATM 1146 O O   . HOH C 3 .   ? -0.916  4.468   2.554   1.00 19.13 ?  475 HOH A O   1 
HETATM 1147 O O   . HOH C 3 .   ? 15.650  5.285   -3.768  1.00 16.46 ?  476 HOH A O   1 
HETATM 1148 O O   . HOH C 3 .   ? -7.238  -6.385  -6.308  1.00 19.99 ?  477 HOH A O   1 
HETATM 1149 O O   . HOH C 3 .   ? -6.833  -3.597  -11.822 1.00 20.80 ?  478 HOH A O   1 
HETATM 1150 O O   . HOH C 3 .   ? 10.563  -16.996 10.768  1.00 16.52 ?  479 HOH A O   1 
HETATM 1151 O O   . HOH C 3 .   ? 17.308  -5.711  9.236   1.00 11.29 ?  480 HOH A O   1 
HETATM 1152 O O   . HOH C 3 .   ? -10.871 -0.075  -3.713  1.00 14.11 ?  481 HOH A O   1 
HETATM 1153 O O   . HOH C 3 .   ? 7.697   -13.834 -7.037  1.00 17.33 ?  482 HOH A O   1 
HETATM 1154 O O   . HOH C 3 .   ? 15.552  5.286   -6.567  1.00 18.02 ?  483 HOH A O   1 
HETATM 1155 O O   . HOH C 3 .   ? 5.360   5.626   3.002   1.00 20.43 ?  484 HOH A O   1 
HETATM 1156 O O   . HOH C 3 .   ? -5.440  -6.328  -11.788 1.00 21.42 ?  485 HOH A O   1 
HETATM 1157 O O   . HOH C 3 .   ? 11.461  -11.941 -7.978  1.00 8.21  ?  486 HOH A O   1 
HETATM 1158 O O   . HOH C 3 .   ? 8.717   -8.815  -9.925  1.00 25.24 ?  487 HOH A O   1 
HETATM 1159 O O   . HOH C 3 .   ? 19.341  -4.876  7.662   1.00 19.47 ?  488 HOH A O   1 
HETATM 1160 O O   . HOH C 3 .   ? 12.626  -15.302 12.131  1.00 21.04 ?  489 HOH A O   1 
HETATM 1161 O O   . HOH C 3 .   ? 13.956  9.405   -6.394  1.00 20.02 ?  490 HOH A O   1 
# 
